data_6L6B
# 
_entry.id   6L6B 
# 
_audit_conform.dict_name       mmcif_pdbx.dic 
_audit_conform.dict_version    5.380 
_audit_conform.dict_location   http://mmcif.pdb.org/dictionaries/ascii/mmcif_pdbx.dic 
# 
loop_
_database_2.database_id 
_database_2.database_code 
_database_2.pdbx_database_accession 
_database_2.pdbx_DOI 
PDB   6L6B         pdb_00006l6b 10.2210/pdb6l6b/pdb 
WWPDB D_1300014290 ?            ?                   
# 
_pdbx_database_status.status_code                     REL 
_pdbx_database_status.status_code_sf                  REL 
_pdbx_database_status.status_code_mr                  ? 
_pdbx_database_status.entry_id                        6L6B 
_pdbx_database_status.recvd_initial_deposition_date   2019-10-28 
_pdbx_database_status.SG_entry                        N 
_pdbx_database_status.deposit_site                    PDBJ 
_pdbx_database_status.process_site                    PDBJ 
_pdbx_database_status.status_code_cs                  ? 
_pdbx_database_status.methods_development_category    ? 
_pdbx_database_status.pdb_format_compatible           Y 
_pdbx_database_status.status_code_nmr_data            ? 
# 
_audit_author.name               'Kamitori, S.' 
_audit_author.pdbx_ordinal       1 
_audit_author.identifier_ORCID   0000-0002-3950-3372 
# 
_citation.abstract                  ? 
_citation.abstract_id_CAS           ? 
_citation.book_id_ISBN              ? 
_citation.book_publisher            ? 
_citation.book_publisher_city       ? 
_citation.book_title                ? 
_citation.coordinate_linkage        ? 
_citation.country                   US 
_citation.database_id_Medline       ? 
_citation.details                   ? 
_citation.id                        primary 
_citation.journal_abbrev            Biochem.Biophys.Res.Commun. 
_citation.journal_id_ASTM           BBRCA9 
_citation.journal_id_CSD            0146 
_citation.journal_id_ISSN           1090-2104 
_citation.journal_full              ? 
_citation.journal_issue             ? 
_citation.journal_volume            ? 
_citation.language                  ? 
_citation.page_first                ? 
_citation.page_last                 ? 
_citation.title                     
;Structures of human galectin-10/monosaccharide complexes demonstrate potential of monosaccharides as effectors in forming Charcot-Leyden crystals.
;
_citation.year                      2020 
_citation.database_id_CSD           ? 
_citation.pdbx_database_id_DOI      10.1016/j.bbrc.2020.02.037 
_citation.pdbx_database_id_PubMed   32081418 
_citation.unpublished_flag          ? 
# 
loop_
_citation_author.citation_id 
_citation_author.name 
_citation_author.ordinal 
_citation_author.identifier_ORCID 
primary 'Itoh, A.'       1 ? 
primary 'Nonaka, Y.'     2 ? 
primary 'Nakakita, S.I.' 3 ? 
primary 'Yoshida, H.'    4 ? 
primary 'Nishi, N.'      5 ? 
primary 'Nakamura, T.'   6 ? 
primary 'Kamitori, S.'   7 ? 
# 
_cell.angle_alpha                  90.000 
_cell.angle_alpha_esd              ? 
_cell.angle_beta                   90.000 
_cell.angle_beta_esd               ? 
_cell.angle_gamma                  120.000 
_cell.angle_gamma_esd              ? 
_cell.entry_id                     6L6B 
_cell.details                      ? 
_cell.formula_units_Z              ? 
_cell.length_a                     48.820 
_cell.length_a_esd                 ? 
_cell.length_b                     48.820 
_cell.length_b_esd                 ? 
_cell.length_c                     261.030 
_cell.length_c_esd                 ? 
_cell.volume                       ? 
_cell.volume_esd                   ? 
_cell.Z_PDB                        12 
_cell.reciprocal_angle_alpha       ? 
_cell.reciprocal_angle_beta        ? 
_cell.reciprocal_angle_gamma       ? 
_cell.reciprocal_angle_alpha_esd   ? 
_cell.reciprocal_angle_beta_esd    ? 
_cell.reciprocal_angle_gamma_esd   ? 
_cell.reciprocal_length_a          ? 
_cell.reciprocal_length_b          ? 
_cell.reciprocal_length_c          ? 
_cell.reciprocal_length_a_esd      ? 
_cell.reciprocal_length_b_esd      ? 
_cell.reciprocal_length_c_esd      ? 
_cell.pdbx_unique_axis             ? 
# 
_symmetry.entry_id                         6L6B 
_symmetry.cell_setting                     ? 
_symmetry.Int_Tables_number                179 
_symmetry.space_group_name_Hall            ? 
_symmetry.space_group_name_H-M             'P 65 2 2' 
_symmetry.pdbx_full_space_group_name_H-M   ? 
# 
loop_
_entity.id 
_entity.type 
_entity.src_method 
_entity.pdbx_description 
_entity.formula_weight 
_entity.pdbx_number_of_molecules 
_entity.pdbx_ec 
_entity.pdbx_mutation 
_entity.pdbx_fragment 
_entity.details 
1 polymer     man Galectin-10         16644.016 1  ? ? ? ? 
2 non-polymer man beta-L-fucopyranose 164.156   1  ? ? ? ? 
3 water       nat water               18.015    74 ? ? ? ? 
# 
_entity_name_com.entity_id   1 
_entity_name_com.name        'Gal-10,Charcot-Leyden crystal protein,CLC,Eosinophil lysophospholipase,Lysolecithin acylhydrolase' 
# 
_entity_poly.entity_id                      1 
_entity_poly.type                           'polypeptide(L)' 
_entity_poly.nstd_linkage                   no 
_entity_poly.nstd_monomer                   no 
_entity_poly.pdbx_seq_one_letter_code       
;GSMSLLPVPYTEAASLSTGSTVTIKGRPLVCFLNEPYLQVDFHTEMKEESDIVFHFQVCFGRRVVMNSREYGAWKQQVES
KNMPFQDGQEFELSISVLPDKYQVMVNGQSSYTFDHRIKPEAVKMVQVWRDISLTKFNVSYLKR
;
_entity_poly.pdbx_seq_one_letter_code_can   
;GSMSLLPVPYTEAASLSTGSTVTIKGRPLVCFLNEPYLQVDFHTEMKEESDIVFHFQVCFGRRVVMNSREYGAWKQQVES
KNMPFQDGQEFELSISVLPDKYQVMVNGQSSYTFDHRIKPEAVKMVQVWRDISLTKFNVSYLKR
;
_entity_poly.pdbx_strand_id                 A 
_entity_poly.pdbx_target_identifier         ? 
# 
loop_
_entity_poly_seq.entity_id 
_entity_poly_seq.num 
_entity_poly_seq.mon_id 
_entity_poly_seq.hetero 
1 1   GLY n 
1 2   SER n 
1 3   MET n 
1 4   SER n 
1 5   LEU n 
1 6   LEU n 
1 7   PRO n 
1 8   VAL n 
1 9   PRO n 
1 10  TYR n 
1 11  THR n 
1 12  GLU n 
1 13  ALA n 
1 14  ALA n 
1 15  SER n 
1 16  LEU n 
1 17  SER n 
1 18  THR n 
1 19  GLY n 
1 20  SER n 
1 21  THR n 
1 22  VAL n 
1 23  THR n 
1 24  ILE n 
1 25  LYS n 
1 26  GLY n 
1 27  ARG n 
1 28  PRO n 
1 29  LEU n 
1 30  VAL n 
1 31  CYS n 
1 32  PHE n 
1 33  LEU n 
1 34  ASN n 
1 35  GLU n 
1 36  PRO n 
1 37  TYR n 
1 38  LEU n 
1 39  GLN n 
1 40  VAL n 
1 41  ASP n 
1 42  PHE n 
1 43  HIS n 
1 44  THR n 
1 45  GLU n 
1 46  MET n 
1 47  LYS n 
1 48  GLU n 
1 49  GLU n 
1 50  SER n 
1 51  ASP n 
1 52  ILE n 
1 53  VAL n 
1 54  PHE n 
1 55  HIS n 
1 56  PHE n 
1 57  GLN n 
1 58  VAL n 
1 59  CYS n 
1 60  PHE n 
1 61  GLY n 
1 62  ARG n 
1 63  ARG n 
1 64  VAL n 
1 65  VAL n 
1 66  MET n 
1 67  ASN n 
1 68  SER n 
1 69  ARG n 
1 70  GLU n 
1 71  TYR n 
1 72  GLY n 
1 73  ALA n 
1 74  TRP n 
1 75  LYS n 
1 76  GLN n 
1 77  GLN n 
1 78  VAL n 
1 79  GLU n 
1 80  SER n 
1 81  LYS n 
1 82  ASN n 
1 83  MET n 
1 84  PRO n 
1 85  PHE n 
1 86  GLN n 
1 87  ASP n 
1 88  GLY n 
1 89  GLN n 
1 90  GLU n 
1 91  PHE n 
1 92  GLU n 
1 93  LEU n 
1 94  SER n 
1 95  ILE n 
1 96  SER n 
1 97  VAL n 
1 98  LEU n 
1 99  PRO n 
1 100 ASP n 
1 101 LYS n 
1 102 TYR n 
1 103 GLN n 
1 104 VAL n 
1 105 MET n 
1 106 VAL n 
1 107 ASN n 
1 108 GLY n 
1 109 GLN n 
1 110 SER n 
1 111 SER n 
1 112 TYR n 
1 113 THR n 
1 114 PHE n 
1 115 ASP n 
1 116 HIS n 
1 117 ARG n 
1 118 ILE n 
1 119 LYS n 
1 120 PRO n 
1 121 GLU n 
1 122 ALA n 
1 123 VAL n 
1 124 LYS n 
1 125 MET n 
1 126 VAL n 
1 127 GLN n 
1 128 VAL n 
1 129 TRP n 
1 130 ARG n 
1 131 ASP n 
1 132 ILE n 
1 133 SER n 
1 134 LEU n 
1 135 THR n 
1 136 LYS n 
1 137 PHE n 
1 138 ASN n 
1 139 VAL n 
1 140 SER n 
1 141 TYR n 
1 142 LEU n 
1 143 LYS n 
1 144 ARG n 
# 
_entity_src_gen.entity_id                          1 
_entity_src_gen.pdbx_src_id                        1 
_entity_src_gen.pdbx_alt_source_flag               sample 
_entity_src_gen.pdbx_seq_type                      'Biological sequence' 
_entity_src_gen.pdbx_beg_seq_num                   1 
_entity_src_gen.pdbx_end_seq_num                   144 
_entity_src_gen.gene_src_common_name               Human 
_entity_src_gen.gene_src_genus                     ? 
_entity_src_gen.pdbx_gene_src_gene                 'CLC, LGALS10, LGALS10A' 
_entity_src_gen.gene_src_species                   ? 
_entity_src_gen.gene_src_strain                    ? 
_entity_src_gen.gene_src_tissue                    ? 
_entity_src_gen.gene_src_tissue_fraction           ? 
_entity_src_gen.gene_src_details                   ? 
_entity_src_gen.pdbx_gene_src_fragment             ? 
_entity_src_gen.pdbx_gene_src_scientific_name      'Homo sapiens' 
_entity_src_gen.pdbx_gene_src_ncbi_taxonomy_id     9606 
_entity_src_gen.pdbx_gene_src_variant              ? 
_entity_src_gen.pdbx_gene_src_cell_line            ? 
_entity_src_gen.pdbx_gene_src_atcc                 ? 
_entity_src_gen.pdbx_gene_src_organ                ? 
_entity_src_gen.pdbx_gene_src_organelle            ? 
_entity_src_gen.pdbx_gene_src_cell                 ? 
_entity_src_gen.pdbx_gene_src_cellular_location    ? 
_entity_src_gen.host_org_common_name               ? 
_entity_src_gen.pdbx_host_org_scientific_name      'Escherichia coli' 
_entity_src_gen.pdbx_host_org_ncbi_taxonomy_id     562 
_entity_src_gen.host_org_genus                     ? 
_entity_src_gen.pdbx_host_org_gene                 ? 
_entity_src_gen.pdbx_host_org_organ                ? 
_entity_src_gen.host_org_species                   ? 
_entity_src_gen.pdbx_host_org_tissue               ? 
_entity_src_gen.pdbx_host_org_tissue_fraction      ? 
_entity_src_gen.pdbx_host_org_strain               ? 
_entity_src_gen.pdbx_host_org_variant              ? 
_entity_src_gen.pdbx_host_org_cell_line            ? 
_entity_src_gen.pdbx_host_org_atcc                 ? 
_entity_src_gen.pdbx_host_org_culture_collection   ? 
_entity_src_gen.pdbx_host_org_cell                 ? 
_entity_src_gen.pdbx_host_org_organelle            ? 
_entity_src_gen.pdbx_host_org_cellular_location    ? 
_entity_src_gen.pdbx_host_org_vector_type          ? 
_entity_src_gen.pdbx_host_org_vector               ? 
_entity_src_gen.host_org_details                   ? 
_entity_src_gen.expression_system_id               ? 
_entity_src_gen.plasmid_name                       ? 
_entity_src_gen.plasmid_details                    ? 
_entity_src_gen.pdbx_description                   ? 
# 
_struct_ref.id                         1 
_struct_ref.db_name                    UNP 
_struct_ref.db_code                    LEG10_HUMAN 
_struct_ref.pdbx_db_accession          Q05315 
_struct_ref.pdbx_db_isoform            ? 
_struct_ref.entity_id                  1 
_struct_ref.pdbx_seq_one_letter_code   
;MSLLPVPYTEAASLSTGSTVTIKGRPLACFLNEPYLQVDFHTEMKEESDIVFHFQVCFGRRVVMNSREYGAWKQQVESKN
MPFQDGQEFELSISVLPDKYQVMVNGQSSYTFDHRIKPEAVKMVQVWRDISLTKFNVSYLKR
;
_struct_ref.pdbx_align_begin           1 
# 
_struct_ref_seq.align_id                      1 
_struct_ref_seq.ref_id                        1 
_struct_ref_seq.pdbx_PDB_id_code              6L6B 
_struct_ref_seq.pdbx_strand_id                A 
_struct_ref_seq.seq_align_beg                 3 
_struct_ref_seq.pdbx_seq_align_beg_ins_code   ? 
_struct_ref_seq.seq_align_end                 144 
_struct_ref_seq.pdbx_seq_align_end_ins_code   ? 
_struct_ref_seq.pdbx_db_accession             Q05315 
_struct_ref_seq.db_align_beg                  1 
_struct_ref_seq.pdbx_db_align_beg_ins_code    ? 
_struct_ref_seq.db_align_end                  142 
_struct_ref_seq.pdbx_db_align_end_ins_code    ? 
_struct_ref_seq.pdbx_auth_seq_align_beg       1 
_struct_ref_seq.pdbx_auth_seq_align_end       142 
# 
loop_
_struct_ref_seq_dif.align_id 
_struct_ref_seq_dif.pdbx_pdb_id_code 
_struct_ref_seq_dif.mon_id 
_struct_ref_seq_dif.pdbx_pdb_strand_id 
_struct_ref_seq_dif.seq_num 
_struct_ref_seq_dif.pdbx_pdb_ins_code 
_struct_ref_seq_dif.pdbx_seq_db_name 
_struct_ref_seq_dif.pdbx_seq_db_accession_code 
_struct_ref_seq_dif.db_mon_id 
_struct_ref_seq_dif.pdbx_seq_db_seq_num 
_struct_ref_seq_dif.details 
_struct_ref_seq_dif.pdbx_auth_seq_num 
_struct_ref_seq_dif.pdbx_ordinal 
1 6L6B GLY A 1  ? UNP Q05315 ?   ?  'expression tag' -1 1 
1 6L6B SER A 2  ? UNP Q05315 ?   ?  'expression tag' 0  2 
1 6L6B VAL A 30 ? UNP Q05315 ALA 28 variant          28 3 
# 
loop_
_chem_comp.id 
_chem_comp.type 
_chem_comp.mon_nstd_flag 
_chem_comp.name 
_chem_comp.pdbx_synonyms 
_chem_comp.formula 
_chem_comp.formula_weight 
ALA 'L-peptide linking'          y ALANINE             ? 'C3 H7 N O2'     89.093  
ARG 'L-peptide linking'          y ARGININE            ? 'C6 H15 N4 O2 1' 175.209 
ASN 'L-peptide linking'          y ASPARAGINE          ? 'C4 H8 N2 O3'    132.118 
ASP 'L-peptide linking'          y 'ASPARTIC ACID'     ? 'C4 H7 N O4'     133.103 
CYS 'L-peptide linking'          y CYSTEINE            ? 'C3 H7 N O2 S'   121.158 
FUL 'L-saccharide, beta linking' . beta-L-fucopyranose 
'beta-L-fucose; 6-deoxy-beta-L-galactopyranose; L-fucose; fucose; 6-DEOXY-BETA-L-GALACTOSE' 'C6 H12 O5'      164.156 
GLN 'L-peptide linking'          y GLUTAMINE           ? 'C5 H10 N2 O3'   146.144 
GLU 'L-peptide linking'          y 'GLUTAMIC ACID'     ? 'C5 H9 N O4'     147.129 
GLY 'peptide linking'            y GLYCINE             ? 'C2 H5 N O2'     75.067  
HIS 'L-peptide linking'          y HISTIDINE           ? 'C6 H10 N3 O2 1' 156.162 
HOH non-polymer                  . WATER               ? 'H2 O'           18.015  
ILE 'L-peptide linking'          y ISOLEUCINE          ? 'C6 H13 N O2'    131.173 
LEU 'L-peptide linking'          y LEUCINE             ? 'C6 H13 N O2'    131.173 
LYS 'L-peptide linking'          y LYSINE              ? 'C6 H15 N2 O2 1' 147.195 
MET 'L-peptide linking'          y METHIONINE          ? 'C5 H11 N O2 S'  149.211 
PHE 'L-peptide linking'          y PHENYLALANINE       ? 'C9 H11 N O2'    165.189 
PRO 'L-peptide linking'          y PROLINE             ? 'C5 H9 N O2'     115.130 
SER 'L-peptide linking'          y SERINE              ? 'C3 H7 N O3'     105.093 
THR 'L-peptide linking'          y THREONINE           ? 'C4 H9 N O3'     119.119 
TRP 'L-peptide linking'          y TRYPTOPHAN          ? 'C11 H12 N2 O2'  204.225 
TYR 'L-peptide linking'          y TYROSINE            ? 'C9 H11 N O3'    181.189 
VAL 'L-peptide linking'          y VALINE              ? 'C5 H11 N O2'    117.146 
# 
_exptl.absorpt_coefficient_mu     ? 
_exptl.absorpt_correction_T_max   ? 
_exptl.absorpt_correction_T_min   ? 
_exptl.absorpt_correction_type    ? 
_exptl.absorpt_process_details    ? 
_exptl.entry_id                   6L6B 
_exptl.crystals_number            1 
_exptl.details                    ? 
_exptl.method                     'X-RAY DIFFRACTION' 
_exptl.method_details             ? 
# 
_exptl_crystal.colour                      ? 
_exptl_crystal.density_diffrn              ? 
_exptl_crystal.density_Matthews            2.70 
_exptl_crystal.density_method              ? 
_exptl_crystal.density_percent_sol         54.40 
_exptl_crystal.description                 ? 
_exptl_crystal.F_000                       ? 
_exptl_crystal.id                          1 
_exptl_crystal.preparation                 ? 
_exptl_crystal.size_max                    ? 
_exptl_crystal.size_mid                    ? 
_exptl_crystal.size_min                    ? 
_exptl_crystal.size_rad                    ? 
_exptl_crystal.colour_lustre               ? 
_exptl_crystal.colour_modifier             ? 
_exptl_crystal.colour_primary              ? 
_exptl_crystal.density_meas                ? 
_exptl_crystal.density_meas_esd            ? 
_exptl_crystal.density_meas_gt             ? 
_exptl_crystal.density_meas_lt             ? 
_exptl_crystal.density_meas_temp           ? 
_exptl_crystal.density_meas_temp_esd       ? 
_exptl_crystal.density_meas_temp_gt        ? 
_exptl_crystal.density_meas_temp_lt        ? 
_exptl_crystal.pdbx_crystal_image_url      ? 
_exptl_crystal.pdbx_crystal_image_format   ? 
_exptl_crystal.pdbx_mosaicity              ? 
_exptl_crystal.pdbx_mosaicity_esd          ? 
# 
_exptl_crystal_grow.apparatus       ? 
_exptl_crystal_grow.atmosphere      ? 
_exptl_crystal_grow.crystal_id      1 
_exptl_crystal_grow.details         ? 
_exptl_crystal_grow.method          'VAPOR DIFFUSION, SITTING DROP' 
_exptl_crystal_grow.method_ref      ? 
_exptl_crystal_grow.pH              ? 
_exptl_crystal_grow.pressure        ? 
_exptl_crystal_grow.pressure_esd    ? 
_exptl_crystal_grow.seeding         ? 
_exptl_crystal_grow.seeding_ref     ? 
_exptl_crystal_grow.temp            293 
_exptl_crystal_grow.temp_details    ? 
_exptl_crystal_grow.temp_esd        ? 
_exptl_crystal_grow.time            ? 
_exptl_crystal_grow.pdbx_details    '1.6 M ammonium sulfate, 0.1 M MES monohydrate pH 6.5, 10 % (v/v) 1,4-dioxane' 
_exptl_crystal_grow.pdbx_pH_range   ? 
# 
_diffrn.ambient_environment              ? 
_diffrn.ambient_temp                     100 
_diffrn.ambient_temp_details             ? 
_diffrn.ambient_temp_esd                 ? 
_diffrn.crystal_id                       1 
_diffrn.crystal_support                  ? 
_diffrn.crystal_treatment                ? 
_diffrn.details                          ? 
_diffrn.id                               1 
_diffrn.ambient_pressure                 ? 
_diffrn.ambient_pressure_esd             ? 
_diffrn.ambient_pressure_gt              ? 
_diffrn.ambient_pressure_lt              ? 
_diffrn.ambient_temp_gt                  ? 
_diffrn.ambient_temp_lt                  ? 
_diffrn.pdbx_serial_crystal_experiment   N 
# 
_diffrn_detector.details                      ? 
_diffrn_detector.detector                     'IMAGE PLATE' 
_diffrn_detector.diffrn_id                    1 
_diffrn_detector.type                         RIGAKU 
_diffrn_detector.area_resol_mean              ? 
_diffrn_detector.dtime                        ? 
_diffrn_detector.pdbx_frames_total            ? 
_diffrn_detector.pdbx_collection_time_total   ? 
_diffrn_detector.pdbx_collection_date         2018-10-05 
_diffrn_detector.pdbx_frequency               ? 
# 
_diffrn_radiation.collimation                      ? 
_diffrn_radiation.diffrn_id                        1 
_diffrn_radiation.filter_edge                      ? 
_diffrn_radiation.inhomogeneity                    ? 
_diffrn_radiation.monochromator                    ? 
_diffrn_radiation.polarisn_norm                    ? 
_diffrn_radiation.polarisn_ratio                   ? 
_diffrn_radiation.probe                            ? 
_diffrn_radiation.type                             ? 
_diffrn_radiation.xray_symbol                      ? 
_diffrn_radiation.wavelength_id                    1 
_diffrn_radiation.pdbx_monochromatic_or_laue_m_l   M 
_diffrn_radiation.pdbx_wavelength_list             ? 
_diffrn_radiation.pdbx_wavelength                  ? 
_diffrn_radiation.pdbx_diffrn_protocol             'SINGLE WAVELENGTH' 
_diffrn_radiation.pdbx_analyzer                    ? 
_diffrn_radiation.pdbx_scattering_type             x-ray 
# 
_diffrn_radiation_wavelength.id           1 
_diffrn_radiation_wavelength.wavelength   1.5418 
_diffrn_radiation_wavelength.wt           1.0 
# 
_diffrn_source.current                     ? 
_diffrn_source.details                     ? 
_diffrn_source.diffrn_id                   1 
_diffrn_source.power                       ? 
_diffrn_source.size                        ? 
_diffrn_source.source                      'ROTATING ANODE' 
_diffrn_source.target                      ? 
_diffrn_source.type                        RIGAKU 
_diffrn_source.voltage                     ? 
_diffrn_source.take-off_angle              ? 
_diffrn_source.pdbx_wavelength_list        1.5418 
_diffrn_source.pdbx_wavelength             ? 
_diffrn_source.pdbx_synchrotron_beamline   ? 
_diffrn_source.pdbx_synchrotron_site       ? 
# 
_reflns.B_iso_Wilson_estimate            ? 
_reflns.entry_id                         6L6B 
_reflns.data_reduction_details           ? 
_reflns.data_reduction_method            ? 
_reflns.d_resolution_high                1.80 
_reflns.d_resolution_low                 19.55 
_reflns.details                          ? 
_reflns.limit_h_max                      ? 
_reflns.limit_h_min                      ? 
_reflns.limit_k_max                      ? 
_reflns.limit_k_min                      ? 
_reflns.limit_l_max                      ? 
_reflns.limit_l_min                      ? 
_reflns.number_all                       ? 
_reflns.number_obs                       18129 
_reflns.observed_criterion               ? 
_reflns.observed_criterion_F_max         ? 
_reflns.observed_criterion_F_min         ? 
_reflns.observed_criterion_I_max         ? 
_reflns.observed_criterion_I_min         ? 
_reflns.observed_criterion_sigma_F       ? 
_reflns.observed_criterion_sigma_I       ? 
_reflns.percent_possible_obs             99.5 
_reflns.R_free_details                   ? 
_reflns.Rmerge_F_all                     ? 
_reflns.Rmerge_F_obs                     ? 
_reflns.Friedel_coverage                 ? 
_reflns.number_gt                        ? 
_reflns.threshold_expression             ? 
_reflns.pdbx_redundancy                  18.6 
_reflns.pdbx_Rmerge_I_obs                ? 
_reflns.pdbx_Rmerge_I_all                ? 
_reflns.pdbx_Rsym_value                  ? 
_reflns.pdbx_netI_over_av_sigmaI         ? 
_reflns.pdbx_netI_over_sigmaI            15.1 
_reflns.pdbx_res_netI_over_av_sigmaI_2   ? 
_reflns.pdbx_res_netI_over_sigmaI_2      ? 
_reflns.pdbx_chi_squared                 ? 
_reflns.pdbx_scaling_rejects             ? 
_reflns.pdbx_d_res_high_opt              ? 
_reflns.pdbx_d_res_low_opt               ? 
_reflns.pdbx_d_res_opt_method            ? 
_reflns.phase_calculation_details        ? 
_reflns.pdbx_Rrim_I_all                  ? 
_reflns.pdbx_Rpim_I_all                  ? 
_reflns.pdbx_d_opt                       ? 
_reflns.pdbx_number_measured_all         ? 
_reflns.pdbx_diffrn_id                   1 
_reflns.pdbx_ordinal                     1 
_reflns.pdbx_CC_half                     0.997 
_reflns.pdbx_CC_star                     ? 
_reflns.pdbx_R_split                     ? 
# 
_reflns_shell.d_res_high                  1.80 
_reflns_shell.d_res_low                   1.85 
_reflns_shell.meanI_over_sigI_all         ? 
_reflns_shell.meanI_over_sigI_obs         ? 
_reflns_shell.number_measured_all         ? 
_reflns_shell.number_measured_obs         ? 
_reflns_shell.number_possible             ? 
_reflns_shell.number_unique_all           ? 
_reflns_shell.number_unique_obs           1223 
_reflns_shell.percent_possible_all        ? 
_reflns_shell.percent_possible_obs        ? 
_reflns_shell.Rmerge_F_all                ? 
_reflns_shell.Rmerge_F_obs                ? 
_reflns_shell.Rmerge_I_all                ? 
_reflns_shell.Rmerge_I_obs                ? 
_reflns_shell.meanI_over_sigI_gt          ? 
_reflns_shell.meanI_over_uI_all           ? 
_reflns_shell.meanI_over_uI_gt            ? 
_reflns_shell.number_measured_gt          ? 
_reflns_shell.number_unique_gt            ? 
_reflns_shell.percent_possible_gt         ? 
_reflns_shell.Rmerge_F_gt                 ? 
_reflns_shell.Rmerge_I_gt                 ? 
_reflns_shell.pdbx_redundancy             ? 
_reflns_shell.pdbx_Rsym_value             ? 
_reflns_shell.pdbx_chi_squared            ? 
_reflns_shell.pdbx_netI_over_sigmaI_all   ? 
_reflns_shell.pdbx_netI_over_sigmaI_obs   ? 
_reflns_shell.pdbx_Rrim_I_all             ? 
_reflns_shell.pdbx_Rpim_I_all             ? 
_reflns_shell.pdbx_rejects                ? 
_reflns_shell.pdbx_ordinal                1 
_reflns_shell.pdbx_diffrn_id              1 
_reflns_shell.pdbx_CC_half                0.977 
_reflns_shell.pdbx_CC_star                ? 
_reflns_shell.pdbx_R_split                ? 
# 
_refine.aniso_B[1][1]                            0.046 
_refine.aniso_B[1][2]                            0.023 
_refine.aniso_B[1][3]                            0.000 
_refine.aniso_B[2][2]                            0.046 
_refine.aniso_B[2][3]                            0.000 
_refine.aniso_B[3][3]                            -0.148 
_refine.B_iso_max                                ? 
_refine.B_iso_mean                               16.868 
_refine.B_iso_min                                ? 
_refine.correlation_coeff_Fo_to_Fc               0.931 
_refine.correlation_coeff_Fo_to_Fc_free          0.908 
_refine.details                                  'Hydrogens have been added in their riding positions' 
_refine.diff_density_max                         ? 
_refine.diff_density_max_esd                     ? 
_refine.diff_density_min                         ? 
_refine.diff_density_min_esd                     ? 
_refine.diff_density_rms                         ? 
_refine.diff_density_rms_esd                     ? 
_refine.entry_id                                 6L6B 
_refine.pdbx_refine_id                           'X-RAY DIFFRACTION' 
_refine.ls_abs_structure_details                 ? 
_refine.ls_abs_structure_Flack                   ? 
_refine.ls_abs_structure_Flack_esd               ? 
_refine.ls_abs_structure_Rogers                  ? 
_refine.ls_abs_structure_Rogers_esd              ? 
_refine.ls_d_res_high                            1.802 
_refine.ls_d_res_low                             19.546 
_refine.ls_extinction_coef                       ? 
_refine.ls_extinction_coef_esd                   ? 
_refine.ls_extinction_expression                 ? 
_refine.ls_extinction_method                     ? 
_refine.ls_goodness_of_fit_all                   ? 
_refine.ls_goodness_of_fit_all_esd               ? 
_refine.ls_goodness_of_fit_obs                   ? 
_refine.ls_goodness_of_fit_obs_esd               ? 
_refine.ls_hydrogen_treatment                    ? 
_refine.ls_matrix_type                           ? 
_refine.ls_number_constraints                    ? 
_refine.ls_number_parameters                     ? 
_refine.ls_number_reflns_all                     ? 
_refine.ls_number_reflns_obs                     18129 
_refine.ls_number_reflns_R_free                  926 
_refine.ls_number_reflns_R_work                  ? 
_refine.ls_number_restraints                     ? 
_refine.ls_percent_reflns_obs                    99.544 
_refine.ls_percent_reflns_R_free                 5.108 
_refine.ls_R_factor_all                          0.215 
_refine.ls_R_factor_obs                          ? 
_refine.ls_R_factor_R_free                       0.2553 
_refine.ls_R_factor_R_free_error                 ? 
_refine.ls_R_factor_R_free_error_details         ? 
_refine.ls_R_factor_R_work                       0.2126 
_refine.ls_R_Fsqd_factor_obs                     ? 
_refine.ls_R_I_factor_obs                        ? 
_refine.ls_redundancy_reflns_all                 ? 
_refine.ls_redundancy_reflns_obs                 ? 
_refine.ls_restrained_S_all                      ? 
_refine.ls_restrained_S_obs                      ? 
_refine.ls_shift_over_esd_max                    ? 
_refine.ls_shift_over_esd_mean                   ? 
_refine.ls_structure_factor_coef                 ? 
_refine.ls_weighting_details                     ? 
_refine.ls_weighting_scheme                      ? 
_refine.ls_wR_factor_all                         ? 
_refine.ls_wR_factor_obs                         ? 
_refine.ls_wR_factor_R_free                      ? 
_refine.ls_wR_factor_R_work                      ? 
_refine.occupancy_max                            ? 
_refine.occupancy_min                            ? 
_refine.solvent_model_details                    ? 
_refine.solvent_model_param_bsol                 ? 
_refine.solvent_model_param_ksol                 ? 
_refine.pdbx_R_complete                          ? 
_refine.ls_R_factor_gt                           ? 
_refine.ls_goodness_of_fit_gt                    ? 
_refine.ls_goodness_of_fit_ref                   ? 
_refine.ls_shift_over_su_max                     ? 
_refine.ls_shift_over_su_max_lt                  ? 
_refine.ls_shift_over_su_mean                    ? 
_refine.ls_shift_over_su_mean_lt                 ? 
_refine.pdbx_ls_sigma_I                          ? 
_refine.pdbx_ls_sigma_F                          ? 
_refine.pdbx_ls_sigma_Fsqd                       ? 
_refine.pdbx_data_cutoff_high_absF               ? 
_refine.pdbx_data_cutoff_high_rms_absF           ? 
_refine.pdbx_data_cutoff_low_absF                ? 
_refine.pdbx_isotropic_thermal_model             ? 
_refine.pdbx_ls_cross_valid_method               'FREE R-VALUE' 
_refine.pdbx_method_to_determine_struct          'MOLECULAR REPLACEMENT' 
_refine.pdbx_starting_model                      1QKQ 
_refine.pdbx_stereochemistry_target_values       ? 
_refine.pdbx_R_Free_selection_details            ? 
_refine.pdbx_stereochem_target_val_spec_case     ? 
_refine.pdbx_overall_ESU_R                       0.124 
_refine.pdbx_overall_ESU_R_Free                  0.126 
_refine.pdbx_solvent_vdw_probe_radii             1.200 
_refine.pdbx_solvent_ion_probe_radii             0.800 
_refine.pdbx_solvent_shrinkage_radii             0.800 
_refine.pdbx_real_space_R                        ? 
_refine.pdbx_density_correlation                 ? 
_refine.pdbx_pd_number_of_powder_patterns        ? 
_refine.pdbx_pd_number_of_points                 ? 
_refine.pdbx_pd_meas_number_of_points            ? 
_refine.pdbx_pd_proc_ls_prof_R_factor            ? 
_refine.pdbx_pd_proc_ls_prof_wR_factor           ? 
_refine.pdbx_pd_Marquardt_correlation_coeff      ? 
_refine.pdbx_pd_Fsqrd_R_factor                   ? 
_refine.pdbx_pd_ls_matrix_band_width             ? 
_refine.pdbx_overall_phase_error                 ? 
_refine.pdbx_overall_SU_R_free_Cruickshank_DPI   ? 
_refine.pdbx_overall_SU_R_free_Blow_DPI          ? 
_refine.pdbx_overall_SU_R_Blow_DPI               ? 
_refine.pdbx_TLS_residual_ADP_flag               ? 
_refine.pdbx_diffrn_id                           1 
_refine.overall_SU_B                             2.710 
_refine.overall_SU_ML                            0.085 
_refine.overall_SU_R_Cruickshank_DPI             ? 
_refine.overall_SU_R_free                        ? 
_refine.overall_FOM_free_R_set                   ? 
_refine.overall_FOM_work_R_set                   ? 
_refine.pdbx_average_fsc_overall                 ? 
_refine.pdbx_average_fsc_work                    ? 
_refine.pdbx_average_fsc_free                    ? 
# 
_refine_hist.pdbx_refine_id                   'X-RAY DIFFRACTION' 
_refine_hist.cycle_id                         LAST 
_refine_hist.pdbx_number_atoms_protein        1159 
_refine_hist.pdbx_number_atoms_nucleic_acid   0 
_refine_hist.pdbx_number_atoms_ligand         11 
_refine_hist.number_atoms_solvent             74 
_refine_hist.number_atoms_total               1244 
_refine_hist.d_res_high                       1.802 
_refine_hist.d_res_low                        19.546 
# 
loop_
_refine_ls_restr.pdbx_refine_id 
_refine_ls_restr.criterion 
_refine_ls_restr.dev_ideal 
_refine_ls_restr.dev_ideal_target 
_refine_ls_restr.number 
_refine_ls_restr.rejects 
_refine_ls_restr.type 
_refine_ls_restr.weight 
_refine_ls_restr.pdbx_restraint_function 
'X-RAY DIFFRACTION' ? 0.006  0.013  1198 ? r_bond_refined_d               ? ? 
'X-RAY DIFFRACTION' ? 0.002  0.017  1096 ? r_bond_other_d                 ? ? 
'X-RAY DIFFRACTION' ? 1.419  1.661  1621 ? r_angle_refined_deg            ? ? 
'X-RAY DIFFRACTION' ? 1.210  1.584  2551 ? r_angle_other_deg              ? ? 
'X-RAY DIFFRACTION' ? 9.106  5.000  141  ? r_dihedral_angle_1_deg         ? ? 
'X-RAY DIFFRACTION' ? 35.190 22.500 64   ? r_dihedral_angle_2_deg         ? ? 
'X-RAY DIFFRACTION' ? 14.607 15.000 212  ? r_dihedral_angle_3_deg         ? ? 
'X-RAY DIFFRACTION' ? 19.101 15.000 7    ? r_dihedral_angle_4_deg         ? ? 
'X-RAY DIFFRACTION' ? 0.072  0.200  153  ? r_chiral_restr                 ? ? 
'X-RAY DIFFRACTION' ? 0.006  0.020  1313 ? r_gen_planes_refined           ? ? 
'X-RAY DIFFRACTION' ? 0.002  0.020  256  ? r_gen_planes_other             ? ? 
'X-RAY DIFFRACTION' ? 0.171  0.150  175  ? r_nbd_refined                  ? ? 
'X-RAY DIFFRACTION' ? 0.162  0.150  986  ? r_symmetry_nbd_other           ? ? 
'X-RAY DIFFRACTION' ? 0.160  0.150  549  ? r_nbtor_refined                ? ? 
'X-RAY DIFFRACTION' ? 0.074  0.150  578  ? r_symmetry_nbtor_other         ? ? 
'X-RAY DIFFRACTION' ? 0.128  0.150  57   ? r_xyhbond_nbd_refined          ? ? 
'X-RAY DIFFRACTION' ? 0.098  0.150  11   ? r_symmetry_nbd_refined         ? ? 
'X-RAY DIFFRACTION' ? 0.157  0.150  32   ? r_nbd_other                    ? ? 
'X-RAY DIFFRACTION' ? 0.151  0.150  18   ? r_symmetry_xyhbond_nbd_refined ? ? 
'X-RAY DIFFRACTION' ? 0.982  1.640  567  ? r_mcbond_it                    ? ? 
'X-RAY DIFFRACTION' ? 0.982  1.637  566  ? r_mcbond_other                 ? ? 
'X-RAY DIFFRACTION' ? 1.595  2.448  707  ? r_mcangle_it                   ? ? 
'X-RAY DIFFRACTION' ? 1.594  2.451  708  ? r_mcangle_other                ? ? 
'X-RAY DIFFRACTION' ? 1.484  1.848  631  ? r_scbond_it                    ? ? 
'X-RAY DIFFRACTION' ? 1.483  1.848  631  ? r_scbond_other                 ? ? 
'X-RAY DIFFRACTION' ? 2.396  2.687  914  ? r_scangle_it                   ? ? 
'X-RAY DIFFRACTION' ? 2.394  2.688  915  ? r_scangle_other                ? ? 
'X-RAY DIFFRACTION' ? 3.625  18.592 1239 ? r_lrange_it                    ? ? 
'X-RAY DIFFRACTION' ? 3.617  18.473 1231 ? r_lrange_other                 ? ? 
# 
loop_
_refine_ls_shell.pdbx_refine_id 
_refine_ls_shell.d_res_high 
_refine_ls_shell.d_res_low 
_refine_ls_shell.number_reflns_all 
_refine_ls_shell.number_reflns_obs 
_refine_ls_shell.number_reflns_R_free 
_refine_ls_shell.number_reflns_R_work 
_refine_ls_shell.percent_reflns_obs 
_refine_ls_shell.percent_reflns_R_free 
_refine_ls_shell.R_factor_all 
_refine_ls_shell.R_factor_obs 
_refine_ls_shell.R_factor_R_free 
_refine_ls_shell.R_factor_R_free_error 
_refine_ls_shell.R_factor_R_work 
_refine_ls_shell.redundancy_reflns_all 
_refine_ls_shell.redundancy_reflns_obs 
_refine_ls_shell.wR_factor_all 
_refine_ls_shell.wR_factor_obs 
_refine_ls_shell.wR_factor_R_free 
_refine_ls_shell.wR_factor_R_work 
_refine_ls_shell.pdbx_R_complete 
_refine_ls_shell.pdbx_total_number_of_bins_used 
_refine_ls_shell.pdbx_phase_error 
_refine_ls_shell.pdbx_fsc_work 
_refine_ls_shell.pdbx_fsc_free 
'X-RAY DIFFRACTION' 1.802 1.848  1277 . 58 1165 95.7713  . 0.315 . 0.365 . 0.312 . . . . . 0.249 . 20 . 0.854 0.807 
'X-RAY DIFFRACTION' 1.848 1.898  1260 . 70 1190 100.0000 . 0.243 . 0.329 . 0.238 . . . . . 0.214 . 20 . 0.906 0.878 
'X-RAY DIFFRACTION' 1.898 1.953  1243 . 70 1173 100.0000 . 0.211 . 0.241 . 0.209 . . . . . 0.186 . 20 . 0.930 0.932 
'X-RAY DIFFRACTION' 1.953 2.012  1169 . 59 1110 100.0000 . 0.213 . 0.292 . 0.209 . . . . . 0.187 . 20 . 0.925 0.897 
'X-RAY DIFFRACTION' 2.012 2.077  1160 . 50 1110 100.0000 . 0.208 . 0.253 . 0.206 . . . . . 0.187 . 20 . 0.937 0.911 
'X-RAY DIFFRACTION' 2.077 2.149  1134 . 70 1064 100.0000 . 0.200 . 0.233 . 0.198 . . . . . 0.184 . 20 . 0.944 0.937 
'X-RAY DIFFRACTION' 2.149 2.229  1117 . 59 1058 100.0000 . 0.213 . 0.248 . 0.211 . . . . . 0.196 . 20 . 0.937 0.928 
'X-RAY DIFFRACTION' 2.229 2.319  1035 . 50 985  100.0000 . 0.216 . 0.306 . 0.211 . . . . . 0.198 . 20 . 0.920 0.885 
'X-RAY DIFFRACTION' 2.319 2.421  1017 . 49 968  100.0000 . 0.222 . 0.299 . 0.219 . . . . . 0.203 . 20 . 0.914 0.884 
'X-RAY DIFFRACTION' 2.421 2.537  972  . 45 927  100.0000 . 0.202 . 0.267 . 0.199 . . . . . 0.187 . 20 . 0.942 0.910 
'X-RAY DIFFRACTION' 2.537 2.672  939  . 48 891  100.0000 . 0.217 . 0.274 . 0.214 . . . . . 0.202 . 20 . 0.932 0.921 
'X-RAY DIFFRACTION' 2.672 2.830  891  . 46 845  100.0000 . 0.219 . 0.299 . 0.215 . . . . . 0.212 . 20 . 0.934 0.919 
'X-RAY DIFFRACTION' 2.830 3.021  851  . 41 810  100.0000 . 0.230 . 0.249 . 0.229 . . . . . 0.225 . 20 . 0.930 0.918 
'X-RAY DIFFRACTION' 3.021 3.257  799  . 40 759  100.0000 . 0.218 . 0.290 . 0.215 . . . . . 0.218 . 20 . 0.934 0.923 
'X-RAY DIFFRACTION' 3.257 3.558  727  . 43 684  100.0000 . 0.213 . 0.238 . 0.212 . . . . . 0.221 . 20 . 0.949 0.947 
'X-RAY DIFFRACTION' 3.558 3.962  671  . 29 641  99.8510  . 0.199 . 0.221 . 0.198 . . . . . 0.211 . 20 . 0.948 0.949 
'X-RAY DIFFRACTION' 3.962 4.543  618  . 27 591  100.0000 . 0.184 . 0.198 . 0.184 . . . . . 0.203 . 20 . 0.967 0.969 
'X-RAY DIFFRACTION' 4.543 5.491  547  . 29 518  100.0000 . 0.205 . 0.166 . 0.207 . . . . . 0.223 . 20 . 0.968 0.973 
'X-RAY DIFFRACTION' 5.491 7.476  442  . 20 422  100.0000 . 0.225 . 0.252 . 0.224 . . . . . 0.234 . 20 . 0.953 0.941 
'X-RAY DIFFRACTION' 7.476 19.546 315  . 23 292  100.0000 . 0.237 . 0.248 . 0.236 . . . . . 0.275 . 20 . 0.963 0.961 
# 
_struct.entry_id                     6L6B 
_struct.title                        'X-ray structure of human galectin-10 in complex with L-fucose' 
_struct.pdbx_model_details           ? 
_struct.pdbx_formula_weight          ? 
_struct.pdbx_formula_weight_method   ? 
_struct.pdbx_model_type_details      ? 
_struct.pdbx_CASP_flag               N 
# 
_struct_keywords.entry_id        6L6B 
_struct_keywords.text            'beta-sandwich structure, lectin, SUGAR BINDING PROTEIN' 
_struct_keywords.pdbx_keywords   'SUGAR BINDING PROTEIN' 
# 
loop_
_struct_asym.id 
_struct_asym.pdbx_blank_PDB_chainid_flag 
_struct_asym.pdbx_modified 
_struct_asym.entity_id 
_struct_asym.details 
A N N 1 ? 
B N N 2 ? 
C N N 3 ? 
# 
loop_
_struct_conf.conf_type_id 
_struct_conf.id 
_struct_conf.pdbx_PDB_helix_id 
_struct_conf.beg_label_comp_id 
_struct_conf.beg_label_asym_id 
_struct_conf.beg_label_seq_id 
_struct_conf.pdbx_beg_PDB_ins_code 
_struct_conf.end_label_comp_id 
_struct_conf.end_label_asym_id 
_struct_conf.end_label_seq_id 
_struct_conf.pdbx_end_PDB_ins_code 
_struct_conf.beg_auth_comp_id 
_struct_conf.beg_auth_asym_id 
_struct_conf.beg_auth_seq_id 
_struct_conf.end_auth_comp_id 
_struct_conf.end_auth_asym_id 
_struct_conf.end_auth_seq_id 
_struct_conf.pdbx_PDB_helix_class 
_struct_conf.details 
_struct_conf.pdbx_PDB_helix_length 
HELX_P HELX_P1 AA1 CYS A 31  ? GLU A 35  ? CYS A 29  GLU A 33  5 ? 5 
HELX_P HELX_P2 AA2 LYS A 119 ? VAL A 123 ? LYS A 117 VAL A 121 5 ? 5 
# 
_struct_conf_type.id          HELX_P 
_struct_conf_type.criteria    ? 
_struct_conf_type.reference   ? 
# 
_struct_mon_prot_cis.pdbx_id                1 
_struct_mon_prot_cis.label_comp_id          VAL 
_struct_mon_prot_cis.label_seq_id           8 
_struct_mon_prot_cis.label_asym_id          A 
_struct_mon_prot_cis.label_alt_id           . 
_struct_mon_prot_cis.pdbx_PDB_ins_code      ? 
_struct_mon_prot_cis.auth_comp_id           VAL 
_struct_mon_prot_cis.auth_seq_id            6 
_struct_mon_prot_cis.auth_asym_id           A 
_struct_mon_prot_cis.pdbx_label_comp_id_2   PRO 
_struct_mon_prot_cis.pdbx_label_seq_id_2    9 
_struct_mon_prot_cis.pdbx_label_asym_id_2   A 
_struct_mon_prot_cis.pdbx_PDB_ins_code_2    ? 
_struct_mon_prot_cis.pdbx_auth_comp_id_2    PRO 
_struct_mon_prot_cis.pdbx_auth_seq_id_2     7 
_struct_mon_prot_cis.pdbx_auth_asym_id_2    A 
_struct_mon_prot_cis.pdbx_PDB_model_num     1 
_struct_mon_prot_cis.pdbx_omega_angle       1.25 
# 
loop_
_struct_sheet.id 
_struct_sheet.type 
_struct_sheet.number_strands 
_struct_sheet.details 
AA1 ? 6 ? 
AA2 ? 6 ? 
AA3 ? 5 ? 
# 
loop_
_struct_sheet_order.sheet_id 
_struct_sheet_order.range_id_1 
_struct_sheet_order.range_id_2 
_struct_sheet_order.offset 
_struct_sheet_order.sense 
AA1 1 2 ? anti-parallel 
AA1 2 3 ? anti-parallel 
AA1 3 4 ? anti-parallel 
AA1 4 5 ? anti-parallel 
AA1 5 6 ? anti-parallel 
AA2 1 2 ? anti-parallel 
AA2 2 3 ? anti-parallel 
AA2 3 4 ? anti-parallel 
AA2 4 5 ? anti-parallel 
AA2 5 6 ? anti-parallel 
AA3 1 2 ? anti-parallel 
AA3 2 3 ? anti-parallel 
AA3 3 4 ? anti-parallel 
AA3 4 5 ? anti-parallel 
# 
loop_
_struct_sheet_range.sheet_id 
_struct_sheet_range.id 
_struct_sheet_range.beg_label_comp_id 
_struct_sheet_range.beg_label_asym_id 
_struct_sheet_range.beg_label_seq_id 
_struct_sheet_range.pdbx_beg_PDB_ins_code 
_struct_sheet_range.end_label_comp_id 
_struct_sheet_range.end_label_asym_id 
_struct_sheet_range.end_label_seq_id 
_struct_sheet_range.pdbx_end_PDB_ins_code 
_struct_sheet_range.beg_auth_comp_id 
_struct_sheet_range.beg_auth_asym_id 
_struct_sheet_range.beg_auth_seq_id 
_struct_sheet_range.end_auth_comp_id 
_struct_sheet_range.end_auth_asym_id 
_struct_sheet_range.end_auth_seq_id 
AA1 1 TYR A 10  ? ALA A 13  ? TYR A 8   ALA A 11  
AA1 2 MET A 125 ? ARG A 130 ? MET A 123 ARG A 128 
AA1 3 TYR A 37  ? HIS A 43  ? TYR A 35  HIS A 41  
AA1 4 ILE A 52  ? CYS A 59  ? ILE A 50  CYS A 57  
AA1 5 ARG A 63  ? GLU A 70  ? ARG A 61  GLU A 68  
AA1 6 ALA A 73  ? TRP A 74  ? ALA A 71  TRP A 72  
AA2 1 TYR A 10  ? ALA A 13  ? TYR A 8   ALA A 11  
AA2 2 MET A 125 ? ARG A 130 ? MET A 123 ARG A 128 
AA2 3 TYR A 37  ? HIS A 43  ? TYR A 35  HIS A 41  
AA2 4 ILE A 52  ? CYS A 59  ? ILE A 50  CYS A 57  
AA2 5 ARG A 63  ? GLU A 70  ? ARG A 61  GLU A 68  
AA2 6 VAL A 78  ? SER A 80  ? VAL A 76  SER A 78  
AA3 1 GLN A 109 ? ASP A 115 ? GLN A 107 ASP A 113 
AA3 2 LYS A 101 ? VAL A 106 ? LYS A 99  VAL A 104 
AA3 3 PHE A 91  ? VAL A 97  ? PHE A 89  VAL A 95  
AA3 4 THR A 21  ? PRO A 28  ? THR A 19  PRO A 26  
AA3 5 ILE A 132 ? VAL A 139 ? ILE A 130 VAL A 137 
# 
loop_
_pdbx_struct_sheet_hbond.sheet_id 
_pdbx_struct_sheet_hbond.range_id_1 
_pdbx_struct_sheet_hbond.range_id_2 
_pdbx_struct_sheet_hbond.range_1_label_atom_id 
_pdbx_struct_sheet_hbond.range_1_label_comp_id 
_pdbx_struct_sheet_hbond.range_1_label_asym_id 
_pdbx_struct_sheet_hbond.range_1_label_seq_id 
_pdbx_struct_sheet_hbond.range_1_PDB_ins_code 
_pdbx_struct_sheet_hbond.range_1_auth_atom_id 
_pdbx_struct_sheet_hbond.range_1_auth_comp_id 
_pdbx_struct_sheet_hbond.range_1_auth_asym_id 
_pdbx_struct_sheet_hbond.range_1_auth_seq_id 
_pdbx_struct_sheet_hbond.range_2_label_atom_id 
_pdbx_struct_sheet_hbond.range_2_label_comp_id 
_pdbx_struct_sheet_hbond.range_2_label_asym_id 
_pdbx_struct_sheet_hbond.range_2_label_seq_id 
_pdbx_struct_sheet_hbond.range_2_PDB_ins_code 
_pdbx_struct_sheet_hbond.range_2_auth_atom_id 
_pdbx_struct_sheet_hbond.range_2_auth_comp_id 
_pdbx_struct_sheet_hbond.range_2_auth_asym_id 
_pdbx_struct_sheet_hbond.range_2_auth_seq_id 
AA1 1 2 N TYR A 10  ? N TYR A 8   O VAL A 128 ? O VAL A 126 
AA1 2 3 O MET A 125 ? O MET A 123 N HIS A 43  ? N HIS A 41  
AA1 3 4 N LEU A 38  ? N LEU A 36  O VAL A 58  ? O VAL A 56  
AA1 4 5 N CYS A 59  ? N CYS A 57  O ARG A 63  ? O ARG A 61  
AA1 5 6 N GLU A 70  ? N GLU A 68  O ALA A 73  ? O ALA A 71  
AA2 1 2 N TYR A 10  ? N TYR A 8   O VAL A 128 ? O VAL A 126 
AA2 2 3 O MET A 125 ? O MET A 123 N HIS A 43  ? N HIS A 41  
AA2 3 4 N LEU A 38  ? N LEU A 36  O VAL A 58  ? O VAL A 56  
AA2 4 5 N CYS A 59  ? N CYS A 57  O ARG A 63  ? O ARG A 61  
AA2 5 6 N VAL A 64  ? N VAL A 62  O SER A 80  ? O SER A 78  
AA3 1 2 O GLN A 109 ? O GLN A 107 N VAL A 106 ? N VAL A 104 
AA3 2 3 O MET A 105 ? O MET A 103 N SER A 94  ? N SER A 92  
AA3 3 4 O LEU A 93  ? O LEU A 91  N ILE A 24  ? N ILE A 22  
AA3 4 5 N THR A 23  ? N THR A 21  O ASN A 138 ? O ASN A 136 
# 
_atom_sites.entry_id                    6L6B 
_atom_sites.Cartn_transf_matrix[1][1]   ? 
_atom_sites.Cartn_transf_matrix[1][2]   ? 
_atom_sites.Cartn_transf_matrix[1][3]   ? 
_atom_sites.Cartn_transf_matrix[2][1]   ? 
_atom_sites.Cartn_transf_matrix[2][2]   ? 
_atom_sites.Cartn_transf_matrix[2][3]   ? 
_atom_sites.Cartn_transf_matrix[3][1]   ? 
_atom_sites.Cartn_transf_matrix[3][2]   ? 
_atom_sites.Cartn_transf_matrix[3][3]   ? 
_atom_sites.Cartn_transf_vector[1]      ? 
_atom_sites.Cartn_transf_vector[2]      ? 
_atom_sites.Cartn_transf_vector[3]      ? 
_atom_sites.fract_transf_matrix[1][1]   -0.01013567 
_atom_sites.fract_transf_matrix[1][2]   -0.00295196 
_atom_sites.fract_transf_matrix[1][3]   -0.02116511 
_atom_sites.fract_transf_matrix[2][1]   -0.02129330 
_atom_sites.fract_transf_matrix[2][2]   0.00934525 
_atom_sites.fract_transf_matrix[2][3]   -0.00432190 
_atom_sites.fract_transf_matrix[3][1]   0.00166498 
_atom_sites.fract_transf_matrix[3][2]   0.00321741 
_atom_sites.fract_transf_matrix[3][3]   -0.00124608 
_atom_sites.fract_transf_vector[1]      0.286714 
_atom_sites.fract_transf_vector[2]      0.714004 
_atom_sites.fract_transf_vector[3]      0.302931 
_atom_sites.solution_primary            ? 
_atom_sites.solution_secondary          ? 
_atom_sites.solution_hydrogens          ? 
_atom_sites.special_details             ? 
# 
loop_
_atom_type.symbol 
_atom_type.pdbx_scat_Z 
_atom_type.pdbx_N_electrons 
_atom_type.scat_Cromer_Mann_a1 
_atom_type.scat_Cromer_Mann_b1 
_atom_type.scat_Cromer_Mann_a2 
_atom_type.scat_Cromer_Mann_b2 
_atom_type.scat_Cromer_Mann_a3 
_atom_type.scat_Cromer_Mann_b3 
_atom_type.scat_Cromer_Mann_a4 
_atom_type.scat_Cromer_Mann_b4 
_atom_type.scat_Cromer_Mann_c 
C 6  6  2.310  20.844 1.020 10.208 1.589 0.569  0.865 51.651 0.216   
H 1  1  0.493  10.511 0.323 26.126 0.140 3.142  0.041 57.800 0.003   
N 7  7  12.222 0.006  3.135 9.893  2.014 28.997 1.167 0.583  -11.538 
O 8  8  3.049  13.277 2.287 5.701  1.546 0.324  0.867 32.909 0.251   
S 16 16 6.905  1.468  5.203 22.215 1.438 0.254  1.586 56.172 1.184   
# 
loop_
_atom_site.group_PDB 
_atom_site.id 
_atom_site.type_symbol 
_atom_site.label_atom_id 
_atom_site.label_alt_id 
_atom_site.label_comp_id 
_atom_site.label_asym_id 
_atom_site.label_entity_id 
_atom_site.label_seq_id 
_atom_site.pdbx_PDB_ins_code 
_atom_site.Cartn_x 
_atom_site.Cartn_y 
_atom_site.Cartn_z 
_atom_site.occupancy 
_atom_site.B_iso_or_equiv 
_atom_site.pdbx_formal_charge 
_atom_site.auth_seq_id 
_atom_site.auth_comp_id 
_atom_site.auth_asym_id 
_atom_site.auth_atom_id 
_atom_site.pdbx_PDB_model_num 
ATOM   1    N N   . MET A 1 3   ? -18.668 5.851   7.260   1.000 54.317 ? 1   MET A N   1 
ATOM   2    C CA  . MET A 1 3   ? -19.614 5.925   6.098   1.000 54.431 ? 1   MET A CA  1 
ATOM   3    C C   . MET A 1 3   ? -19.398 4.700   5.187   1.000 49.724 ? 1   MET A C   1 
ATOM   4    O O   . MET A 1 3   ? -18.992 3.641   5.728   1.000 48.092 ? 1   MET A O   1 
ATOM   5    C CB  . MET A 1 3   ? -19.434 7.250   5.340   1.000 57.144 ? 1   MET A CB  1 
ATOM   6    C CG  . MET A 1 3   ? -18.035 7.476   4.786   1.000 59.330 ? 1   MET A CG  1 
ATOM   7    S SD  . MET A 1 3   ? -16.860 7.958   6.076   1.000 65.315 ? 1   MET A SD  1 
ATOM   8    C CE  . MET A 1 3   ? -17.246 9.700   6.256   1.000 62.578 ? 1   MET A CE  1 
ATOM   9    N N   . SER A 1 4   ? -19.663 4.823   3.875   1.000 44.258 ? 2   SER A N   1 
ATOM   10   C CA  . SER A 1 4   ? -19.955 3.702   2.936   1.000 42.221 ? 2   SER A CA  1 
ATOM   11   C C   . SER A 1 4   ? -18.696 2.859   2.722   1.000 37.300 ? 2   SER A C   1 
ATOM   12   O O   . SER A 1 4   ? -17.589 3.439   2.723   1.000 38.340 ? 2   SER A O   1 
ATOM   13   C CB  . SER A 1 4   ? -20.471 4.204   1.607   1.000 43.520 ? 2   SER A CB  1 
ATOM   14   O OG  . SER A 1 4   ? -21.632 5.001   1.782   1.000 46.567 ? 2   SER A OG  1 
ATOM   15   N N   . LEU A 1 5   ? -18.867 1.550   2.527   1.000 31.844 ? 3   LEU A N   1 
ATOM   16   C CA  . LEU A 1 5   ? -17.753 0.628   2.171   1.000 28.284 ? 3   LEU A CA  1 
ATOM   17   C C   . LEU A 1 5   ? -17.439 0.780   0.673   1.000 25.969 ? 3   LEU A C   1 
ATOM   18   O O   . LEU A 1 5   ? -18.373 0.729   -0.145  1.000 24.031 ? 3   LEU A O   1 
ATOM   19   C CB  . LEU A 1 5   ? -18.140 -0.811  2.538   1.000 27.684 ? 3   LEU A CB  1 
ATOM   20   C CG  . LEU A 1 5   ? -18.166 -1.142  4.034   1.000 27.184 ? 3   LEU A CG  1 
ATOM   21   C CD1 . LEU A 1 5   ? -18.437 -2.623  4.254   1.000 27.847 ? 3   LEU A CD1 1 
ATOM   22   C CD2 . LEU A 1 5   ? -16.874 -0.738  4.731   1.000 26.677 ? 3   LEU A CD2 1 
ATOM   23   N N   . LEU A 1 6   ? -16.165 0.986   0.330   1.000 22.950 ? 4   LEU A N   1 
ATOM   24   C CA  . LEU A 1 6   ? -15.669 0.977   -1.070  1.000 21.504 ? 4   LEU A CA  1 
ATOM   25   C C   . LEU A 1 6   ? -15.528 -0.469  -1.536  1.000 19.837 ? 4   LEU A C   1 
ATOM   26   O O   . LEU A 1 6   ? -15.370 -1.365  -0.710  1.000 17.707 ? 4   LEU A O   1 
ATOM   27   C CB  . LEU A 1 6   ? -14.322 1.701   -1.122  1.000 21.147 ? 4   LEU A CB  1 
ATOM   28   C CG  . LEU A 1 6   ? -14.366 3.189   -0.796  1.000 22.009 ? 4   LEU A CG  1 
ATOM   29   C CD1 . LEU A 1 6   ? -12.952 3.741   -0.686  1.000 22.253 ? 4   LEU A CD1 1 
ATOM   30   C CD2 . LEU A 1 6   ? -15.165 3.955   -1.846  1.000 23.294 ? 4   LEU A CD2 1 
ATOM   31   N N   . PRO A 1 7   ? -15.560 -0.737  -2.864  1.000 19.518 ? 5   PRO A N   1 
ATOM   32   C CA  . PRO A 1 7   ? -15.310 -2.081  -3.388  1.000 18.937 ? 5   PRO A CA  1 
ATOM   33   C C   . PRO A 1 7   ? -13.910 -2.575  -3.004  1.000 18.279 ? 5   PRO A C   1 
ATOM   34   O O   . PRO A 1 7   ? -12.995 -1.781  -3.049  1.000 18.991 ? 5   PRO A O   1 
ATOM   35   C CB  . PRO A 1 7   ? -15.435 -1.927  -4.915  1.000 20.474 ? 5   PRO A CB  1 
ATOM   36   C CG  . PRO A 1 7   ? -15.220 -0.450  -5.162  1.000 20.427 ? 5   PRO A CG  1 
ATOM   37   C CD  . PRO A 1 7   ? -15.788 0.242   -3.939  1.000 19.956 ? 5   PRO A CD  1 
ATOM   38   N N   . VAL A 1 8   ? -13.782 -3.847  -2.616  1.000 17.088 ? 6   VAL A N   1 
ATOM   39   C CA  . VAL A 1 8   ? -12.475 -4.540  -2.416  1.000 16.843 ? 6   VAL A CA  1 
ATOM   40   C C   . VAL A 1 8   ? -12.502 -5.856  -3.194  1.000 16.450 ? 6   VAL A C   1 
ATOM   41   O O   . VAL A 1 8   ? -13.394 -6.669  -2.959  1.000 17.685 ? 6   VAL A O   1 
ATOM   42   C CB  . VAL A 1 8   ? -12.161 -4.772  -0.929  1.000 16.746 ? 6   VAL A CB  1 
ATOM   43   C CG1 . VAL A 1 8   ? -10.850 -5.526  -0.764  1.000 16.590 ? 6   VAL A CG1 1 
ATOM   44   C CG2 . VAL A 1 8   ? -12.141 -3.455  -0.148  1.000 17.231 ? 6   VAL A CG2 1 
ATOM   45   N N   . PRO A 1 9   ? -11.546 -6.146  -4.117  1.000 17.003 ? 7   PRO A N   1 
ATOM   46   C CA  . PRO A 1 9   ? -10.404 -5.284  -4.447  1.000 16.125 ? 7   PRO A CA  1 
ATOM   47   C C   . PRO A 1 9   ? -10.793 -3.886  -4.928  1.000 16.138 ? 7   PRO A C   1 
ATOM   48   O O   . PRO A 1 9   ? -11.746 -3.774  -5.667  1.000 16.649 ? 7   PRO A O   1 
ATOM   49   C CB  . PRO A 1 9   ? -9.735  -5.990  -5.642  1.000 15.938 ? 7   PRO A CB  1 
ATOM   50   C CG  . PRO A 1 9   ? -10.088 -7.437  -5.438  1.000 16.371 ? 7   PRO A CG  1 
ATOM   51   C CD  . PRO A 1 9   ? -11.495 -7.402  -4.886  1.000 16.633 ? 7   PRO A CD  1 
ATOM   52   N N   . TYR A 1 10  ? -10.047 -2.879  -4.492  1.000 14.815 ? 8   TYR A N   1 
ATOM   53   C CA  . TYR A 1 10  ? -10.248 -1.463  -4.855  1.000 14.515 ? 8   TYR A CA  1 
ATOM   54   C C   . TYR A 1 10  ? -9.190  -1.065  -5.887  1.000 14.185 ? 8   TYR A C   1 
ATOM   55   O O   . TYR A 1 10  ? -7.993  -1.240  -5.609  1.000 13.699 ? 8   TYR A O   1 
ATOM   56   C CB  . TYR A 1 10  ? -10.191 -0.588  -3.604  1.000 15.501 ? 8   TYR A CB  1 
ATOM   57   C CG  . TYR A 1 10  ? -10.445 0.855   -3.933  1.000 15.664 ? 8   TYR A CG  1 
ATOM   58   C CD1 . TYR A 1 10  ? -11.727 1.283   -4.227  1.000 16.746 ? 8   TYR A CD1 1 
ATOM   59   C CD2 . TYR A 1 10  ? -9.397  1.753   -4.076  1.000 16.202 ? 8   TYR A CD2 1 
ATOM   60   C CE1 . TYR A 1 10  ? -11.978 2.589   -4.600  1.000 17.194 ? 8   TYR A CE1 1 
ATOM   61   C CE2 . TYR A 1 10  ? -9.628  3.064   -4.463  1.000 16.606 ? 8   TYR A CE2 1 
ATOM   62   C CZ  . TYR A 1 10  ? -10.926 3.478   -4.719  1.000 17.547 ? 8   TYR A CZ  1 
ATOM   63   O OH  . TYR A 1 10  ? -11.198 4.758   -5.089  1.000 19.576 ? 8   TYR A OH  1 
ATOM   64   N N   . THR A 1 11  ? -9.614  -0.523  -7.035  1.000 13.839 ? 9   THR A N   1 
ATOM   65   C CA  . THR A 1 11  ? -8.707  -0.044  -8.103  1.000 14.212 ? 9   THR A CA  1 
ATOM   66   C C   . THR A 1 11  ? -9.004  1.431   -8.386  1.000 13.659 ? 9   THR A C   1 
ATOM   67   O O   . THR A 1 11  ? -10.171 1.756   -8.594  1.000 12.767 ? 9   THR A O   1 
ATOM   68   C CB  . THR A 1 11  ? -8.846  -0.888  -9.374  1.000 14.708 ? 9   THR A CB  1 
ATOM   69   O OG1 . THR A 1 11  ? -8.730  -2.263  -9.008  1.000 14.648 ? 9   THR A OG1 1 
ATOM   70   C CG2 . THR A 1 11  ? -7.794  -0.536  -10.397 1.000 15.386 ? 9   THR A CG2 1 
ATOM   71   N N   . GLU A 1 12  ? -7.971  2.267   -8.434  1.000 13.273 ? 10  GLU A N   1 
ATOM   72   C CA  . GLU A 1 12  ? -8.090  3.683   -8.861  1.000 13.975 ? 10  GLU A CA  1 
ATOM   73   C C   . GLU A 1 12  ? -6.906  3.985   -9.782  1.000 14.206 ? 10  GLU A C   1 
ATOM   74   O O   . GLU A 1 12  ? -5.743  3.754   -9.371  1.000 14.058 ? 10  GLU A O   1 
ATOM   75   C CB  . GLU A 1 12  ? -8.207  4.599   -7.635  1.000 14.135 ? 10  GLU A CB  1 
ATOM   76   C CG  . GLU A 1 12  ? -8.469  6.061   -7.978  1.000 14.780 ? 10  GLU A CG  1 
ATOM   77   C CD  . GLU A 1 12  ? -8.789  6.990   -6.812  1.000 14.832 ? 10  GLU A CD  1 
ATOM   78   O OE1 . GLU A 1 12  ? -9.610  6.605   -5.937  1.000 13.780 ? 10  GLU A OE1 1 
ATOM   79   O OE2 . GLU A 1 12  ? -8.229  8.119   -6.780  1.000 15.520 ? 10  GLU A OE2 1 
ATOM   80   N N   . ALA A 1 13  ? -7.190  4.439   -11.006 1.000 14.427 ? 11  ALA A N   1 
ATOM   81   C CA  . ALA A 1 13  ? -6.186  5.091   -11.877 1.000 14.928 ? 11  ALA A CA  1 
ATOM   82   C C   . ALA A 1 13  ? -5.511  6.186   -11.052 1.000 14.927 ? 11  ALA A C   1 
ATOM   83   O O   . ALA A 1 13  ? -6.219  6.857   -10.286 1.000 15.875 ? 11  ALA A O   1 
ATOM   84   C CB  . ALA A 1 13  ? -6.851  5.642   -13.124 1.000 15.799 ? 11  ALA A CB  1 
ATOM   85   N N   . ALA A 1 14  ? -4.191  6.316   -11.139 1.000 14.963 ? 12  ALA A N   1 
ATOM   86   C CA  . ALA A 1 14  ? -3.402  7.184   -10.242 1.000 16.032 ? 12  ALA A CA  1 
ATOM   87   C C   . ALA A 1 14  ? -2.152  7.701   -10.958 1.000 17.192 ? 12  ALA A C   1 
ATOM   88   O O   . ALA A 1 14  ? -1.595  6.987   -11.801 1.000 17.352 ? 12  ALA A O   1 
ATOM   89   C CB  . ALA A 1 14  ? -3.037  6.440   -8.987  1.000 16.557 ? 12  ALA A CB  1 
ATOM   90   N N   . SER A 1 15  ? -1.722  8.908   -10.605 1.000 17.759 ? 13  SER A N   1 
ATOM   91   C CA  . SER A 1 15  ? -0.372  9.438   -10.928 1.000 17.998 ? 13  SER A CA  1 
ATOM   92   C C   . SER A 1 15  ? 0.279   9.830   -9.613  1.000 17.689 ? 13  SER A C   1 
ATOM   93   O O   . SER A 1 15  ? -0.465  10.273  -8.697  1.000 18.119 ? 13  SER A O   1 
ATOM   94   C CB  . SER A 1 15  ? -0.423  10.588  -11.891 1.000 17.622 ? 13  SER A CB  1 
ATOM   95   O OG  . SER A 1 15  ? -1.130  10.211  -13.054 1.000 18.958 ? 13  SER A OG  1 
ATOM   96   N N   . LEU A 1 16  ? 1.581   9.586   -9.508  1.000 17.255 ? 14  LEU A N   1 
ATOM   97   C CA  . LEU A 1 16  ? 2.408   9.861   -8.310  1.000 17.437 ? 14  LEU A CA  1 
ATOM   98   C C   . LEU A 1 16  ? 3.625   10.666  -8.738  1.000 18.515 ? 14  LEU A C   1 
ATOM   99   O O   . LEU A 1 16  ? 4.113   10.450  -9.863  1.000 19.282 ? 14  LEU A O   1 
ATOM   100  C CB  . LEU A 1 16  ? 2.848   8.534   -7.683  1.000 17.078 ? 14  LEU A CB  1 
ATOM   101  C CG  . LEU A 1 16  ? 1.741   7.716   -7.024  1.000 16.835 ? 14  LEU A CG  1 
ATOM   102  C CD1 . LEU A 1 16  ? 2.311   6.461   -6.389  1.000 17.140 ? 14  LEU A CD1 1 
ATOM   103  C CD2 . LEU A 1 16  ? 0.991   8.530   -5.977  1.000 16.905 ? 14  LEU A CD2 1 
ATOM   104  N N   . SER A 1 17  ? 4.083   11.544  -7.850  1.000 20.045 ? 15  SER A N   1 
ATOM   105  C CA  . SER A 1 17  ? 5.400   12.225  -7.902  1.000 21.065 ? 15  SER A CA  1 
ATOM   106  C C   . SER A 1 17  ? 5.756   12.692  -6.488  1.000 20.951 ? 15  SER A C   1 
ATOM   107  O O   . SER A 1 17  ? 4.916   12.519  -5.581  1.000 19.148 ? 15  SER A O   1 
ATOM   108  C CB  . SER A 1 17  ? 5.372   13.372  -8.893  1.000 21.321 ? 15  SER A CB  1 
ATOM   109  O OG  . SER A 1 17  ? 4.324   14.290  -8.586  1.000 21.965 ? 15  SER A OG  1 
ATOM   110  N N   . THR A 1 18  ? 6.948   13.257  -6.300  1.000 20.850 ? 16  THR A N   1 
ATOM   111  C CA  . THR A 1 18  ? 7.457   13.704  -4.977  1.000 20.769 ? 16  THR A CA  1 
ATOM   112  C C   . THR A 1 18  ? 6.451   14.666  -4.331  1.000 21.148 ? 16  THR A C   1 
ATOM   113  O O   . THR A 1 18  ? 6.069   15.643  -4.993  1.000 20.127 ? 16  THR A O   1 
ATOM   114  C CB  . THR A 1 18  ? 8.836   14.353  -5.117  1.000 22.125 ? 16  THR A CB  1 
ATOM   115  O OG1 . THR A 1 18  ? 9.606   13.506  -5.969  1.000 21.005 ? 16  THR A OG1 1 
ATOM   116  C CG2 . THR A 1 18  ? 9.530   14.543  -3.788  1.000 23.516 ? 16  THR A CG2 1 
ATOM   117  N N   . GLY A 1 19  ? 6.022   14.377  -3.096  1.000 19.888 ? 17  GLY A N   1 
ATOM   118  C CA  . GLY A 1 19  ? 4.982   15.146  -2.382  1.000 19.660 ? 17  GLY A CA  1 
ATOM   119  C C   . GLY A 1 19  ? 3.589   14.535  -2.488  1.000 19.288 ? 17  GLY A C   1 
ATOM   120  O O   . GLY A 1 19  ? 2.737   14.964  -1.708  1.000 20.041 ? 17  GLY A O   1 
ATOM   121  N N   . SER A 1 20  ? 3.355   13.554  -3.382  1.000 18.042 ? 18  SER A N   1 
ATOM   122  C CA  . SER A 1 20  ? 2.083   12.780  -3.469  1.000 16.667 ? 18  SER A CA  1 
ATOM   123  C C   . SER A 1 20  ? 1.875   12.004  -2.158  1.000 16.547 ? 18  SER A C   1 
ATOM   124  O O   . SER A 1 20  ? 2.858   11.479  -1.605  1.000 15.397 ? 18  SER A O   1 
ATOM   125  C CB  . SER A 1 20  ? 2.064   11.846  -4.657  1.000 15.306 ? 18  SER A CB  1 
ATOM   126  O OG  . SER A 1 20  ? 2.047   12.560  -5.884  1.000 14.174 ? 18  SER A OG  1 
ATOM   127  N N   . THR A 1 21  ? 0.630   11.913  -1.688  1.000 17.056 ? 19  THR A N   1 
ATOM   128  C CA  . THR A 1 21  ? 0.251   11.082  -0.511  1.000 16.245 ? 19  THR A CA  1 
ATOM   129  C C   . THR A 1 21  ? -0.934  10.199  -0.885  1.000 15.496 ? 19  THR A C   1 
ATOM   130  O O   . THR A 1 21  ? -1.904  10.720  -1.473  1.000 14.944 ? 19  THR A O   1 
ATOM   131  C CB  . THR A 1 21  ? -0.055  11.928  0.731   1.000 16.883 ? 19  THR A CB  1 
ATOM   132  O OG1 . THR A 1 21  ? 1.137   12.645  1.056   1.000 17.083 ? 19  THR A OG1 1 
ATOM   133  C CG2 . THR A 1 21  ? -0.460  11.090  1.924   1.000 16.810 ? 19  THR A CG2 1 
ATOM   134  N N   . VAL A 1 22  ? -0.841  8.913   -0.540  1.000 15.175 ? 20  VAL A N   1 
ATOM   135  C CA  . VAL A 1 22  ? -1.934  7.914   -0.697  1.000 15.002 ? 20  VAL A CA  1 
ATOM   136  C C   . VAL A 1 22  ? -2.443  7.622   0.716   1.000 14.970 ? 20  VAL A C   1 
ATOM   137  O O   . VAL A 1 22  ? -1.645  7.186   1.544   1.000 15.044 ? 20  VAL A O   1 
ATOM   138  C CB  . VAL A 1 22  ? -1.483  6.630   -1.430  1.000 15.291 ? 20  VAL A CB  1 
ATOM   139  C CG1 . VAL A 1 22  ? -2.665  5.704   -1.680  1.000 15.819 ? 20  VAL A CG1 1 
ATOM   140  C CG2 . VAL A 1 22  ? -0.759  6.926   -2.745  1.000 16.327 ? 20  VAL A CG2 1 
ATOM   141  N N   . THR A 1 23  ? -3.705  7.927   0.992   1.000 15.694 ? 21  THR A N   1 
ATOM   142  C CA  . THR A 1 23  ? -4.318  7.761   2.330   1.000 16.319 ? 21  THR A CA  1 
ATOM   143  C C   . THR A 1 23  ? -5.389  6.682   2.242   1.000 15.527 ? 21  THR A C   1 
ATOM   144  O O   . THR A 1 23  ? -6.216  6.759   1.332   1.000 14.972 ? 21  THR A O   1 
ATOM   145  C CB  . THR A 1 23  ? -4.915  9.078   2.830   1.000 17.857 ? 21  THR A CB  1 
ATOM   146  O OG1 . THR A 1 23  ? -3.832  10.004  2.782   1.000 18.969 ? 21  THR A OG1 1 
ATOM   147  C CG2 . THR A 1 23  ? -5.507  8.964   4.221   1.000 17.954 ? 21  THR A CG2 1 
ATOM   148  N N   . ILE A 1 24  ? -5.350  5.721   3.154   1.000 16.082 ? 22  ILE A N   1 
ATOM   149  C CA  . ILE A 1 24  ? -6.203  4.502   3.134   1.000 17.192 ? 22  ILE A CA  1 
ATOM   150  C C   . ILE A 1 24  ? -6.760  4.345   4.547   1.000 16.496 ? 22  ILE A C   1 
ATOM   151  O O   . ILE A 1 24  ? -5.954  4.284   5.470   1.000 16.023 ? 22  ILE A O   1 
ATOM   152  C CB  . ILE A 1 24  ? -5.381  3.273   2.692   1.000 18.996 ? 22  ILE A CB  1 
ATOM   153  C CG1 . ILE A 1 24  ? -4.892  3.405   1.248   1.000 20.089 ? 22  ILE A CG1 1 
ATOM   154  C CG2 . ILE A 1 24  ? -6.158  1.984   2.907   1.000 19.993 ? 22  ILE A CG2 1 
ATOM   155  C CD1 . ILE A 1 24  ? -3.734  2.494   0.896   1.000 20.340 ? 22  ILE A CD1 1 
ATOM   156  N N   . LYS A 1 25  ? -8.082  4.356   4.707   1.000 16.081 ? 23  LYS A N   1 
ATOM   157  C CA  . LYS A 1 25  ? -8.724  3.994   5.988   1.000 17.310 ? 23  LYS A CA  1 
ATOM   158  C C   . LYS A 1 25  ? -9.524  2.720   5.780   1.000 15.495 ? 23  LYS A C   1 
ATOM   159  O O   . LYS A 1 25  ? -10.393 2.697   4.900   1.000 15.638 ? 23  LYS A O   1 
ATOM   160  C CB  . LYS A 1 25  ? -9.610  5.112   6.542   1.000 19.184 ? 23  LYS A CB  1 
ATOM   161  C CG  . LYS A 1 25  ? -10.091 4.874   7.971   1.000 22.236 ? 23  LYS A CG  1 
ATOM   162  C CD  . LYS A 1 25  ? -10.877 6.019   8.584   1.000 24.453 ? 23  LYS A CD  1 
ATOM   163  C CE  . LYS A 1 25  ? -10.082 7.305   8.675   1.000 27.165 ? 23  LYS A CE  1 
ATOM   164  N NZ  . LYS A 1 25  ? -10.640 8.198   9.715   1.000 30.313 ? 23  LYS A NZ  1 
ATOM   165  N N   . GLY A 1 26  ? -9.256  1.720   6.614   1.000 15.806 ? 24  GLY A N   1 
ATOM   166  C CA  . GLY A 1 26  ? -9.930  0.419   6.531   1.000 15.617 ? 24  GLY A CA  1 
ATOM   167  C C   . GLY A 1 26  ? -9.831  -0.339  7.833   1.000 16.035 ? 24  GLY A C   1 
ATOM   168  O O   . GLY A 1 26  ? -9.329  0.221   8.813   1.000 15.295 ? 24  GLY A O   1 
ATOM   169  N N   . ARG A 1 27  ? -10.299 -1.583  7.848   1.000 17.170 ? 25  ARG A N   1 
ATOM   170  C CA  . ARG A 1 27  ? -10.100 -2.467  9.012   1.000 19.362 ? 25  ARG A CA  1 
ATOM   171  C C   . ARG A 1 27  ? -9.993  -3.904  8.532   1.000 17.697 ? 25  ARG A C   1 
ATOM   172  O O   . ARG A 1 27  ? -10.564 -4.272  7.506   1.000 16.547 ? 25  ARG A O   1 
ATOM   173  C CB  . ARG A 1 27  ? -11.204 -2.319  10.061  1.000 24.220 ? 25  ARG A CB  1 
ATOM   174  C CG  . ARG A 1 27  ? -12.620 -2.242  9.526   1.000 27.484 ? 25  ARG A CG  1 
ATOM   175  C CD  . ARG A 1 27  ? -13.606 -1.743  10.580  1.000 31.965 ? 25  ARG A CD  1 
ATOM   176  N NE  . ARG A 1 27  ? -13.300 -2.208  11.937  1.000 34.452 ? 25  ARG A NE  1 
ATOM   177  C CZ  . ARG A 1 27  ? -13.462 -1.508  13.062  1.000 35.566 ? 25  ARG A CZ  1 
ATOM   178  N NH1 . ARG A 1 27  ? -13.944 -0.275  13.049  1.000 37.720 ? 25  ARG A NH1 1 
ATOM   179  N NH2 . ARG A 1 27  ? -13.138 -2.059  14.218  1.000 38.607 ? 25  ARG A NH2 1 
ATOM   180  N N   . PRO A 1 28  ? -9.232  -4.740  9.256   1.000 16.662 ? 26  PRO A N   1 
ATOM   181  C CA  . PRO A 1 28  ? -9.190  -6.166  8.961   1.000 15.396 ? 26  PRO A CA  1 
ATOM   182  C C   . PRO A 1 28  ? -10.591 -6.774  9.092   1.000 14.847 ? 26  PRO A C   1 
ATOM   183  O O   . PRO A 1 28  ? -11.335 -6.355  9.958   1.000 12.405 ? 26  PRO A O   1 
ATOM   184  C CB  . PRO A 1 28  ? -8.239  -6.748  10.016  1.000 16.389 ? 26  PRO A CB  1 
ATOM   185  C CG  . PRO A 1 28  ? -7.438  -5.561  10.502  1.000 16.655 ? 26  PRO A CG  1 
ATOM   186  C CD  . PRO A 1 28  ? -8.351  -4.365  10.373  1.000 16.724 ? 26  PRO A CD  1 
ATOM   187  N N   . LEU A 1 29  ? -10.904 -7.746  8.243   1.000 14.234 ? 27  LEU A N   1 
ATOM   188  C CA  . LEU A 1 29  ? -12.240 -8.397  8.218   1.000 14.228 ? 27  LEU A CA  1 
ATOM   189  C C   . LEU A 1 29  ? -12.397 -9.341  9.417   1.000 14.391 ? 27  LEU A C   1 
ATOM   190  O O   . LEU A 1 29  ? -13.568 -9.559  9.833   1.000 13.719 ? 27  LEU A O   1 
ATOM   191  C CB  . LEU A 1 29  ? -12.444 -9.118  6.884   1.000 13.757 ? 27  LEU A CB  1 
ATOM   192  C CG  . LEU A 1 29  ? -12.622 -8.205  5.665   1.000 13.679 ? 27  LEU A CG  1 
ATOM   193  C CD1 . LEU A 1 29  ? -12.585 -9.006  4.373   1.000 13.836 ? 27  LEU A CD1 1 
ATOM   194  C CD2 . LEU A 1 29  ? -13.911 -7.394  5.749   1.000 13.934 ? 27  LEU A CD2 1 
ATOM   195  N N   . VAL A 1 30  ? -11.284 -9.860  9.958   1.000 14.073 ? 28  VAL A N   1 
ATOM   196  C CA  . VAL A 1 30  ? -11.278 -10.928 11.006  1.000 14.538 ? 28  VAL A CA  1 
ATOM   197  C C   . VAL A 1 30  ? -10.122 -10.666 11.979  1.000 15.119 ? 28  VAL A C   1 
ATOM   198  O O   . VAL A 1 30  ? -9.203  -9.895  11.622  1.000 14.679 ? 28  VAL A O   1 
ATOM   199  C CB  . VAL A 1 30  ? -11.175 -12.339 10.387  1.000 14.416 ? 28  VAL A CB  1 
ATOM   200  C CG1 . VAL A 1 30  ? -12.357 -12.666 9.484   1.000 15.435 ? 28  VAL A CG1 1 
ATOM   201  C CG2 . VAL A 1 30  ? -9.883  -12.549 9.634   1.000 14.308 ? 28  VAL A CG2 1 
ATOM   202  N N   . CYS A 1 31  ? -10.163 -11.341 13.135  1.000 15.500 ? 29  CYS A N   1 
ATOM   203  C CA  . CYS A 1 31  ? -9.150  -11.313 14.221  1.000 15.873 ? 29  CYS A CA  1 
ATOM   204  C C   . CYS A 1 31  ? -7.762  -11.681 13.679  1.000 14.648 ? 29  CYS A C   1 
ATOM   205  O O   . CYS A 1 31  ? -7.674  -12.467 12.732  1.000 14.327 ? 29  CYS A O   1 
ATOM   206  C CB  . CYS A 1 31  ? -9.539  -12.246 15.363  1.000 17.268 ? 29  CYS A CB  1 
ATOM   207  S SG  . CYS A 1 31  ? -9.547  -14.007 14.930  1.000 20.514 ? 29  CYS A SG  1 
ATOM   208  N N   . PHE A 1 32  ? -6.718  -11.115 14.273  1.000 15.097 ? 30  PHE A N   1 
ATOM   209  C CA  . PHE A 1 32  ? -5.294  -11.375 13.937  1.000 14.697 ? 30  PHE A CA  1 
ATOM   210  C C   . PHE A 1 32  ? -4.926  -12.862 14.068  1.000 14.436 ? 30  PHE A C   1 
ATOM   211  O O   . PHE A 1 32  ? -4.068  -13.306 13.302  1.000 14.797 ? 30  PHE A O   1 
ATOM   212  C CB  . PHE A 1 32  ? -4.382  -10.485 14.782  1.000 14.968 ? 30  PHE A CB  1 
ATOM   213  C CG  . PHE A 1 32  ? -4.280  -9.050  14.333  1.000 14.900 ? 30  PHE A CG  1 
ATOM   214  C CD1 . PHE A 1 32  ? -5.211  -8.475  13.476  1.000 15.476 ? 30  PHE A CD1 1 
ATOM   215  C CD2 . PHE A 1 32  ? -3.242  -8.260  14.801  1.000 15.667 ? 30  PHE A CD2 1 
ATOM   216  C CE1 . PHE A 1 32  ? -5.087  -7.148  13.090  1.000 16.383 ? 30  PHE A CE1 1 
ATOM   217  C CE2 . PHE A 1 32  ? -3.125  -6.935  14.417  1.000 15.879 ? 30  PHE A CE2 1 
ATOM   218  C CZ  . PHE A 1 32  ? -4.041  -6.382  13.557  1.000 15.932 ? 30  PHE A CZ  1 
ATOM   219  N N   . LEU A 1 33  ? -5.530  -13.616 14.987  1.000 14.524 ? 31  LEU A N   1 
ATOM   220  C CA  . LEU A 1 33  ? -5.271  -15.081 15.124  1.000 14.715 ? 31  LEU A CA  1 
ATOM   221  C C   . LEU A 1 33  ? -5.482  -15.801 13.776  1.000 14.254 ? 31  LEU A C   1 
ATOM   222  O O   . LEU A 1 33  ? -4.753  -16.764 13.513  1.000 13.767 ? 31  LEU A O   1 
ATOM   223  C CB  . LEU A 1 33  ? -6.177  -15.667 16.214  1.000 15.720 ? 31  LEU A CB  1 
ATOM   224  C CG  . LEU A 1 33  ? -5.841  -17.091 16.655  1.000 16.220 ? 31  LEU A CG  1 
ATOM   225  C CD1 . LEU A 1 33  ? -4.471  -17.178 17.314  1.000 16.672 ? 31  LEU A CD1 1 
ATOM   226  C CD2 . LEU A 1 33  ? -6.909  -17.619 17.588  1.000 16.467 ? 31  LEU A CD2 1 
ATOM   227  N N   . ASN A 1 34  ? -6.440  -15.355 12.952  1.000 13.520 ? 32  ASN A N   1 
ATOM   228  C CA  . ASN A 1 34  ? -6.753  -15.956 11.626  1.000 13.355 ? 32  ASN A CA  1 
ATOM   229  C C   . ASN A 1 34  ? -5.861  -15.387 10.508  1.000 13.218 ? 32  ASN A C   1 
ATOM   230  O O   . ASN A 1 34  ? -6.043  -15.833 9.380   1.000 12.496 ? 32  ASN A O   1 
ATOM   231  C CB  . ASN A 1 34  ? -8.245  -15.819 11.304  1.000 13.356 ? 32  ASN A CB  1 
ATOM   232  C CG  . ASN A 1 34  ? -9.094  -16.658 12.235  1.000 13.983 ? 32  ASN A CG  1 
ATOM   233  O OD1 . ASN A 1 34  ? -8.561  -17.272 13.158  1.000 14.064 ? 32  ASN A OD1 1 
ATOM   234  N ND2 . ASN A 1 34  ? -10.397 -16.706 11.989  1.000 13.407 ? 32  ASN A ND2 1 
ATOM   235  N N   . GLU A 1 35  ? -4.905  -14.492 10.807  1.000 13.631 ? 33  GLU A N   1 
ATOM   236  C CA  . GLU A 1 35  ? -3.919  -13.958 9.826   1.000 14.312 ? 33  GLU A CA  1 
ATOM   237  C C   . GLU A 1 35  ? -4.623  -13.419 8.586   1.000 13.551 ? 33  GLU A C   1 
ATOM   238  O O   . GLU A 1 35  ? -4.340  -13.844 7.467   1.000 13.643 ? 33  GLU A O   1 
ATOM   239  C CB  . GLU A 1 35  ? -2.929  -15.037 9.404   1.000 15.740 ? 33  GLU A CB  1 
ATOM   240  C CG  . GLU A 1 35  ? -2.028  -15.510 10.516  1.000 17.126 ? 33  GLU A CG  1 
ATOM   241  C CD  . GLU A 1 35  ? -0.872  -16.312 9.938   1.000 18.640 ? 33  GLU A CD  1 
ATOM   242  O OE1 . GLU A 1 35  ? -1.072  -16.980 8.895   1.000 20.258 ? 33  GLU A OE1 1 
ATOM   243  O OE2 . GLU A 1 35  ? 0.211   -16.229 10.488  1.000 21.249 ? 33  GLU A OE2 1 
ATOM   244  N N   . PRO A 1 36  ? -5.481  -12.390 8.739   1.000 12.451 ? 34  PRO A N   1 
ATOM   245  C CA  . PRO A 1 36  ? -5.919  -11.600 7.594   1.000 12.182 ? 34  PRO A CA  1 
ATOM   246  C C   . PRO A 1 36  ? -4.708  -10.924 6.937   1.000 12.757 ? 34  PRO A C   1 
ATOM   247  O O   . PRO A 1 36  ? -3.737  -10.632 7.636   1.000 12.255 ? 34  PRO A O   1 
ATOM   248  C CB  . PRO A 1 36  ? -6.891  -10.586 8.207   1.000 12.122 ? 34  PRO A CB  1 
ATOM   249  C CG  . PRO A 1 36  ? -6.408  -10.438 9.627   1.000 11.814 ? 34  PRO A CG  1 
ATOM   250  C CD  . PRO A 1 36  ? -5.956  -11.832 10.015  1.000 12.325 ? 34  PRO A CD  1 
ATOM   251  N N   . TYR A 1 37  ? -4.776  -10.706 5.623   1.000 12.405 ? 35  TYR A N   1 
ATOM   252  C CA  . TYR A 1 37  ? -3.739  -9.963  4.864   1.000 12.912 ? 35  TYR A CA  1 
ATOM   253  C C   . TYR A 1 37  ? -4.293  -8.612  4.426   1.000 11.940 ? 35  TYR A C   1 
ATOM   254  O O   . TYR A 1 37  ? -5.515  -8.454  4.371   1.000 11.849 ? 35  TYR A O   1 
ATOM   255  C CB  . TYR A 1 37  ? -3.260  -10.722 3.625   1.000 14.924 ? 35  TYR A CB  1 
ATOM   256  C CG  . TYR A 1 37  ? -2.335  -11.870 3.921   1.000 17.428 ? 35  TYR A CG  1 
ATOM   257  C CD1 . TYR A 1 37  ? -0.967  -11.764 3.696   1.000 20.415 ? 35  TYR A CD1 1 
ATOM   258  C CD2 . TYR A 1 37  ? -2.814  -13.054 4.447   1.000 19.473 ? 35  TYR A CD2 1 
ATOM   259  C CE1 . TYR A 1 37  ? -0.109  -12.816 3.970   1.000 21.203 ? 35  TYR A CE1 1 
ATOM   260  C CE2 . TYR A 1 37  ? -1.971  -14.116 4.739   1.000 20.495 ? 35  TYR A CE2 1 
ATOM   261  C CZ  . TYR A 1 37  ? -0.615  -13.996 4.490   1.000 22.448 ? 35  TYR A CZ  1 
ATOM   262  O OH  . TYR A 1 37  ? 0.247   -15.022 4.753   1.000 26.606 ? 35  TYR A OH  1 
ATOM   263  N N   . LEU A 1 38  ? -3.385  -7.671  4.175   1.000 11.192 ? 36  LEU A N   1 
ATOM   264  C CA  . LEU A 1 38  ? -3.641  -6.419  3.427   1.000 11.228 ? 36  LEU A CA  1 
ATOM   265  C C   . LEU A 1 38  ? -2.575  -6.321  2.344   1.000 11.102 ? 36  LEU A C   1 
ATOM   266  O O   . LEU A 1 38  ? -1.402  -6.527  2.658   1.000 10.704 ? 36  LEU A O   1 
ATOM   267  C CB  . LEU A 1 38  ? -3.572  -5.222  4.382   1.000 11.545 ? 36  LEU A CB  1 
ATOM   268  C CG  . LEU A 1 38  ? -3.449  -3.844  3.733   1.000 11.934 ? 36  LEU A CG  1 
ATOM   269  C CD1 . LEU A 1 38  ? -4.702  -3.473  2.940   1.000 12.483 ? 36  LEU A CD1 1 
ATOM   270  C CD2 . LEU A 1 38  ? -3.161  -2.790  4.791   1.000 12.239 ? 36  LEU A CD2 1 
ATOM   271  N N   . GLN A 1 39  ? -2.965  -5.922  1.141   1.000 11.107 ? 37  GLN A N   1 
ATOM   272  C CA  . GLN A 1 39  ? -1.988  -5.647  0.069   1.000 11.358 ? 37  GLN A CA  1 
ATOM   273  C C   . GLN A 1 39  ? -2.302  -4.300  -0.577  1.000 10.900 ? 37  GLN A C   1 
ATOM   274  O O   . GLN A 1 39  ? -3.469  -4.056  -0.899  1.000 10.754 ? 37  GLN A O   1 
ATOM   275  C CB  . GLN A 1 39  ? -1.972  -6.771  -0.957  1.000 11.573 ? 37  GLN A CB  1 
ATOM   276  C CG  . GLN A 1 39  ? -0.766  -6.695  -1.887  1.000 12.177 ? 37  GLN A CG  1 
ATOM   277  C CD  . GLN A 1 39  ? -0.463  -8.023  -2.529  1.000 11.966 ? 37  GLN A CD  1 
ATOM   278  O OE1 . GLN A 1 39  ? -0.481  -9.060  -1.873  1.000 13.438 ? 37  GLN A OE1 1 
ATOM   279  N NE2 . GLN A 1 39  ? -0.160  -7.996  -3.820  1.000 11.715 ? 37  GLN A NE2 1 
ATOM   280  N N   . VAL A 1 40  ? -1.262  -3.488  -0.756  1.000 10.789 ? 38  VAL A N   1 
ATOM   281  C CA  . VAL A 1 40  ? -1.278  -2.262  -1.598  1.000 10.279 ? 38  VAL A CA  1 
ATOM   282  C C   . VAL A 1 40  ? -0.202  -2.417  -2.670  1.000 10.157 ? 38  VAL A C   1 
ATOM   283  O O   . VAL A 1 40  ? 0.967   -2.673  -2.306  1.000 9.095  ? 38  VAL A O   1 
ATOM   284  C CB  . VAL A 1 40  ? -1.054  -0.998  -0.746  1.000 10.510 ? 38  VAL A CB  1 
ATOM   285  C CG1 . VAL A 1 40  ? -1.036  0.259   -1.592  1.000 10.929 ? 38  VAL A CG1 1 
ATOM   286  C CG2 . VAL A 1 40  ? -2.105  -0.894  0.345   1.000 10.807 ? 38  VAL A CG2 1 
ATOM   287  N N   . ASP A 1 41  ? -0.610  -2.275  -3.936  1.000 10.518 ? 39  ASP A N   1 
ATOM   288  C CA  . ASP A 1 41  ? 0.289   -2.392  -5.113  1.000 10.542 ? 39  ASP A CA  1 
ATOM   289  C C   . ASP A 1 41  ? 0.159   -1.129  -5.955  1.000 10.478 ? 39  ASP A C   1 
ATOM   290  O O   . ASP A 1 41  ? -0.964  -0.816  -6.367  1.000 10.217 ? 39  ASP A O   1 
ATOM   291  C CB  . ASP A 1 41  ? -0.027  -3.633  -5.938  1.000 11.126 ? 39  ASP A CB  1 
ATOM   292  C CG  . ASP A 1 41  ? 0.140   -4.926  -5.170  1.000 11.300 ? 39  ASP A CG  1 
ATOM   293  O OD1 . ASP A 1 41  ? 1.227   -5.114  -4.591  1.000 12.596 ? 39  ASP A OD1 1 
ATOM   294  O OD2 . ASP A 1 41  ? -0.823  -5.734  -5.166  1.000 10.954 ? 39  ASP A OD2 1 
ATOM   295  N N   . PHE A 1 42  ? 1.276   -0.453  -6.203  1.000 10.310 ? 40  PHE A N   1 
ATOM   296  C CA  . PHE A 1 42  ? 1.374   0.668   -7.167  1.000 10.720 ? 40  PHE A CA  1 
ATOM   297  C C   . PHE A 1 42  ? 1.839   0.083   -8.508  1.000 11.037 ? 40  PHE A C   1 
ATOM   298  O O   . PHE A 1 42  ? 3.009   -0.369  -8.588  1.000 11.373 ? 40  PHE A O   1 
ATOM   299  C CB  . PHE A 1 42  ? 2.328   1.748   -6.651  1.000 11.128 ? 40  PHE A CB  1 
ATOM   300  C CG  . PHE A 1 42  ? 1.977   2.450   -5.361  1.000 11.910 ? 40  PHE A CG  1 
ATOM   301  C CD1 . PHE A 1 42  ? 0.788   2.220   -4.684  1.000 11.956 ? 40  PHE A CD1 1 
ATOM   302  C CD2 . PHE A 1 42  ? 2.878   3.348   -4.801  1.000 12.038 ? 40  PHE A CD2 1 
ATOM   303  C CE1 . PHE A 1 42  ? 0.492   2.915   -3.519  1.000 12.298 ? 40  PHE A CE1 1 
ATOM   304  C CE2 . PHE A 1 42  ? 2.588   4.035   -3.632  1.000 12.129 ? 40  PHE A CE2 1 
ATOM   305  C CZ  . PHE A 1 42  ? 1.396   3.804   -2.982  1.000 12.652 ? 40  PHE A CZ  1 
ATOM   306  N N   . HIS A 1 43  ? 0.931   0.043   -9.492  1.000 11.458 ? 41  HIS A N   1 
ATOM   307  C CA  . HIS A 1 43  ? 1.078   -0.638  -10.806 1.000 11.493 ? 41  HIS A CA  1 
ATOM   308  C C   . HIS A 1 43  ? 1.499   0.348   -11.899 1.000 11.919 ? 41  HIS A C   1 
ATOM   309  O O   . HIS A 1 43  ? 1.112   1.546   -11.834 1.000 11.898 ? 41  HIS A O   1 
ATOM   310  C CB  . HIS A 1 43  ? -0.240  -1.312  -11.205 1.000 11.958 ? 41  HIS A CB  1 
ATOM   311  C CG  . HIS A 1 43  ? -0.464  -2.627  -10.549 1.000 11.378 ? 41  HIS A CG  1 
ATOM   312  N ND1 . HIS A 1 43  ? -0.011  -3.811  -11.098 1.000 11.724 ? 41  HIS A ND1 1 
ATOM   313  C CD2 . HIS A 1 43  ? -1.117  -2.956  -9.410  1.000 11.869 ? 41  HIS A CD2 1 
ATOM   314  C CE1 . HIS A 1 43  ? -0.368  -4.814  -10.319 1.000 11.348 ? 41  HIS A CE1 1 
ATOM   315  N NE2 . HIS A 1 43  ? -1.048  -4.321  -9.285  1.000 11.492 ? 41  HIS A NE2 1 
ATOM   316  N N   . THR A 1 44  ? 2.190   -0.162  -12.919 1.000 12.131 ? 42  THR A N   1 
ATOM   317  C CA  . THR A 1 44  ? 2.632   0.630   -14.098 1.000 12.928 ? 42  THR A CA  1 
ATOM   318  C C   . THR A 1 44  ? 1.534   0.740   -15.168 1.000 13.787 ? 42  THR A C   1 
ATOM   319  O O   . THR A 1 44  ? 1.701   1.589   -16.055 1.000 15.066 ? 42  THR A O   1 
ATOM   320  C CB  . THR A 1 44  ? 3.907   0.030   -14.694 1.000 12.433 ? 42  THR A CB  1 
ATOM   321  O OG1 . THR A 1 44  ? 3.590   -1.307  -15.087 1.000 11.862 ? 42  THR A OG1 1 
ATOM   322  C CG2 . THR A 1 44  ? 5.056   0.062   -13.715 1.000 12.576 ? 42  THR A CG2 1 
ATOM   323  N N   . GLU A 1 45  ? 0.473   -0.077  -15.120 1.000 14.393 ? 43  GLU A N   1 
ATOM   324  C CA  . GLU A 1 45  ? -0.683  0.013   -16.059 1.000 16.442 ? 43  GLU A CA  1 
ATOM   325  C C   . GLU A 1 45  ? -1.970  -0.286  -15.287 1.000 16.829 ? 43  GLU A C   1 
ATOM   326  O O   . GLU A 1 45  ? -1.856  -0.729  -14.132 1.000 16.643 ? 43  GLU A O   1 
ATOM   327  C CB  . GLU A 1 45  ? -0.517  -0.961  -17.230 1.000 17.495 ? 43  GLU A CB  1 
ATOM   328  C CG  . GLU A 1 45  ? 0.743   -0.752  -18.051 1.000 18.541 ? 43  GLU A CG  1 
ATOM   329  C CD  . GLU A 1 45  ? 0.772   0.509   -18.903 1.000 19.907 ? 43  GLU A CD  1 
ATOM   330  O OE1 . GLU A 1 45  ? -0.279  1.148   -19.053 1.000 20.930 ? 43  GLU A OE1 1 
ATOM   331  O OE2 . GLU A 1 45  ? 1.857   0.866   -19.391 1.000 22.679 ? 43  GLU A OE2 1 
ATOM   332  N N   . MET A 1 46  ? -3.139  -0.080  -15.902 1.000 17.863 ? 44  MET A N   1 
ATOM   333  C CA  . MET A 1 46  ? -4.453  -0.423  -15.286 1.000 18.398 ? 44  MET A CA  1 
ATOM   334  C C   . MET A 1 46  ? -4.611  -1.945  -15.202 1.000 18.876 ? 44  MET A C   1 
ATOM   335  O O   . MET A 1 46  ? -5.299  -2.407  -14.298 1.000 19.939 ? 44  MET A O   1 
ATOM   336  C CB  . MET A 1 46  ? -5.627  0.174   -16.070 1.000 19.244 ? 44  MET A CB  1 
ATOM   337  C CG  . MET A 1 46  ? -5.711  1.692   -15.980 1.000 20.265 ? 44  MET A CG  1 
ATOM   338  S SD  . MET A 1 46  ? -5.915  2.325   -14.284 1.000 21.301 ? 44  MET A SD  1 
ATOM   339  C CE  . MET A 1 46  ? -7.507  1.627   -13.857 1.000 21.715 ? 44  MET A CE  1 
ATOM   340  N N   . LYS A 1 47  ? -3.991  -2.706  -16.101 1.000 20.354 ? 45  LYS A N   1 
ATOM   341  C CA  . LYS A 1 47  ? -4.031  -4.195  -16.065 1.000 21.210 ? 45  LYS A CA  1 
ATOM   342  C C   . LYS A 1 47  ? -3.435  -4.691  -14.738 1.000 19.747 ? 45  LYS A C   1 
ATOM   343  O O   . LYS A 1 47  ? -2.389  -4.201  -14.323 1.000 19.291 ? 45  LYS A O   1 
ATOM   344  C CB  . LYS A 1 47  ? -3.298  -4.784  -17.274 1.000 23.661 ? 45  LYS A CB  1 
ATOM   345  C CG  . LYS A 1 47  ? -4.047  -4.684  -18.601 1.000 26.574 ? 45  LYS A CG  1 
ATOM   346  C CD  . LYS A 1 47  ? -3.170  -4.242  -19.776 1.000 30.740 ? 45  LYS A CD  1 
ATOM   347  C CE  . LYS A 1 47  ? -2.433  -5.368  -20.473 1.000 33.030 ? 45  LYS A CE  1 
ATOM   348  N NZ  . LYS A 1 47  ? -3.008  -5.658  -21.812 1.000 34.997 ? 45  LYS A NZ  1 
ATOM   349  N N   . GLU A 1 48  ? -4.109  -5.637  -14.091 1.000 19.215 ? 46  GLU A N   1 
ATOM   350  C CA  . GLU A 1 48  ? -3.675  -6.245  -12.809 1.000 18.509 ? 46  GLU A CA  1 
ATOM   351  C C   . GLU A 1 48  ? -2.353  -7.013  -12.968 1.000 17.430 ? 46  GLU A C   1 
ATOM   352  O O   . GLU A 1 48  ? -1.610  -7.058  -11.984 1.000 16.948 ? 46  GLU A O   1 
ATOM   353  C CB  . GLU A 1 48  ? -4.812  -7.113  -12.274 1.000 19.197 ? 46  GLU A CB  1 
ATOM   354  C CG  . GLU A 1 48  ? -5.961  -6.258  -11.773 1.000 19.483 ? 46  GLU A CG  1 
ATOM   355  C CD  . GLU A 1 48  ? -7.162  -7.013  -11.248 1.000 19.874 ? 46  GLU A CD  1 
ATOM   356  O OE1 . GLU A 1 48  ? -7.345  -8.174  -11.659 1.000 19.628 ? 46  GLU A OE1 1 
ATOM   357  O OE2 . GLU A 1 48  ? -7.938  -6.408  -10.477 1.000 19.883 ? 46  GLU A OE2 1 
ATOM   358  N N   . GLU A 1 49  ? -2.053  -7.566  -14.153 1.000 16.975 ? 47  GLU A N   1 
ATOM   359  C CA  . GLU A 1 49  ? -0.833  -8.391  -14.407 1.000 17.142 ? 47  GLU A CA  1 
ATOM   360  C C   . GLU A 1 49  ? 0.376   -7.476  -14.643 1.000 15.650 ? 47  GLU A C   1 
ATOM   361  O O   . GLU A 1 49  ? 1.499   -7.998  -14.834 1.000 14.135 ? 47  GLU A O   1 
ATOM   362  C CB  . GLU A 1 49  ? -0.957  -9.312  -15.634 1.000 19.570 ? 47  GLU A CB  1 
ATOM   363  C CG  . GLU A 1 49  ? -2.366  -9.748  -15.989 1.000 22.186 ? 47  GLU A CG  1 
ATOM   364  C CD  . GLU A 1 49  ? -3.144  -8.727  -16.801 1.000 23.200 ? 47  GLU A CD  1 
ATOM   365  O OE1 . GLU A 1 49  ? -2.773  -8.464  -17.970 1.000 28.951 ? 47  GLU A OE1 1 
ATOM   366  O OE2 . GLU A 1 49  ? -4.087  -8.171  -16.249 1.000 23.333 ? 47  GLU A OE2 1 
ATOM   367  N N   . SER A 1 50  ? 0.165   -6.164  -14.715 1.000 14.605 ? 48  SER A N   1 
ATOM   368  C CA  . SER A 1 50  ? 1.248   -5.192  -14.995 1.000 13.781 ? 48  SER A CA  1 
ATOM   369  C C   . SER A 1 50  ? 2.227   -5.156  -13.824 1.000 13.252 ? 48  SER A C   1 
ATOM   370  O O   . SER A 1 50  ? 1.890   -5.614  -12.704 1.000 12.434 ? 48  SER A O   1 
ATOM   371  C CB  . SER A 1 50  ? 0.718   -3.815  -15.302 1.000 13.746 ? 48  SER A CB  1 
ATOM   372  O OG  . SER A 1 50  ? 0.208   -3.189  -14.138 1.000 14.075 ? 48  SER A OG  1 
ATOM   373  N N   . ASP A 1 51  ? 3.388   -4.583  -14.103 1.000 12.870 ? 49  ASP A N   1 
ATOM   374  C CA  . ASP A 1 51  ? 4.524   -4.449  -13.165 1.000 12.825 ? 49  ASP A CA  1 
ATOM   375  C C   . ASP A 1 51  ? 4.104   -3.621  -11.953 1.000 12.421 ? 49  ASP A C   1 
ATOM   376  O O   . ASP A 1 51  ? 3.134   -2.819  -12.047 1.000 12.055 ? 49  ASP A O   1 
ATOM   377  C CB  . ASP A 1 51  ? 5.724   -3.808  -13.861 1.000 12.809 ? 49  ASP A CB  1 
ATOM   378  C CG  . ASP A 1 51  ? 6.429   -4.741  -14.821 1.000 13.477 ? 49  ASP A CG  1 
ATOM   379  O OD1 . ASP A 1 51  ? 6.068   -5.940  -14.887 1.000 13.431 ? 49  ASP A OD1 1 
ATOM   380  O OD2 . ASP A 1 51  ? 7.336   -4.255  -15.502 1.000 13.027 ? 49  ASP A OD2 1 
ATOM   381  N N   . ILE A 1 52  ? 4.796   -3.860  -10.847 1.000 11.974 ? 50  ILE A N   1 
ATOM   382  C CA  . ILE A 1 52  ? 4.506   -3.250  -9.525  1.000 11.739 ? 50  ILE A CA  1 
ATOM   383  C C   . ILE A 1 52  ? 5.780   -2.548  -9.072  1.000 11.582 ? 50  ILE A C   1 
ATOM   384  O O   . ILE A 1 52  ? 6.770   -3.224  -8.780  1.000 10.557 ? 50  ILE A O   1 
ATOM   385  C CB  . ILE A 1 52  ? 3.998   -4.267  -8.488  1.000 12.115 ? 50  ILE A CB  1 
ATOM   386  C CG1 . ILE A 1 52  ? 2.730   -4.995  -8.954  1.000 12.487 ? 50  ILE A CG1 1 
ATOM   387  C CG2 . ILE A 1 52  ? 3.774   -3.569  -7.150  1.000 11.811 ? 50  ILE A CG2 1 
ATOM   388  C CD1 . ILE A 1 52  ? 2.323   -6.164  -8.081  1.000 12.435 ? 50  ILE A CD1 1 
ATOM   389  N N   . VAL A 1 53  ? 5.718   -1.229  -9.053  1.000 11.906 ? 51  VAL A N   1 
ATOM   390  C CA  . VAL A 1 53  ? 6.796   -0.313  -8.593  1.000 12.449 ? 51  VAL A CA  1 
ATOM   391  C C   . VAL A 1 53  ? 6.959   -0.482  -7.077  1.000 11.860 ? 51  VAL A C   1 
ATOM   392  O O   . VAL A 1 53  ? 8.097   -0.363  -6.569  1.000 11.600 ? 51  VAL A O   1 
ATOM   393  C CB  . VAL A 1 53  ? 6.396   1.115   -9.012  1.000 13.676 ? 51  VAL A CB  1 
ATOM   394  C CG1 . VAL A 1 53  ? 7.210   2.199   -8.352  1.000 14.660 ? 51  VAL A CG1 1 
ATOM   395  C CG2 . VAL A 1 53  ? 6.440   1.250   -10.526 1.000 13.659 ? 51  VAL A CG2 1 
ATOM   396  N N   . PHE A 1 54  ? 5.843   -0.696  -6.374  1.000 11.607 ? 52  PHE A N   1 
ATOM   397  C CA  . PHE A 1 54  ? 5.794   -0.807  -4.893  1.000 12.040 ? 52  PHE A CA  1 
ATOM   398  C C   . PHE A 1 54  ? 4.694   -1.790  -4.494  1.000 11.431 ? 52  PHE A C   1 
ATOM   399  O O   . PHE A 1 54  ? 3.514   -1.509  -4.710  1.000 10.720 ? 52  PHE A O   1 
ATOM   400  C CB  . PHE A 1 54  ? 5.552   0.543   -4.211  1.000 12.383 ? 52  PHE A CB  1 
ATOM   401  C CG  . PHE A 1 54  ? 5.597   0.492   -2.704  1.000 12.649 ? 52  PHE A CG  1 
ATOM   402  C CD1 . PHE A 1 54  ? 6.611   -0.186  -2.046  1.000 13.150 ? 52  PHE A CD1 1 
ATOM   403  C CD2 . PHE A 1 54  ? 4.617   1.114   -1.937  1.000 13.326 ? 52  PHE A CD2 1 
ATOM   404  C CE1 . PHE A 1 54  ? 6.661   -0.236  -0.660  1.000 13.158 ? 52  PHE A CE1 1 
ATOM   405  C CE2 . PHE A 1 54  ? 4.683   1.088   -0.551  1.000 13.408 ? 52  PHE A CE2 1 
ATOM   406  C CZ  . PHE A 1 54  ? 5.704   0.415   0.086   1.000 13.522 ? 52  PHE A CZ  1 
ATOM   407  N N   . HIS A 1 55  ? 5.114   -2.915  -3.922  1.000 11.186 ? 53  HIS A N   1 
ATOM   408  C CA  . HIS A 1 55  ? 4.252   -3.987  -3.364  1.000 11.145 ? 53  HIS A CA  1 
ATOM   409  C C   . HIS A 1 55  ? 4.406   -3.938  -1.844  1.000 11.399 ? 53  HIS A C   1 
ATOM   410  O O   . HIS A 1 55  ? 5.553   -3.915  -1.365  1.000 11.665 ? 53  HIS A O   1 
ATOM   411  C CB  . HIS A 1 55  ? 4.641   -5.325  -4.014  1.000 11.076 ? 53  HIS A CB  1 
ATOM   412  C CG  . HIS A 1 55  ? 4.222   -6.564  -3.290  1.000 11.256 ? 53  HIS A CG  1 
ATOM   413  N ND1 . HIS A 1 55  ? 2.915   -6.998  -3.264  1.000 11.623 ? 53  HIS A ND1 1 
ATOM   414  C CD2 . HIS A 1 55  ? 4.948   -7.502  -2.647  1.000 11.336 ? 53  HIS A CD2 1 
ATOM   415  C CE1 . HIS A 1 55  ? 2.854   -8.158  -2.620  1.000 11.644 ? 53  HIS A CE1 1 
ATOM   416  N NE2 . HIS A 1 55  ? 4.094   -8.486  -2.228  1.000 10.839 ? 53  HIS A NE2 1 
ATOM   417  N N   . PHE A 1 56  ? 3.294   -3.856  -1.125  1.000 11.319 ? 54  PHE A N   1 
ATOM   418  C CA  . PHE A 1 56  ? 3.251   -3.706  0.347   1.000 10.768 ? 54  PHE A CA  1 
ATOM   419  C C   . PHE A 1 56  ? 2.213   -4.701  0.852   1.000 10.910 ? 54  PHE A C   1 
ATOM   420  O O   . PHE A 1 56  ? 1.025   -4.504  0.562   1.000 9.462  ? 54  PHE A O   1 
ATOM   421  C CB  . PHE A 1 56  ? 2.899   -2.267  0.727   1.000 11.035 ? 54  PHE A CB  1 
ATOM   422  C CG  . PHE A 1 56  ? 2.752   -2.035  2.208   1.000 11.024 ? 54  PHE A CG  1 
ATOM   423  C CD1 . PHE A 1 56  ? 3.864   -1.825  3.007   1.000 11.296 ? 54  PHE A CD1 1 
ATOM   424  C CD2 . PHE A 1 56  ? 1.506   -2.043  2.816   1.000 10.828 ? 54  PHE A CD2 1 
ATOM   425  C CE1 . PHE A 1 56  ? 3.734   -1.605  4.368   1.000 10.704 ? 54  PHE A CE1 1 
ATOM   426  C CE2 . PHE A 1 56  ? 1.382   -1.835  4.180   1.000 11.046 ? 54  PHE A CE2 1 
ATOM   427  C CZ  . PHE A 1 56  ? 2.492   -1.616  4.955   1.000 10.999 ? 54  PHE A CZ  1 
ATOM   428  N N   . GLN A 1 57  ? 2.657   -5.751  1.534   1.000 11.070 ? 55  GLN A N   1 
ATOM   429  C CA  . GLN A 1 57  ? 1.780   -6.869  1.945   1.000 11.973 ? 55  GLN A CA  1 
ATOM   430  C C   . GLN A 1 57  ? 1.925   -7.108  3.444   1.000 11.663 ? 55  GLN A C   1 
ATOM   431  O O   . GLN A 1 57  ? 3.022   -7.481  3.895   1.000 11.522 ? 55  GLN A O   1 
ATOM   432  C CB  . GLN A 1 57  ? 2.104   -8.140  1.167   1.000 12.396 ? 55  GLN A CB  1 
ATOM   433  C CG  . GLN A 1 57  ? 1.154   -9.291  1.472   1.000 13.754 ? 55  GLN A CG  1 
ATOM   434  C CD  . GLN A 1 57  ? 1.656   -10.616 0.953   1.000 15.338 ? 55  GLN A CD  1 
ATOM   435  O OE1 . GLN A 1 57  ? 2.629   -11.177 1.470   1.000 18.080 ? 55  GLN A OE1 1 
ATOM   436  N NE2 . GLN A 1 57  ? 0.971   -11.147 -0.049  1.000 15.899 ? 55  GLN A NE2 1 
ATOM   437  N N   . VAL A 1 58  ? 0.838   -6.910  4.175   1.000 12.568 ? 56  VAL A N   1 
ATOM   438  C CA  . VAL A 1 58  ? 0.787   -7.115  5.647   1.000 12.754 ? 56  VAL A CA  1 
ATOM   439  C C   . VAL A 1 58  ? 0.178   -8.494  5.853   1.000 13.413 ? 56  VAL A C   1 
ATOM   440  O O   . VAL A 1 58  ? -0.887  -8.744  5.301   1.000 13.640 ? 56  VAL A O   1 
ATOM   441  C CB  . VAL A 1 58  ? -0.039  -6.020  6.341   1.000 13.259 ? 56  VAL A CB  1 
ATOM   442  C CG1 . VAL A 1 58  ? -0.033  -6.183  7.852   1.000 12.976 ? 56  VAL A CG1 1 
ATOM   443  C CG2 . VAL A 1 58  ? 0.415   -4.633  5.932   1.000 13.027 ? 56  VAL A CG2 1 
ATOM   444  N N   . CYS A 1 59  ? 0.841   -9.349  6.619   1.000 13.831 ? 57  CYS A N   1 
ATOM   445  C CA  . CYS A 1 59  ? 0.187   -10.441 7.375   1.000 14.534 ? 57  CYS A CA  1 
ATOM   446  C C   . CYS A 1 59  ? -0.071  -9.949  8.804   1.000 13.883 ? 57  CYS A C   1 
ATOM   447  O O   . CYS A 1 59  ? 0.861   -9.883  9.601   1.000 13.619 ? 57  CYS A O   1 
ATOM   448  C CB  . CYS A 1 59  ? 1.039   -11.702 7.325   1.000 15.678 ? 57  CYS A CB  1 
ATOM   449  S SG  . CYS A 1 59  ? 0.222   -13.101 8.131   1.000 17.659 ? 57  CYS A SG  1 
ATOM   450  N N   . PHE A 1 60  ? -1.296  -9.516  9.073   1.000 13.820 ? 58  PHE A N   1 
ATOM   451  C CA  . PHE A 1 60  ? -1.687  -8.820  10.318  1.000 13.677 ? 58  PHE A CA  1 
ATOM   452  C C   . PHE A 1 60  ? -1.279  -9.692  11.509  1.000 14.620 ? 58  PHE A C   1 
ATOM   453  O O   . PHE A 1 60  ? -1.614  -10.920 11.525  1.000 14.378 ? 58  PHE A O   1 
ATOM   454  C CB  . PHE A 1 60  ? -3.181  -8.503  10.302  1.000 13.874 ? 58  PHE A CB  1 
ATOM   455  C CG  . PHE A 1 60  ? -3.595  -7.308  9.482   1.000 13.747 ? 58  PHE A CG  1 
ATOM   456  C CD1 . PHE A 1 60  ? -3.279  -6.021  9.889   1.000 13.334 ? 58  PHE A CD1 1 
ATOM   457  C CD2 . PHE A 1 60  ? -4.339  -7.456  8.318   1.000 13.628 ? 58  PHE A CD2 1 
ATOM   458  C CE1 . PHE A 1 60  ? -3.669  -4.924  9.136   1.000 13.075 ? 58  PHE A CE1 1 
ATOM   459  C CE2 . PHE A 1 60  ? -4.756  -6.358  7.583   1.000 13.397 ? 58  PHE A CE2 1 
ATOM   460  C CZ  . PHE A 1 60  ? -4.418  -5.088  7.998   1.000 13.532 ? 58  PHE A CZ  1 
ATOM   461  N N   . GLY A 1 61  ? -0.555  -9.084  12.455  1.000 15.645 ? 59  GLY A N   1 
ATOM   462  C CA  . GLY A 1 61  ? -0.069  -9.735  13.686  1.000 17.550 ? 59  GLY A CA  1 
ATOM   463  C C   . GLY A 1 61  ? 1.311   -10.352 13.523  1.000 18.825 ? 59  GLY A C   1 
ATOM   464  O O   . GLY A 1 61  ? 1.864   -10.823 14.546  1.000 19.808 ? 59  GLY A O   1 
ATOM   465  N N   . ARG A 1 62  ? 1.855   -10.418 12.305  1.000 19.278 ? 60  ARG A N   1 
ATOM   466  C CA  . ARG A 1 62  ? 2.999   -11.319 12.020  1.000 21.031 ? 60  ARG A CA  1 
ATOM   467  C C   . ARG A 1 62  ? 4.129   -10.557 11.330  1.000 19.371 ? 60  ARG A C   1 
ATOM   468  O O   . ARG A 1 62  ? 5.222   -10.463 11.914  1.000 17.003 ? 60  ARG A O   1 
ATOM   469  C CB  . ARG A 1 62  ? 2.541   -12.517 11.191  1.000 25.193 ? 60  ARG A CB  1 
ATOM   470  C CG  . ARG A 1 62  ? 3.601   -13.600 11.105  1.000 29.821 ? 60  ARG A CG  1 
ATOM   471  C CD  . ARG A 1 62  ? 2.994   -14.938 10.771  1.000 34.957 ? 60  ARG A CD  1 
ATOM   472  N NE  . ARG A 1 62  ? 3.997   -15.991 10.763  1.000 40.083 ? 60  ARG A NE  1 
ATOM   473  C CZ  . ARG A 1 62  ? 3.921   -17.137 10.077  1.000 44.480 ? 60  ARG A CZ  1 
ATOM   474  N NH1 . ARG A 1 62  ? 4.907   -18.016 10.173  1.000 45.860 ? 60  ARG A NH1 1 
ATOM   475  N NH2 . ARG A 1 62  ? 2.880   -17.404 9.297   1.000 44.428 ? 60  ARG A NH2 1 
ATOM   476  N N   . ARG A 1 63  ? 3.915   -10.074 10.111  1.000 18.365 ? 61  ARG A N   1 
ATOM   477  C CA  . ARG A 1 63  ? 5.023   -9.466  9.332   1.000 18.979 ? 61  ARG A CA  1 
ATOM   478  C C   . ARG A 1 63  ? 4.494   -8.680  8.136   1.000 17.328 ? 61  ARG A C   1 
ATOM   479  O O   . ARG A 1 63  ? 3.316   -8.784  7.805   1.000 16.559 ? 61  ARG A O   1 
ATOM   480  C CB  . ARG A 1 63  ? 5.962   -10.560 8.822   1.000 20.927 ? 61  ARG A CB  1 
ATOM   481  C CG  . ARG A 1 63  ? 5.273   -11.568 7.916   1.000 23.567 ? 61  ARG A CG  1 
ATOM   482  C CD  . ARG A 1 63  ? 6.177   -12.162 6.869   1.000 26.727 ? 61  ARG A CD  1 
ATOM   483  N NE  . ARG A 1 63  ? 5.448   -12.690 5.720   1.000 29.504 ? 61  ARG A NE  1 
ATOM   484  C CZ  . ARG A 1 63  ? 6.002   -13.383 4.724   1.000 31.364 ? 61  ARG A CZ  1 
ATOM   485  N NH1 . ARG A 1 63  ? 7.304   -13.629 4.715   1.000 33.057 ? 61  ARG A NH1 1 
ATOM   486  N NH2 . ARG A 1 63  ? 5.252   -13.824 3.731   1.000 31.312 ? 61  ARG A NH2 1 
ATOM   487  N N   . VAL A 1 64  ? 5.405   -7.975  7.481   1.000 16.150 ? 62  VAL A N   1 
ATOM   488  C CA  . VAL A 1 64  ? 5.152   -7.179  6.263   1.000 15.426 ? 62  VAL A CA  1 
ATOM   489  C C   . VAL A 1 64  ? 6.274   -7.545  5.307   1.000 14.527 ? 62  VAL A C   1 
ATOM   490  O O   . VAL A 1 64  ? 7.414   -7.677  5.770   1.000 13.431 ? 62  VAL A O   1 
ATOM   491  C CB  . VAL A 1 64  ? 5.123   -5.678  6.602   1.000 15.872 ? 62  VAL A CB  1 
ATOM   492  C CG1 . VAL A 1 64  ? 5.166   -4.798  5.372   1.000 16.478 ? 62  VAL A CG1 1 
ATOM   493  C CG2 . VAL A 1 64  ? 3.918   -5.344  7.477   1.000 15.996 ? 62  VAL A CG2 1 
ATOM   494  N N   . VAL A 1 65  ? 5.950   -7.727  4.036   1.000 14.249 ? 63  VAL A N   1 
ATOM   495  C CA  . VAL A 1 65  ? 6.967   -7.821  2.958   1.000 14.402 ? 63  VAL A CA  1 
ATOM   496  C C   . VAL A 1 65  ? 6.688   -6.693  1.971   1.000 14.221 ? 63  VAL A C   1 
ATOM   497  O O   . VAL A 1 65  ? 5.499   -6.328  1.758   1.000 13.959 ? 63  VAL A O   1 
ATOM   498  C CB  . VAL A 1 65  ? 7.019   -9.213  2.303   1.000 14.881 ? 63  VAL A CB  1 
ATOM   499  C CG1 . VAL A 1 65  ? 7.273   -10.293 3.339   1.000 15.482 ? 63  VAL A CG1 1 
ATOM   500  C CG2 . VAL A 1 65  ? 5.786   -9.535  1.482   1.000 15.402 ? 63  VAL A CG2 1 
ATOM   501  N N   . MET A 1 66  ? 7.771   -6.096  1.487   1.000 13.632 ? 64  MET A N   1 
ATOM   502  C CA  . MET A 1 66  ? 7.755   -5.119  0.387   1.000 13.901 ? 64  MET A CA  1 
ATOM   503  C C   . MET A 1 66  ? 8.632   -5.645  -0.753  1.000 13.330 ? 64  MET A C   1 
ATOM   504  O O   . MET A 1 66  ? 9.594   -6.385  -0.493  1.000 14.017 ? 64  MET A O   1 
ATOM   505  C CB  . MET A 1 66  ? 8.218   -3.757  0.895   1.000 13.688 ? 64  MET A CB  1 
ATOM   506  C CG  . MET A 1 66  ? 7.241   -3.177  1.896   1.000 14.376 ? 64  MET A CG  1 
ATOM   507  S SD  . MET A 1 66  ? 7.951   -1.837  2.851   1.000 14.596 ? 64  MET A SD  1 
ATOM   508  C CE  . MET A 1 66  ? 8.886   -2.734  4.085   1.000 15.755 ? 64  MET A CE  1 
ATOM   509  N N   . ASN A 1 67  ? 8.255   -5.335  -1.986  1.000 13.012 ? 65  ASN A N   1 
ATOM   510  C CA  . ASN A 1 67  ? 9.016   -5.771  -3.180  1.000 12.492 ? 65  ASN A CA  1 
ATOM   511  C C   . ASN A 1 67  ? 8.616   -4.899  -4.369  1.000 12.005 ? 65  ASN A C   1 
ATOM   512  O O   . ASN A 1 67  ? 7.786   -3.993  -4.213  1.000 12.066 ? 65  ASN A O   1 
ATOM   513  C CB  . ASN A 1 67  ? 8.804   -7.259  -3.486  1.000 12.415 ? 65  ASN A CB  1 
ATOM   514  C CG  . ASN A 1 67  ? 10.015  -7.947  -4.080  1.000 13.028 ? 65  ASN A CG  1 
ATOM   515  O OD1 . ASN A 1 67  ? 10.866  -7.309  -4.712  1.000 12.763 ? 65  ASN A OD1 1 
ATOM   516  N ND2 . ASN A 1 67  ? 10.106  -9.257  -3.874  1.000 12.598 ? 65  ASN A ND2 1 
ATOM   517  N N   . SER A 1 68  ? 9.210   -5.197  -5.516  1.000 11.817 ? 66  SER A N   1 
ATOM   518  C CA  . SER A 1 68  ? 8.792   -4.724  -6.850  1.000 11.756 ? 66  SER A CA  1 
ATOM   519  C C   . SER A 1 68  ? 8.637   -5.951  -7.753  1.000 11.981 ? 66  SER A C   1 
ATOM   520  O O   . SER A 1 68  ? 9.298   -6.993  -7.487  1.000 12.903 ? 66  SER A O   1 
ATOM   521  C CB  . SER A 1 68  ? 9.782   -3.734  -7.386  1.000 11.772 ? 66  SER A CB  1 
ATOM   522  O OG  . SER A 1 68  ? 11.082  -4.308  -7.470  1.000 11.328 ? 66  SER A OG  1 
ATOM   523  N N   . ARG A 1 69  ? 7.781   -5.832  -8.764  1.000 12.126 ? 67  ARG A N   1 
ATOM   524  C CA  . ARG A 1 69  ? 7.652   -6.814  -9.857  1.000 12.206 ? 67  ARG A CA  1 
ATOM   525  C C   . ARG A 1 69  ? 7.945   -6.105  -11.176 1.000 12.391 ? 67  ARG A C   1 
ATOM   526  O O   . ARG A 1 69  ? 7.178   -5.193  -11.527 1.000 12.253 ? 67  ARG A O   1 
ATOM   527  C CB  . ARG A 1 69  ? 6.258   -7.438  -9.850  1.000 12.362 ? 67  ARG A CB  1 
ATOM   528  C CG  . ARG A 1 69  ? 6.142   -8.562  -10.865 1.000 12.881 ? 67  ARG A CG  1 
ATOM   529  C CD  . ARG A 1 69  ? 4.884   -9.345  -10.663 1.000 12.702 ? 67  ARG A CD  1 
ATOM   530  N NE  . ARG A 1 69  ? 3.740   -8.590  -11.144 1.000 12.740 ? 67  ARG A NE  1 
ATOM   531  C CZ  . ARG A 1 69  ? 2.483   -8.787  -10.762 1.000 13.372 ? 67  ARG A CZ  1 
ATOM   532  N NH1 . ARG A 1 69  ? 2.192   -9.720  -9.867  1.000 13.380 ? 67  ARG A NH1 1 
ATOM   533  N NH2 . ARG A 1 69  ? 1.514   -8.045  -11.270 1.000 13.247 ? 67  ARG A NH2 1 
ATOM   534  N N   . GLU A 1 70  ? 9.051   -6.479  -11.818 1.000 12.601 ? 68  GLU A N   1 
ATOM   535  C CA  . GLU A 1 70  ? 9.674   -5.748  -12.948 1.000 13.270 ? 68  GLU A CA  1 
ATOM   536  C C   . GLU A 1 70  ? 9.758   -6.712  -14.144 1.000 13.655 ? 68  GLU A C   1 
ATOM   537  O O   . GLU A 1 70  ? 10.355  -7.794  -13.993 1.000 12.133 ? 68  GLU A O   1 
ATOM   538  C CB  . GLU A 1 70  ? 11.023  -5.194  -12.481 1.000 14.082 ? 68  GLU A CB  1 
ATOM   539  C CG  . GLU A 1 70  ? 10.945  -4.382  -11.186 1.000 13.931 ? 68  GLU A CG  1 
ATOM   540  C CD  . GLU A 1 70  ? 12.240  -3.683  -10.795 1.000 15.251 ? 68  GLU A CD  1 
ATOM   541  O OE1 . GLU A 1 70  ? 13.077  -3.455  -11.704 1.000 16.107 ? 68  GLU A OE1 1 
ATOM   542  O OE2 . GLU A 1 70  ? 12.434  -3.391  -9.587  1.000 15.060 ? 68  GLU A OE2 1 
ATOM   543  N N   . TYR A 1 71  ? 9.154   -6.344  -15.277 1.000 14.514 ? 69  TYR A N   1 
ATOM   544  C CA  . TYR A 1 71  ? 9.014   -7.191  -16.489 1.000 15.747 ? 69  TYR A CA  1 
ATOM   545  C C   . TYR A 1 71  ? 8.544   -8.596  -16.089 1.000 15.958 ? 69  TYR A C   1 
ATOM   546  O O   . TYR A 1 71  ? 9.115   -9.585  -16.589 1.000 15.829 ? 69  TYR A O   1 
ATOM   547  C CB  . TYR A 1 71  ? 10.345  -7.199  -17.248 1.000 17.396 ? 69  TYR A CB  1 
ATOM   548  C CG  . TYR A 1 71  ? 10.892  -5.819  -17.504 1.000 19.123 ? 69  TYR A CG  1 
ATOM   549  C CD1 . TYR A 1 71  ? 10.499  -5.080  -18.607 1.000 20.652 ? 69  TYR A CD1 1 
ATOM   550  C CD2 . TYR A 1 71  ? 11.785  -5.239  -16.614 1.000 21.050 ? 69  TYR A CD2 1 
ATOM   551  C CE1 . TYR A 1 71  ? 10.983  -3.797  -18.824 1.000 21.373 ? 69  TYR A CE1 1 
ATOM   552  C CE2 . TYR A 1 71  ? 12.280  -3.962  -16.816 1.000 22.220 ? 69  TYR A CE2 1 
ATOM   553  C CZ  . TYR A 1 71  ? 11.883  -3.241  -17.931 1.000 21.708 ? 69  TYR A CZ  1 
ATOM   554  O OH  . TYR A 1 71  ? 12.398  -1.992  -18.121 1.000 24.619 ? 69  TYR A OH  1 
ATOM   555  N N   . GLY A 1 72  ? 7.546   -8.659  -15.201 1.000 15.138 ? 70  GLY A N   1 
ATOM   556  C CA  . GLY A 1 72  ? 6.819   -9.888  -14.823 1.000 15.651 ? 70  GLY A CA  1 
ATOM   557  C C   . GLY A 1 72  ? 7.456   -10.671 -13.681 1.000 15.967 ? 70  GLY A C   1 
ATOM   558  O O   . GLY A 1 72  ? 6.814   -11.651 -13.261 1.000 16.359 ? 70  GLY A O   1 
ATOM   559  N N   . ALA A 1 73  ? 8.648   -10.290 -13.194 1.000 16.553 ? 71  ALA A N   1 
ATOM   560  C CA  . ALA A 1 73  ? 9.479   -11.081 -12.251 1.000 16.838 ? 71  ALA A CA  1 
ATOM   561  C C   . ALA A 1 73  ? 9.641   -10.336 -10.918 1.000 16.454 ? 71  ALA A C   1 
ATOM   562  O O   . ALA A 1 73  ? 10.003  -9.144  -10.926 1.000 16.210 ? 71  ALA A O   1 
ATOM   563  C CB  . ALA A 1 73  ? 10.825  -11.365 -12.872 1.000 17.521 ? 71  ALA A CB  1 
ATOM   564  N N   . TRP A 1 74  ? 9.405   -11.022 -9.796  1.000 16.712 ? 72  TRP A N   1 
ATOM   565  C CA  . TRP A 1 74  ? 9.583   -10.444 -8.437  1.000 17.777 ? 72  TRP A CA  1 
ATOM   566  C C   . TRP A 1 74  ? 11.070  -10.200 -8.175  1.000 18.526 ? 72  TRP A C   1 
ATOM   567  O O   . TRP A 1 74  ? 11.889  -11.036 -8.577  1.000 18.904 ? 72  TRP A O   1 
ATOM   568  C CB  . TRP A 1 74  ? 8.956   -11.351 -7.376  1.000 17.842 ? 72  TRP A CB  1 
ATOM   569  C CG  . TRP A 1 74  ? 7.470   -11.455 -7.483  1.000 18.524 ? 72  TRP A CG  1 
ATOM   570  C CD1 . TRP A 1 74  ? 6.751   -12.484 -8.017  1.000 19.479 ? 72  TRP A CD1 1 
ATOM   571  C CD2 . TRP A 1 74  ? 6.512   -10.486 -7.031  1.000 18.642 ? 72  TRP A CD2 1 
ATOM   572  N NE1 . TRP A 1 74  ? 5.410   -12.223 -7.918  1.000 19.081 ? 72  TRP A NE1 1 
ATOM   573  C CE2 . TRP A 1 74  ? 5.233   -11.001 -7.328  1.000 18.867 ? 72  TRP A CE2 1 
ATOM   574  C CE3 . TRP A 1 74  ? 6.611   -9.237  -6.413  1.000 18.185 ? 72  TRP A CE3 1 
ATOM   575  C CZ2 . TRP A 1 74  ? 4.064   -10.310 -7.013  1.000 19.187 ? 72  TRP A CZ2 1 
ATOM   576  C CZ3 . TRP A 1 74  ? 5.456   -8.552  -6.110  1.000 18.528 ? 72  TRP A CZ3 1 
ATOM   577  C CH2 . TRP A 1 74  ? 4.200   -9.085  -6.400  1.000 18.475 ? 72  TRP A CH2 1 
ATOM   578  N N   . LYS A 1 75  ? 11.390  -9.087  -7.528  1.000 19.084 ? 73  LYS A N   1 
ATOM   579  C CA  . LYS A 1 75  ? 12.779  -8.671  -7.215  1.000 19.933 ? 73  LYS A CA  1 
ATOM   580  C C   . LYS A 1 75  ? 13.107  -9.070  -5.769  1.000 18.794 ? 73  LYS A C   1 
ATOM   581  O O   . LYS A 1 75  ? 12.465  -10.005 -5.265  1.000 17.017 ? 73  LYS A O   1 
ATOM   582  C CB  . LYS A 1 75  ? 12.876  -7.188  -7.577  1.000 21.392 ? 73  LYS A CB  1 
ATOM   583  C CG  . LYS A 1 75  ? 12.927  -6.966  -9.076  1.000 23.387 ? 73  LYS A CG  1 
ATOM   584  C CD  . LYS A 1 75  ? 14.316  -7.217  -9.636  1.000 26.797 ? 73  LYS A CD  1 
ATOM   585  C CE  . LYS A 1 75  ? 14.311  -7.848  -11.003 1.000 29.183 ? 73  LYS A CE  1 
ATOM   586  N NZ  . LYS A 1 75  ? 15.653  -7.740  -11.622 1.000 31.590 ? 73  LYS A NZ  1 
ATOM   587  N N   . GLN A 1 76  ? 14.070  -8.402  -5.126  1.000 20.199 ? 74  GLN A N   1 
ATOM   588  C CA  . GLN A 1 76  ? 14.551  -8.753  -3.765  1.000 21.918 ? 74  GLN A CA  1 
ATOM   589  C C   . GLN A 1 76  ? 13.497  -8.321  -2.740  1.000 20.290 ? 74  GLN A C   1 
ATOM   590  O O   . GLN A 1 76  ? 13.186  -7.118  -2.667  1.000 18.450 ? 74  GLN A O   1 
ATOM   591  C CB  . GLN A 1 76  ? 15.910  -8.099  -3.490  1.000 25.221 ? 74  GLN A CB  1 
ATOM   592  C CG  . GLN A 1 76  ? 16.486  -8.392  -2.112  1.000 29.374 ? 74  GLN A CG  1 
ATOM   593  C CD  . GLN A 1 76  ? 16.420  -9.853  -1.744  1.000 32.730 ? 74  GLN A CD  1 
ATOM   594  O OE1 . GLN A 1 76  ? 16.012  -10.217 -0.641  1.000 39.125 ? 74  GLN A OE1 1 
ATOM   595  N NE2 . GLN A 1 76  ? 16.816  -10.709 -2.674  1.000 36.625 ? 74  GLN A NE2 1 
ATOM   596  N N   . GLN A 1 77  ? 12.999  -9.278  -1.958  1.000 19.322 ? 75  GLN A N   1 
ATOM   597  C CA  . GLN A 1 77  ? 12.029  -9.043  -0.855  1.000 20.096 ? 75  GLN A CA  1 
ATOM   598  C C   . GLN A 1 77  ? 12.705  -8.294  0.301   1.000 19.713 ? 75  GLN A C   1 
ATOM   599  O O   . GLN A 1 77  ? 13.828  -8.662  0.682   1.000 20.149 ? 75  GLN A O   1 
ATOM   600  C CB  . GLN A 1 77  ? 11.436  -10.376 -0.408  1.000 20.226 ? 75  GLN A CB  1 
ATOM   601  C CG  . GLN A 1 77  ? 10.494  -10.253 0.773   1.000 21.059 ? 75  GLN A CG  1 
ATOM   602  C CD  . GLN A 1 77  ? 9.610   -11.470 0.868   1.000 20.586 ? 75  GLN A CD  1 
ATOM   603  O OE1 . GLN A 1 77  ? 8.602   -11.573 0.184   1.000 19.996 ? 75  GLN A OE1 1 
ATOM   604  N NE2 . GLN A 1 77  ? 9.992   -12.404 1.724   1.000 21.759 ? 75  GLN A NE2 1 
ATOM   605  N N   . VAL A 1 78  ? 12.039  -7.269  0.835   1.000 18.039 ? 76  VAL A N   1 
ATOM   606  C CA  . VAL A 1 78  ? 12.326  -6.666  2.166   1.000 18.051 ? 76  VAL A CA  1 
ATOM   607  C C   . VAL A 1 78  ? 11.259  -7.196  3.127   1.000 18.116 ? 76  VAL A C   1 
ATOM   608  O O   . VAL A 1 78  ? 10.061  -7.023  2.822   1.000 16.347 ? 76  VAL A O   1 
ATOM   609  C CB  . VAL A 1 78  ? 12.320  -5.126  2.084   1.000 18.382 ? 76  VAL A CB  1 
ATOM   610  C CG1 . VAL A 1 78  ? 12.575  -4.465  3.430   1.000 18.544 ? 76  VAL A CG1 1 
ATOM   611  C CG2 . VAL A 1 78  ? 13.304  -4.615  1.050   1.000 19.149 ? 76  VAL A CG2 1 
ATOM   612  N N   . GLU A 1 79  ? 11.671  -7.822  4.229   1.000 17.883 ? 77  GLU A N   1 
ATOM   613  C CA  . GLU A 1 79  ? 10.737  -8.325  5.277   1.000 18.769 ? 77  GLU A CA  1 
ATOM   614  C C   . GLU A 1 79  ? 10.919  -7.504  6.553   1.000 16.841 ? 77  GLU A C   1 
ATOM   615  O O   . GLU A 1 79  ? 12.079  -7.307  6.953   1.000 17.046 ? 77  GLU A O   1 
ATOM   616  C CB  . GLU A 1 79  ? 10.966  -9.809  5.546   1.000 20.609 ? 77  GLU A CB  1 
ATOM   617  C CG  . GLU A 1 79  ? 9.925   -10.406 6.475   1.000 23.333 ? 77  GLU A CG  1 
ATOM   618  C CD  . GLU A 1 79  ? 10.154  -11.867 6.821   1.000 25.806 ? 77  GLU A CD  1 
ATOM   619  O OE1 . GLU A 1 79  ? 11.282  -12.359 6.616   1.000 29.444 ? 77  GLU A OE1 1 
ATOM   620  O OE2 . GLU A 1 79  ? 9.210   -12.499 7.303   1.000 28.988 ? 77  GLU A OE2 1 
ATOM   621  N N   . SER A 1 80  ? 9.814   -7.060  7.162   1.000 15.441 ? 78  SER A N   1 
ATOM   622  C CA  . SER A 1 80  ? 9.775   -6.334  8.459   1.000 15.103 ? 78  SER A CA  1 
ATOM   623  C C   . SER A 1 80  ? 8.885   -7.091  9.447   1.000 15.404 ? 78  SER A C   1 
ATOM   624  O O   . SER A 1 80  ? 7.799   -7.558  9.035   1.000 14.509 ? 78  SER A O   1 
ATOM   625  C CB  . SER A 1 80  ? 9.288   -4.925  8.281   1.000 14.624 ? 78  SER A CB  1 
ATOM   626  O OG  . SER A 1 80  ? 9.139   -4.288  9.540   1.000 13.547 ? 78  SER A OG  1 
ATOM   627  N N   . LYS A 1 81  ? 9.324   -7.189  10.701  1.000 16.473 ? 79  LYS A N   1 
ATOM   628  C CA  . LYS A 1 81  ? 8.512   -7.704  11.834  1.000 17.740 ? 79  LYS A CA  1 
ATOM   629  C C   . LYS A 1 81  ? 7.865   -6.542  12.598  1.000 16.940 ? 79  LYS A C   1 
ATOM   630  O O   . LYS A 1 81  ? 7.139   -6.809  13.560  1.000 16.646 ? 79  LYS A O   1 
ATOM   631  C CB  . LYS A 1 81  ? 9.380   -8.560  12.760  1.000 19.647 ? 79  LYS A CB  1 
ATOM   632  C CG  . LYS A 1 81  ? 10.079  -9.739  12.095  1.000 23.056 ? 79  LYS A CG  1 
ATOM   633  C CD  . LYS A 1 81  ? 9.129   -10.762 11.526  1.000 26.274 ? 79  LYS A CD  1 
ATOM   634  C CE  . LYS A 1 81  ? 9.829   -12.026 11.062  1.000 29.283 ? 79  LYS A CE  1 
ATOM   635  N NZ  . LYS A 1 81  ? 8.979   -13.215 11.289  1.000 31.743 ? 79  LYS A NZ  1 
ATOM   636  N N   . ASN A 1 82  ? 8.088   -5.291  12.191  1.000 17.074 ? 80  ASN A N   1 
ATOM   637  C CA  . ASN A 1 82  ? 7.388   -4.124  12.785  1.000 16.873 ? 80  ASN A CA  1 
ATOM   638  C C   . ASN A 1 82  ? 5.872   -4.252  12.556  1.000 17.075 ? 80  ASN A C   1 
ATOM   639  O O   . ASN A 1 82  ? 5.454   -4.416  11.394  1.000 16.982 ? 80  ASN A O   1 
ATOM   640  C CB  . ASN A 1 82  ? 7.887   -2.801  12.206  1.000 16.767 ? 80  ASN A CB  1 
ATOM   641  C CG  . ASN A 1 82  ? 7.437   -1.619  13.028  1.000 15.967 ? 80  ASN A CG  1 
ATOM   642  O OD1 . ASN A 1 82  ? 7.194   -1.755  14.229  1.000 14.476 ? 80  ASN A OD1 1 
ATOM   643  N ND2 . ASN A 1 82  ? 7.298   -0.469  12.384  1.000 15.098 ? 80  ASN A ND2 1 
ATOM   644  N N   . MET A 1 83  ? 5.078   -4.159  13.627  1.000 16.645 ? 81  MET A N   1 
ATOM   645  C CA  . MET A 1 83  ? 3.626   -4.478  13.590  1.000 16.890 ? 81  MET A CA  1 
ATOM   646  C C   . MET A 1 83  ? 2.830   -3.467  14.415  1.000 16.987 ? 81  MET A C   1 
ATOM   647  O O   . MET A 1 83  ? 2.297   -3.798  15.466  1.000 18.833 ? 81  MET A O   1 
ATOM   648  C CB  . MET A 1 83  ? 3.406   -5.903  14.109  1.000 16.367 ? 81  MET A CB  1 
ATOM   649  C CG  . MET A 1 83  ? 2.002   -6.444  13.883  1.000 16.536 ? 81  MET A CG  1 
ATOM   650  S SD  . MET A 1 83  ? 1.322   -6.122  12.247  1.000 15.699 ? 81  MET A SD  1 
ATOM   651  C CE  . MET A 1 83  ? 2.497   -6.967  11.188  1.000 16.503 ? 81  MET A CE  1 
ATOM   652  N N   . PRO A 1 84  ? 2.710   -2.198  13.970  1.000 17.035 ? 82  PRO A N   1 
ATOM   653  C CA  . PRO A 1 84  ? 1.946   -1.188  14.703  1.000 16.765 ? 82  PRO A CA  1 
ATOM   654  C C   . PRO A 1 84  ? 0.431   -1.447  14.670  1.000 16.742 ? 82  PRO A C   1 
ATOM   655  O O   . PRO A 1 84  ? -0.250  -0.924  15.512  1.000 18.193 ? 82  PRO A O   1 
ATOM   656  C CB  . PRO A 1 84  ? 2.238   0.129   13.957  1.000 16.995 ? 82  PRO A CB  1 
ATOM   657  C CG  . PRO A 1 84  ? 2.638   -0.317  12.572  1.000 16.660 ? 82  PRO A CG  1 
ATOM   658  C CD  . PRO A 1 84  ? 3.326   -1.649  12.752  1.000 16.674 ? 82  PRO A CD  1 
ATOM   659  N N   . PHE A 1 85  ? -0.050  -2.216  13.689  1.000 15.798 ? 83  PHE A N   1 
ATOM   660  C CA  . PHE A 1 85  ? -1.484  -2.542  13.498  1.000 15.080 ? 83  PHE A CA  1 
ATOM   661  C C   . PHE A 1 85  ? -2.011  -3.235  14.753  1.000 15.486 ? 83  PHE A C   1 
ATOM   662  O O   . PHE A 1 85  ? -1.311  -4.091  15.283  1.000 14.430 ? 83  PHE A O   1 
ATOM   663  C CB  . PHE A 1 85  ? -1.686  -3.431  12.274  1.000 14.038 ? 83  PHE A CB  1 
ATOM   664  C CG  . PHE A 1 85  ? -1.284  -2.776  10.978  1.000 13.306 ? 83  PHE A CG  1 
ATOM   665  C CD1 . PHE A 1 85  ? -2.127  -1.868  10.358  1.000 12.717 ? 83  PHE A CD1 1 
ATOM   666  C CD2 . PHE A 1 85  ? -0.064  -3.050  10.398  1.000 13.022 ? 83  PHE A CD2 1 
ATOM   667  C CE1 . PHE A 1 85  ? -1.761  -1.270  9.165   1.000 12.797 ? 83  PHE A CE1 1 
ATOM   668  C CE2 . PHE A 1 85  ? 0.312   -2.436  9.214   1.000 12.964 ? 83  PHE A CE2 1 
ATOM   669  C CZ  . PHE A 1 85  ? -0.538  -1.551  8.597   1.000 12.853 ? 83  PHE A CZ  1 
ATOM   670  N N   . GLN A 1 86  ? -3.211  -2.857  15.195  1.000 16.754 ? 84  GLN A N   1 
ATOM   671  C CA  . GLN A 1 86  ? -3.801  -3.312  16.474  1.000 17.546 ? 84  GLN A CA  1 
ATOM   672  C C   . GLN A 1 86  ? -4.981  -4.238  16.158  1.000 17.110 ? 84  GLN A C   1 
ATOM   673  O O   . GLN A 1 86  ? -5.814  -3.867  15.314  1.000 16.646 ? 84  GLN A O   1 
ATOM   674  C CB  . GLN A 1 86  ? -4.167  -2.090  17.317  1.000 19.086 ? 84  GLN A CB  1 
ATOM   675  C CG  . GLN A 1 86  ? -2.966  -1.219  17.663  1.000 21.196 ? 84  GLN A CG  1 
ATOM   676  C CD  . GLN A 1 86  ? -1.989  -1.927  18.569  1.000 22.433 ? 84  GLN A CD  1 
ATOM   677  O OE1 . GLN A 1 86  ? -2.323  -2.306  19.687  1.000 25.378 ? 84  GLN A OE1 1 
ATOM   678  N NE2 . GLN A 1 86  ? -0.761  -2.105  18.102  1.000 23.291 ? 84  GLN A NE2 1 
ATOM   679  N N   . ASP A 1 87  ? -5.018  -5.406  16.801  1.000 16.516 ? 85  ASP A N   1 
ATOM   680  C CA  . ASP A 1 87  ? -6.038  -6.470  16.591  1.000 17.229 ? 85  ASP A CA  1 
ATOM   681  C C   . ASP A 1 87  ? -7.445  -5.856  16.705  1.000 17.259 ? 85  ASP A C   1 
ATOM   682  O O   . ASP A 1 87  ? -7.721  -5.185  17.714  1.000 17.378 ? 85  ASP A O   1 
ATOM   683  C CB  . ASP A 1 87  ? -5.799  -7.617  17.581  1.000 17.730 ? 85  ASP A CB  1 
ATOM   684  C CG  . ASP A 1 87  ? -6.555  -8.897  17.272  1.000 18.029 ? 85  ASP A CG  1 
ATOM   685  O OD1 . ASP A 1 87  ? -7.186  -8.966  16.205  1.000 19.089 ? 85  ASP A OD1 1 
ATOM   686  O OD2 . ASP A 1 87  ? -6.496  -9.825  18.105  1.000 20.506 ? 85  ASP A OD2 1 
ATOM   687  N N   . GLY A 1 88  ? -8.299  -6.053  15.700  1.000 17.132 ? 86  GLY A N   1 
ATOM   688  C CA  . GLY A 1 88  ? -9.725  -5.664  15.715  1.000 17.679 ? 86  GLY A CA  1 
ATOM   689  C C   . GLY A 1 88  ? -9.967  -4.184  15.426  1.000 18.685 ? 86  GLY A C   1 
ATOM   690  O O   . GLY A 1 88  ? -11.134 -3.769  15.459  1.000 19.018 ? 86  GLY A O   1 
ATOM   691  N N   . GLN A 1 89  ? -8.932  -3.396  15.144  1.000 18.628 ? 87  GLN A N   1 
ATOM   692  C CA  . GLN A 1 89  ? -9.036  -1.915  15.089  1.000 20.609 ? 87  GLN A CA  1 
ATOM   693  C C   . GLN A 1 89  ? -9.064  -1.430  13.638  1.000 19.704 ? 87  GLN A C   1 
ATOM   694  O O   . GLN A 1 89  ? -8.384  -2.027  12.776  1.000 18.048 ? 87  GLN A O   1 
ATOM   695  C CB  . GLN A 1 89  ? -7.879  -1.268  15.843  1.000 22.639 ? 87  GLN A CB  1 
ATOM   696  C CG  . GLN A 1 89  ? -7.686  -1.871  17.220  1.000 26.653 ? 87  GLN A CG  1 
ATOM   697  C CD  . GLN A 1 89  ? -8.341  -1.037  18.281  1.000 31.765 ? 87  GLN A CD  1 
ATOM   698  O OE1 . GLN A 1 89  ? -9.560  -1.084  18.458  1.000 37.416 ? 87  GLN A OE1 1 
ATOM   699  N NE2 . GLN A 1 89  ? -7.528  -0.260  18.980  1.000 34.959 ? 87  GLN A NE2 1 
ATOM   700  N N   . GLU A 1 90  ? -9.795  -0.345  13.398  1.000 19.392 ? 88  GLU A N   1 
ATOM   701  C CA  . GLU A 1 90  ? -9.661  0.476   12.167  1.000 19.911 ? 88  GLU A CA  1 
ATOM   702  C C   . GLU A 1 90  ? -8.233  1.031   12.142  1.000 18.020 ? 88  GLU A C   1 
ATOM   703  O O   . GLU A 1 90  ? -7.729  1.345   13.231  1.000 18.938 ? 88  GLU A O   1 
ATOM   704  C CB  . GLU A 1 90  ? -10.723 1.567   12.152  1.000 20.854 ? 88  GLU A CB  1 
ATOM   705  C CG  . GLU A 1 90  ? -10.857 2.263   10.824  1.000 22.486 ? 88  GLU A CG  1 
ATOM   706  C CD  . GLU A 1 90  ? -11.943 3.320   10.834  1.000 24.269 ? 88  GLU A CD  1 
ATOM   707  O OE1 . GLU A 1 90  ? -11.853 4.248   11.661  1.000 26.913 ? 88  GLU A OE1 1 
ATOM   708  O OE2 . GLU A 1 90  ? -12.884 3.206   10.029  1.000 25.583 ? 88  GLU A OE2 1 
ATOM   709  N N   . PHE A 1 91  ? -7.604  1.062   10.966  1.000 17.370 ? 89  PHE A N   1 
ATOM   710  C CA  . PHE A 1 91  ? -6.273  1.684   10.716  1.000 16.889 ? 89  PHE A CA  1 
ATOM   711  C C   . PHE A 1 91  ? -6.420  2.817   9.696   1.000 17.751 ? 89  PHE A C   1 
ATOM   712  O O   . PHE A 1 91  ? -7.303  2.759   8.815   1.000 15.032 ? 89  PHE A O   1 
ATOM   713  C CB  . PHE A 1 91  ? -5.237  0.649   10.257  1.000 16.182 ? 89  PHE A CB  1 
ATOM   714  C CG  . PHE A 1 91  ? -5.601  -0.084  8.991   1.000 15.325 ? 89  PHE A CG  1 
ATOM   715  C CD1 . PHE A 1 91  ? -5.377  0.484   7.743   1.000 15.231 ? 89  PHE A CD1 1 
ATOM   716  C CD2 . PHE A 1 91  ? -6.189  -1.339  9.048   1.000 15.228 ? 89  PHE A CD2 1 
ATOM   717  C CE1 . PHE A 1 91  ? -5.763  -0.176  6.587   1.000 15.288 ? 89  PHE A CE1 1 
ATOM   718  C CE2 . PHE A 1 91  ? -6.551  -2.009  7.890   1.000 15.370 ? 89  PHE A CE2 1 
ATOM   719  C CZ  . PHE A 1 91  ? -6.338  -1.427  6.659   1.000 15.459 ? 89  PHE A CZ  1 
ATOM   720  N N   . GLU A 1 92  ? -5.540  3.815   9.806   1.000 18.811 ? 90  GLU A N   1 
ATOM   721  C CA  . GLU A 1 92  ? -5.254  4.804   8.743   1.000 20.485 ? 90  GLU A CA  1 
ATOM   722  C C   . GLU A 1 92  ? -3.814  4.590   8.259   1.000 19.530 ? 90  GLU A C   1 
ATOM   723  O O   . GLU A 1 92  ? -2.898  4.740   9.058   1.000 18.183 ? 90  GLU A O   1 
ATOM   724  C CB  . GLU A 1 92  ? -5.446  6.224   9.259   1.000 23.274 ? 90  GLU A CB  1 
ATOM   725  C CG  . GLU A 1 92  ? -5.343  7.251   8.150   1.000 25.231 ? 90  GLU A CG  1 
ATOM   726  C CD  . GLU A 1 92  ? -5.680  8.670   8.565   1.000 28.139 ? 90  GLU A CD  1 
ATOM   727  O OE1 . GLU A 1 92  ? -6.098  8.874   9.734   1.000 32.272 ? 90  GLU A OE1 1 
ATOM   728  O OE2 . GLU A 1 92  ? -5.548  9.562   7.715   1.000 30.444 ? 90  GLU A OE2 1 
ATOM   729  N N   . LEU A 1 93  ? -3.662  4.182   7.005   1.000 19.547 ? 91  LEU A N   1 
ATOM   730  C CA  . LEU A 1 93  ? -2.363  4.021   6.308   1.000 21.005 ? 91  LEU A CA  1 
ATOM   731  C C   . LEU A 1 93  ? -2.162  5.281   5.474   1.000 21.013 ? 91  LEU A C   1 
ATOM   732  O O   . LEU A 1 93  ? -3.093  5.647   4.720   1.000 23.429 ? 91  LEU A O   1 
ATOM   733  C CB  . LEU A 1 93  ? -2.460  2.762   5.442   1.000 22.407 ? 91  LEU A CB  1 
ATOM   734  C CG  . LEU A 1 93  ? -1.144  2.143   4.999   1.000 24.268 ? 91  LEU A CG  1 
ATOM   735  C CD1 . LEU A 1 93  ? -0.483  1.417   6.157   1.000 24.896 ? 91  LEU A CD1 1 
ATOM   736  C CD2 . LEU A 1 93  ? -1.372  1.189   3.841   1.000 25.320 ? 91  LEU A CD2 1 
ATOM   737  N N   . SER A 1 94  ? -1.022  5.948   5.593   1.000 21.056 ? 92  SER A N   1 
ATOM   738  C CA  . SER A 1 94  ? -0.627  6.970   4.593   1.000 22.201 ? 92  SER A CA  1 
ATOM   739  C C   . SER A 1 94  ? 0.753   6.631   4.018   1.000 21.440 ? 92  SER A C   1 
ATOM   740  O O   . SER A 1 94  ? 1.673   6.276   4.785   1.000 21.497 ? 92  SER A O   1 
ATOM   741  C CB  . SER A 1 94  ? -0.751  8.376   5.133   1.000 23.037 ? 92  SER A CB  1 
ATOM   742  O OG  . SER A 1 94  ? 0.381   8.753   5.882   1.000 24.812 ? 92  SER A OG  1 
ATOM   743  N N   . ILE A 1 95  ? 0.846   6.689   2.692   1.000 19.096 ? 93  ILE A N   1 
ATOM   744  C CA  . ILE A 1 95  ? 2.061   6.346   1.919   1.000 18.006 ? 93  ILE A CA  1 
ATOM   745  C C   . ILE A 1 95  ? 2.505   7.625   1.212   1.000 18.152 ? 93  ILE A C   1 
ATOM   746  O O   . ILE A 1 95  ? 1.779   8.063   0.303   1.000 16.657 ? 93  ILE A O   1 
ATOM   747  C CB  . ILE A 1 95  ? 1.760   5.193   0.955   1.000 18.130 ? 93  ILE A CB  1 
ATOM   748  C CG1 . ILE A 1 95  ? 1.325   3.936   1.719   1.000 17.653 ? 93  ILE A CG1 1 
ATOM   749  C CG2 . ILE A 1 95  ? 2.952   4.938   0.047   1.000 18.335 ? 93  ILE A CG2 1 
ATOM   750  C CD1 . ILE A 1 95  ? 0.694   2.871   0.854   1.000 17.374 ? 93  ILE A CD1 1 
ATOM   751  N N   . SER A 1 96  ? 3.614   8.209   1.673   1.000 18.508 ? 94  SER A N   1 
ATOM   752  C CA  . SER A 1 96  ? 4.188   9.484   1.176   1.000 19.191 ? 94  SER A CA  1 
ATOM   753  C C   . SER A 1 96  ? 5.270   9.166   0.141   1.000 18.381 ? 94  SER A C   1 
ATOM   754  O O   . SER A 1 96  ? 6.119   8.308   0.429   1.000 18.242 ? 94  SER A O   1 
ATOM   755  C CB  . SER A 1 96  ? 4.754   10.314  2.306   1.000 20.614 ? 94  SER A CB  1 
ATOM   756  O OG  . SER A 1 96  ? 3.717   10.763  3.165   1.000 24.331 ? 94  SER A OG  1 
ATOM   757  N N   . VAL A 1 97  ? 5.240   9.846   -1.005  1.000 18.340 ? 95  VAL A N   1 
ATOM   758  C CA  . VAL A 1 97  ? 6.289   9.759   -2.060  1.000 18.206 ? 95  VAL A CA  1 
ATOM   759  C C   . VAL A 1 97  ? 7.341   10.820  -1.735  1.000 19.024 ? 95  VAL A C   1 
ATOM   760  O O   . VAL A 1 97  ? 7.120   12.021  -2.072  1.000 19.204 ? 95  VAL A O   1 
ATOM   761  C CB  . VAL A 1 97  ? 5.688   9.940   -3.466  1.000 18.726 ? 95  VAL A CB  1 
ATOM   762  C CG1 . VAL A 1 97  ? 6.721   9.672   -4.550  1.000 19.374 ? 95  VAL A CG1 1 
ATOM   763  C CG2 . VAL A 1 97  ? 4.448   9.075   -3.673  1.000 18.556 ? 95  VAL A CG2 1 
ATOM   764  N N   . LEU A 1 98  ? 8.415   10.403  -1.068  1.000 17.916 ? 96  LEU A N   1 
ATOM   765  C CA  . LEU A 1 98  ? 9.572   11.281  -0.754  1.000 18.931 ? 96  LEU A CA  1 
ATOM   766  C C   . LEU A 1 98  ? 10.513  11.226  -1.948  1.000 19.032 ? 96  LEU A C   1 
ATOM   767  O O   . LEU A 1 98  ? 10.347  10.363  -2.816  1.000 18.961 ? 96  LEU A O   1 
ATOM   768  C CB  . LEU A 1 98  ? 10.246  10.825  0.546   1.000 19.160 ? 96  LEU A CB  1 
ATOM   769  C CG  . LEU A 1 98  ? 9.318   10.622  1.746   1.000 19.091 ? 96  LEU A CG  1 
ATOM   770  C CD1 . LEU A 1 98  ? 10.132  10.328  2.992   1.000 19.358 ? 96  LEU A CD1 1 
ATOM   771  C CD2 . LEU A 1 98  ? 8.417   11.834  1.971   1.000 19.713 ? 96  LEU A CD2 1 
ATOM   772  N N   . PRO A 1 99  ? 11.493  12.154  -2.052  1.000 19.490 ? 97  PRO A N   1 
ATOM   773  C CA  . PRO A 1 99  ? 12.471  12.111  -3.142  1.000 19.772 ? 97  PRO A CA  1 
ATOM   774  C C   . PRO A 1 99  ? 13.080  10.727  -3.417  1.000 18.547 ? 97  PRO A C   1 
ATOM   775  O O   . PRO A 1 99  ? 13.173  10.361  -4.580  1.000 18.857 ? 97  PRO A O   1 
ATOM   776  C CB  . PRO A 1 99  ? 13.532  13.104  -2.648  1.000 20.132 ? 97  PRO A CB  1 
ATOM   777  C CG  . PRO A 1 99  ? 12.720  14.148  -1.923  1.000 20.239 ? 97  PRO A CG  1 
ATOM   778  C CD  . PRO A 1 99  ? 11.680  13.333  -1.177  1.000 19.484 ? 97  PRO A CD  1 
ATOM   779  N N   . ASP A 1 100 ? 13.437  9.983   -2.365  1.000 18.778 ? 98  ASP A N   1 
ATOM   780  C CA  . ASP A 1 100 ? 14.277  8.759   -2.452  1.000 19.006 ? 98  ASP A CA  1 
ATOM   781  C C   . ASP A 1 100 ? 13.486  7.491   -2.084  1.000 18.294 ? 98  ASP A C   1 
ATOM   782  O O   . ASP A 1 100 ? 13.994  6.392   -2.389  1.000 17.308 ? 98  ASP A O   1 
ATOM   783  C CB  . ASP A 1 100 ? 15.537  8.898   -1.588  1.000 21.118 ? 98  ASP A CB  1 
ATOM   784  C CG  . ASP A 1 100 ? 16.670  9.675   -2.254  1.000 22.658 ? 98  ASP A CG  1 
ATOM   785  O OD1 . ASP A 1 100 ? 16.409  10.341  -3.290  1.000 24.722 ? 98  ASP A OD1 1 
ATOM   786  O OD2 . ASP A 1 100 ? 17.809  9.619   -1.732  1.000 24.279 ? 98  ASP A OD2 1 
ATOM   787  N N   . LYS A 1 101 ? 12.302  7.599   -1.481  1.000 17.047 ? 99  LYS A N   1 
ATOM   788  C CA  . LYS A 1 101 ? 11.563  6.414   -0.971  1.000 16.314 ? 99  LYS A CA  1 
ATOM   789  C C   . LYS A 1 101 ? 10.074  6.724   -0.817  1.000 15.468 ? 99  LYS A C   1 
ATOM   790  O O   . LYS A 1 101 ? 9.694   7.921   -0.727  1.000 15.152 ? 99  LYS A O   1 
ATOM   791  C CB  . LYS A 1 101 ? 12.151  5.980   0.377   1.000 16.698 ? 99  LYS A CB  1 
ATOM   792  C CG  . LYS A 1 101 ? 11.791  6.881   1.550   1.000 16.912 ? 99  LYS A CG  1 
ATOM   793  C CD  . LYS A 1 101 ? 12.809  6.861   2.649   1.000 16.824 ? 99  LYS A CD  1 
ATOM   794  C CE  . LYS A 1 101 ? 14.009  7.714   2.311   1.000 18.434 ? 99  LYS A CE  1 
ATOM   795  N NZ  . LYS A 1 101 ? 14.823  7.997   3.510   1.000 18.840 ? 99  LYS A NZ  1 
ATOM   796  N N   . TYR A 1 102 ? 9.271   5.662   -0.735  1.000 14.980 ? 100 TYR A N   1 
ATOM   797  C CA  . TYR A 1 102 ? 7.931   5.639   -0.095  1.000 14.333 ? 100 TYR A CA  1 
ATOM   798  C C   . TYR A 1 102 ? 8.121   5.573   1.421   1.000 14.394 ? 100 TYR A C   1 
ATOM   799  O O   . TYR A 1 102 ? 8.938   4.756   1.870   1.000 13.112 ? 100 TYR A O   1 
ATOM   800  C CB  . TYR A 1 102 ? 7.122   4.437   -0.603  1.000 14.104 ? 100 TYR A CB  1 
ATOM   801  C CG  . TYR A 1 102 ? 6.884   4.472   -2.090  1.000 14.041 ? 100 TYR A CG  1 
ATOM   802  C CD1 . TYR A 1 102 ? 6.055   5.432   -2.647  1.000 14.178 ? 100 TYR A CD1 1 
ATOM   803  C CD2 . TYR A 1 102 ? 7.543   3.609   -2.951  1.000 13.934 ? 100 TYR A CD2 1 
ATOM   804  C CE1 . TYR A 1 102 ? 5.843   5.499   -4.014  1.000 14.455 ? 100 TYR A CE1 1 
ATOM   805  C CE2 . TYR A 1 102 ? 7.351   3.670   -4.322  1.000 14.487 ? 100 TYR A CE2 1 
ATOM   806  C CZ  . TYR A 1 102 ? 6.487   4.611   -4.857  1.000 14.629 ? 100 TYR A CZ  1 
ATOM   807  O OH  . TYR A 1 102 ? 6.263   4.692   -6.205  1.000 15.253 ? 100 TYR A OH  1 
ATOM   808  N N   . GLN A 1 103 ? 7.380   6.402   2.172   1.000 14.695 ? 101 GLN A N   1 
ATOM   809  C CA  . GLN A 1 103 ? 7.243   6.271   3.646   1.000 14.448 ? 101 GLN A CA  1 
ATOM   810  C C   . GLN A 1 103 ? 5.795   5.907   3.981   1.000 14.400 ? 101 GLN A C   1 
ATOM   811  O O   . GLN A 1 103 ? 4.870   6.644   3.577   1.000 15.117 ? 101 GLN A O   1 
ATOM   812  C CB  . GLN A 1 103 ? 7.670   7.560   4.341   1.000 14.365 ? 101 GLN A CB  1 
ATOM   813  C CG  . GLN A 1 103 ? 7.383   7.592   5.831   1.000 14.515 ? 101 GLN A CG  1 
ATOM   814  C CD  . GLN A 1 103 ? 8.002   8.831   6.426   1.000 14.620 ? 101 GLN A CD  1 
ATOM   815  O OE1 . GLN A 1 103 ? 7.816   9.932   5.911   1.000 14.867 ? 101 GLN A OE1 1 
ATOM   816  N NE2 . GLN A 1 103 ? 8.793   8.645   7.466   1.000 14.061 ? 101 GLN A NE2 1 
ATOM   817  N N   . VAL A 1 104 ? 5.636   4.819   4.723   1.000 14.907 ? 102 VAL A N   1 
ATOM   818  C CA  . VAL A 1 104 ? 4.333   4.265   5.170   1.000 14.823 ? 102 VAL A CA  1 
ATOM   819  C C   . VAL A 1 104 ? 4.149   4.678   6.628   1.000 15.143 ? 102 VAL A C   1 
ATOM   820  O O   . VAL A 1 104 ? 4.947   4.226   7.482   1.000 14.783 ? 102 VAL A O   1 
ATOM   821  C CB  . VAL A 1 104 ? 4.307   2.738   4.983   1.000 15.209 ? 102 VAL A CB  1 
ATOM   822  C CG1 . VAL A 1 104 ? 2.966   2.147   5.383   1.000 15.239 ? 102 VAL A CG1 1 
ATOM   823  C CG2 . VAL A 1 104 ? 4.680   2.341   3.556   1.000 15.542 ? 102 VAL A CG2 1 
ATOM   824  N N   . MET A 1 105 ? 3.145   5.518   6.882   1.000 14.925 ? 103 MET A N   1 
ATOM   825  C CA  . MET A 1 105 ? 2.685   5.894   8.238   1.000 16.129 ? 103 MET A CA  1 
ATOM   826  C C   . MET A 1 105 ? 1.475   5.012   8.581   1.000 15.009 ? 103 MET A C   1 
ATOM   827  O O   . MET A 1 105 ? 0.568   4.895   7.730   1.000 15.418 ? 103 MET A O   1 
ATOM   828  C CB  . MET A 1 105 ? 2.280   7.372   8.311   1.000 16.908 ? 103 MET A CB  1 
ATOM   829  C CG  . MET A 1 105 ? 3.207   8.311   7.558   1.000 18.054 ? 103 MET A CG  1 
ATOM   830  S SD  . MET A 1 105 ? 4.743   8.585   8.455   1.000 18.544 ? 103 MET A SD  1 
ATOM   831  C CE  . MET A 1 105 ? 4.133   9.613   9.793   1.000 18.685 ? 103 MET A CE  1 
ATOM   832  N N   . VAL A 1 106 ? 1.483   4.408   9.764   1.000 14.460 ? 104 VAL A N   1 
ATOM   833  C CA  . VAL A 1 106 ? 0.331   3.642   10.320  1.000 14.559 ? 104 VAL A CA  1 
ATOM   834  C C   . VAL A 1 106 ? -0.216  4.413   11.526  1.000 15.196 ? 104 VAL A C   1 
ATOM   835  O O   . VAL A 1 106 ? 0.538   4.597   12.488  1.000 14.750 ? 104 VAL A O   1 
ATOM   836  C CB  . VAL A 1 106 ? 0.758   2.212   10.683  1.000 14.662 ? 104 VAL A CB  1 
ATOM   837  C CG1 . VAL A 1 106 ? -0.407  1.409   11.248  1.000 15.311 ? 104 VAL A CG1 1 
ATOM   838  C CG2 . VAL A 1 106 ? 1.376   1.495   9.484   1.000 14.306 ? 104 VAL A CG2 1 
ATOM   839  N N   . ASN A 1 107 ? -1.461  4.891   11.447  1.000 16.357 ? 105 ASN A N   1 
ATOM   840  C CA  . ASN A 1 107 ? -2.125  5.661   12.535  1.000 17.106 ? 105 ASN A CA  1 
ATOM   841  C C   . ASN A 1 107 ? -1.227  6.832   12.949  1.000 17.562 ? 105 ASN A C   1 
ATOM   842  O O   . ASN A 1 107 ? -1.102  7.098   14.163  1.000 19.085 ? 105 ASN A O   1 
ATOM   843  C CB  . ASN A 1 107 ? -2.496  4.738   13.699  1.000 16.749 ? 105 ASN A CB  1 
ATOM   844  C CG  . ASN A 1 107 ? -3.431  3.629   13.261  1.000 16.964 ? 105 ASN A CG  1 
ATOM   845  O OD1 . ASN A 1 107 ? -4.277  3.844   12.388  1.000 16.578 ? 105 ASN A OD1 1 
ATOM   846  N ND2 . ASN A 1 107 ? -3.279  2.449   13.844  1.000 16.643 ? 105 ASN A ND2 1 
ATOM   847  N N   . GLY A 1 108 ? -0.634  7.506   11.965  1.000 17.290 ? 106 GLY A N   1 
ATOM   848  C CA  . GLY A 1 108 ? 0.198   8.701   12.175  1.000 18.876 ? 106 GLY A CA  1 
ATOM   849  C C   . GLY A 1 108 ? 1.634   8.384   12.569  1.000 19.051 ? 106 GLY A C   1 
ATOM   850  O O   . GLY A 1 108 ? 2.376   9.358   12.757  1.000 18.765 ? 106 GLY A O   1 
ATOM   851  N N   . GLN A 1 109 ? 2.037   7.105   12.653  1.000 18.916 ? 107 GLN A N   1 
ATOM   852  C CA  . GLN A 1 109 ? 3.398   6.676   13.095  1.000 19.168 ? 107 GLN A CA  1 
ATOM   853  C C   . GLN A 1 109 ? 4.213   6.169   11.887  1.000 17.715 ? 107 GLN A C   1 
ATOM   854  O O   . GLN A 1 109 ? 3.742   5.260   11.166  1.000 15.952 ? 107 GLN A O   1 
ATOM   855  C CB  . GLN A 1 109 ? 3.286   5.605   14.184  1.000 21.449 ? 107 GLN A CB  1 
ATOM   856  C CG  . GLN A 1 109 ? 4.630   5.146   14.736  1.000 24.164 ? 107 GLN A CG  1 
ATOM   857  C CD  . GLN A 1 109 ? 4.589   4.044   15.769  1.000 26.722 ? 107 GLN A CD  1 
ATOM   858  O OE1 . GLN A 1 109 ? 5.565   3.819   16.488  1.000 29.804 ? 107 GLN A OE1 1 
ATOM   859  N NE2 . GLN A 1 109 ? 3.473   3.338   15.862  1.000 27.819 ? 107 GLN A NE2 1 
ATOM   860  N N   . SER A 1 110 ? 5.421   6.694   11.679  1.000 15.999 ? 108 SER A N   1 
ATOM   861  C CA  . SER A 1 110 ? 6.339   6.164   10.641  1.000 15.542 ? 108 SER A CA  1 
ATOM   862  C C   . SER A 1 110 ? 6.675   4.715   10.992  1.000 15.201 ? 108 SER A C   1 
ATOM   863  O O   . SER A 1 110 ? 7.076   4.463   12.149  1.000 15.619 ? 108 SER A O   1 
ATOM   864  C CB  . SER A 1 110 ? 7.581   6.995   10.459  1.000 15.797 ? 108 SER A CB  1 
ATOM   865  O OG  . SER A 1 110 ? 8.355   6.464   9.391   1.000 15.581 ? 108 SER A OG  1 
ATOM   866  N N   . SER A 1 111 ? 6.434   3.790   10.054  1.000 14.516 ? 109 SER A N   1 
ATOM   867  C CA  . SER A 1 111 ? 6.466   2.325   10.295  1.000 14.204 ? 109 SER A CA  1 
ATOM   868  C C   . SER A 1 111 ? 7.308   1.555   9.261   1.000 13.565 ? 109 SER A C   1 
ATOM   869  O O   . SER A 1 111 ? 7.854   0.493   9.633   1.000 14.295 ? 109 SER A O   1 
ATOM   870  C CB  . SER A 1 111 ? 5.062   1.805   10.383  1.000 14.466 ? 109 SER A CB  1 
ATOM   871  O OG  . SER A 1 111 ? 4.369   2.413   11.462  1.000 14.764 ? 109 SER A OG  1 
ATOM   872  N N   . TYR A 1 112 ? 7.369   1.993   7.998   1.000 13.537 ? 110 TYR A N   1 
ATOM   873  C CA  . TYR A 1 112 ? 8.120   1.301   6.916   1.000 12.888 ? 110 TYR A CA  1 
ATOM   874  C C   . TYR A 1 112 ? 8.625   2.352   5.927   1.000 12.916 ? 110 TYR A C   1 
ATOM   875  O O   . TYR A 1 112 ? 7.946   3.385   5.688   1.000 11.817 ? 110 TYR A O   1 
ATOM   876  C CB  . TYR A 1 112 ? 7.278   0.221   6.214   1.000 12.356 ? 110 TYR A CB  1 
ATOM   877  C CG  . TYR A 1 112 ? 6.446   -0.640  7.135   1.000 12.046 ? 110 TYR A CG  1 
ATOM   878  C CD1 . TYR A 1 112 ? 5.143   -0.285  7.443   1.000 11.953 ? 110 TYR A CD1 1 
ATOM   879  C CD2 . TYR A 1 112 ? 6.964   -1.783  7.735   1.000 11.690 ? 110 TYR A CD2 1 
ATOM   880  C CE1 . TYR A 1 112 ? 4.374   -1.040  8.312   1.000 11.504 ? 110 TYR A CE1 1 
ATOM   881  C CE2 . TYR A 1 112 ? 6.210   -2.545  8.617   1.000 11.597 ? 110 TYR A CE2 1 
ATOM   882  C CZ  . TYR A 1 112 ? 4.907   -2.169  8.903   1.000 11.479 ? 110 TYR A CZ  1 
ATOM   883  O OH  . TYR A 1 112 ? 4.131   -2.904  9.751   1.000 11.197 ? 110 TYR A OH  1 
ATOM   884  N N   . THR A 1 113 ? 9.788   2.100   5.331   1.000 12.966 ? 111 THR A N   1 
ATOM   885  C CA  . THR A 1 113 ? 10.191  2.834   4.107   1.000 13.427 ? 111 THR A CA  1 
ATOM   886  C C   . THR A 1 113 ? 10.793  1.882   3.080   1.000 12.950 ? 111 THR A C   1 
ATOM   887  O O   . THR A 1 113 ? 11.225  0.771   3.423   1.000 11.811 ? 111 THR A O   1 
ATOM   888  C CB  . THR A 1 113 ? 11.090  4.048   4.386   1.000 13.626 ? 111 THR A CB  1 
ATOM   889  O OG1 . THR A 1 113 ? 12.402  3.619   4.735   1.000 15.203 ? 111 THR A OG1 1 
ATOM   890  C CG2 . THR A 1 113 ? 10.556  4.967   5.460   1.000 14.686 ? 111 THR A CG2 1 
ATOM   891  N N   . PHE A 1 114 ? 10.749  2.327   1.827   1.000 13.047 ? 112 PHE A N   1 
ATOM   892  C CA  . PHE A 1 114 ? 11.095  1.500   0.651   1.000 13.372 ? 112 PHE A CA  1 
ATOM   893  C C   . PHE A 1 114 ? 11.651  2.437   -0.409  1.000 13.128 ? 112 PHE A C   1 
ATOM   894  O O   . PHE A 1 114 ? 10.922  3.302   -0.897  1.000 12.694 ? 112 PHE A O   1 
ATOM   895  C CB  . PHE A 1 114 ? 9.890   0.686   0.192   1.000 13.257 ? 112 PHE A CB  1 
ATOM   896  C CG  . PHE A 1 114 ? 10.183  -0.280  -0.921  1.000 13.401 ? 112 PHE A CG  1 
ATOM   897  C CD1 . PHE A 1 114 ? 10.592  -1.580  -0.652  1.000 13.756 ? 112 PHE A CD1 1 
ATOM   898  C CD2 . PHE A 1 114 ? 10.028  0.104   -2.240  1.000 13.691 ? 112 PHE A CD2 1 
ATOM   899  C CE1 . PHE A 1 114 ? 10.846  -2.468  -1.687  1.000 14.294 ? 112 PHE A CE1 1 
ATOM   900  C CE2 . PHE A 1 114 ? 10.268  -0.793  -3.269  1.000 14.242 ? 112 PHE A CE2 1 
ATOM   901  C CZ  . PHE A 1 114 ? 10.683  -2.070  -2.993  1.000 13.780 ? 112 PHE A CZ  1 
ATOM   902  N N   . ASP A 1 115 ? 12.944  2.284   -0.693  1.000 14.977 ? 113 ASP A N   1 
ATOM   903  C CA  . ASP A 1 115 ? 13.679  3.152   -1.644  1.000 15.379 ? 113 ASP A CA  1 
ATOM   904  C C   . ASP A 1 115 ? 13.114  2.906   -3.048  1.000 16.390 ? 113 ASP A C   1 
ATOM   905  O O   . ASP A 1 115 ? 12.761  1.740   -3.359  1.000 15.602 ? 113 ASP A O   1 
ATOM   906  C CB  . ASP A 1 115 ? 15.184  2.921   -1.529  1.000 17.212 ? 113 ASP A CB  1 
ATOM   907  C CG  . ASP A 1 115 ? 15.830  3.703   -0.397  1.000 18.190 ? 113 ASP A CG  1 
ATOM   908  O OD1 . ASP A 1 115 ? 15.117  4.105   0.565   1.000 17.953 ? 113 ASP A OD1 1 
ATOM   909  O OD2 . ASP A 1 115 ? 17.040  3.926   -0.497  1.000 18.882 ? 113 ASP A OD2 1 
ATOM   910  N N   . HIS A 1 116 ? 12.986  3.965   -3.849  1.000 15.495 ? 114 HIS A N   1 
ATOM   911  C CA  . HIS A 1 116 ? 12.468  3.879   -5.238  1.000 15.774 ? 114 HIS A CA  1 
ATOM   912  C C   . HIS A 1 116 ? 13.402  2.975   -6.041  1.000 16.466 ? 114 HIS A C   1 
ATOM   913  O O   . HIS A 1 116 ? 14.616  3.240   -6.041  1.000 17.358 ? 114 HIS A O   1 
ATOM   914  C CB  . HIS A 1 116 ? 12.330  5.266   -5.873  1.000 15.408 ? 114 HIS A CB  1 
ATOM   915  C CG  . HIS A 1 116 ? 11.344  6.136   -5.183  1.000 15.431 ? 114 HIS A CG  1 
ATOM   916  N ND1 . HIS A 1 116 ? 10.035  5.746   -4.963  1.000 14.612 ? 114 HIS A ND1 1 
ATOM   917  C CD2 . HIS A 1 116 ? 11.464  7.391   -4.694  1.000 15.189 ? 114 HIS A CD2 1 
ATOM   918  C CE1 . HIS A 1 116 ? 9.392   6.720   -4.352  1.000 15.279 ? 114 HIS A CE1 1 
ATOM   919  N NE2 . HIS A 1 116 ? 10.253  7.738   -4.166  1.000 14.827 ? 114 HIS A NE2 1 
ATOM   920  N N   . ARG A 1 117 ? 12.859  1.932   -6.662  1.000 15.592 ? 115 ARG A N   1 
ATOM   921  C CA  . ARG A 1 117 ? 13.581  1.086   -7.648  1.000 15.777 ? 115 ARG A CA  1 
ATOM   922  C C   . ARG A 1 117 ? 13.228  1.541   -9.060  1.000 17.040 ? 115 ARG A C   1 
ATOM   923  O O   . ARG A 1 117 ? 14.050  1.337   -9.969  1.000 17.923 ? 115 ARG A O   1 
ATOM   924  C CB  . ARG A 1 117 ? 13.194  -0.375  -7.439  1.000 15.327 ? 115 ARG A CB  1 
ATOM   925  C CG  . ARG A 1 117 ? 13.519  -0.881  -6.044  1.000 15.259 ? 115 ARG A CG  1 
ATOM   926  C CD  . ARG A 1 117 ? 13.065  -2.310  -5.872  1.000 15.009 ? 115 ARG A CD  1 
ATOM   927  N NE  . ARG A 1 117 ? 13.537  -2.830  -4.604  1.000 14.587 ? 115 ARG A NE  1 
ATOM   928  C CZ  . ARG A 1 117 ? 13.243  -4.024  -4.108  1.000 14.526 ? 115 ARG A CZ  1 
ATOM   929  N NH1 . ARG A 1 117 ? 12.472  -4.863  -4.780  1.000 14.469 ? 115 ARG A NH1 1 
ATOM   930  N NH2 . ARG A 1 117 ? 13.716  -4.365  -2.922  1.000 14.807 ? 115 ARG A NH2 1 
ATOM   931  N N   . ILE A 1 118 ? 12.004  2.038   -9.237  1.000 16.570 ? 116 ILE A N   1 
ATOM   932  C CA  . ILE A 1 118 ? 11.478  2.636   -10.494 1.000 16.919 ? 116 ILE A CA  1 
ATOM   933  C C   . ILE A 1 118 ? 10.980  4.033   -10.120 1.000 17.270 ? 116 ILE A C   1 
ATOM   934  O O   . ILE A 1 118 ? 10.471  4.194   -8.983  1.000 16.013 ? 116 ILE A O   1 
ATOM   935  C CB  . ILE A 1 118 ? 10.354  1.747   -11.072 1.000 16.305 ? 116 ILE A CB  1 
ATOM   936  C CG1 . ILE A 1 118 ? 10.875  0.347   -11.414 1.000 16.545 ? 116 ILE A CG1 1 
ATOM   937  C CG2 . ILE A 1 118 ? 9.654   2.417   -12.253 1.000 16.268 ? 116 ILE A CG2 1 
ATOM   938  C CD1 . ILE A 1 118 ? 9.798   -0.665  -11.691 1.000 16.517 ? 116 ILE A CD1 1 
ATOM   939  N N   . LYS A 1 119 ? 11.085  4.996   -11.029 1.000 16.865 ? 117 LYS A N   1 
ATOM   940  C CA  . LYS A 1 119 ? 10.561  6.369   -10.800 1.000 17.169 ? 117 LYS A CA  1 
ATOM   941  C C   . LYS A 1 119 ? 9.079   6.266   -10.457 1.000 15.879 ? 117 LYS A C   1 
ATOM   942  O O   . LYS A 1 119 ? 8.349   5.485   -11.062 1.000 14.542 ? 117 LYS A O   1 
ATOM   943  C CB  . LYS A 1 119 ? 10.836  7.287   -11.999 1.000 19.058 ? 117 LYS A CB  1 
ATOM   944  C CG  . LYS A 1 119 ? 10.123  6.958   -13.304 1.000 20.713 ? 117 LYS A CG  1 
ATOM   945  C CD  . LYS A 1 119 ? 10.450  7.939   -14.408 1.000 22.222 ? 117 LYS A CD  1 
ATOM   946  C CE  . LYS A 1 119 ? 9.973   7.493   -15.770 1.000 23.659 ? 117 LYS A CE  1 
ATOM   947  N NZ  . LYS A 1 119 ? 10.620  8.293   -16.833 1.000 26.154 ? 117 LYS A NZ  1 
ATOM   948  N N   . PRO A 1 120 ? 8.591   7.016   -9.444  1.000 15.754 ? 118 PRO A N   1 
ATOM   949  C CA  . PRO A 1 120 ? 7.167   7.001   -9.109  1.000 15.934 ? 118 PRO A CA  1 
ATOM   950  C C   . PRO A 1 120 ? 6.269   7.449   -10.274 1.000 16.449 ? 118 PRO A C   1 
ATOM   951  O O   . PRO A 1 120 ? 5.109   7.072   -10.281 1.000 15.805 ? 118 PRO A O   1 
ATOM   952  C CB  . PRO A 1 120 ? 7.030   7.952   -7.902  1.000 16.076 ? 118 PRO A CB  1 
ATOM   953  C CG  . PRO A 1 120 ? 8.346   8.721   -7.836  1.000 16.722 ? 118 PRO A CG  1 
ATOM   954  C CD  . PRO A 1 120 ? 9.379   7.877   -8.550  1.000 16.081 ? 118 PRO A CD  1 
ATOM   955  N N   . GLU A 1 121 ? 6.816   8.219   -11.231 1.000 16.891 ? 119 GLU A N   1 
ATOM   956  C CA  . GLU A 1 121 ? 6.096   8.669   -12.454 1.000 17.177 ? 119 GLU A CA  1 
ATOM   957  C C   . GLU A 1 121 ? 5.675   7.481   -13.323 1.000 16.852 ? 119 GLU A C   1 
ATOM   958  O O   . GLU A 1 121 ? 4.803   7.685   -14.170 1.000 17.451 ? 119 GLU A O   1 
ATOM   959  C CB  . GLU A 1 121 ? 6.949   9.637   -13.274 1.000 18.779 ? 119 GLU A CB  1 
ATOM   960  C CG  . GLU A 1 121 ? 7.048   11.013  -12.640 1.000 20.065 ? 119 GLU A CG  1 
ATOM   961  C CD  . GLU A 1 121 ? 8.123   11.208  -11.585 1.000 20.454 ? 119 GLU A CD  1 
ATOM   962  O OE1 . GLU A 1 121 ? 8.863   10.245  -11.266 1.000 20.153 ? 119 GLU A OE1 1 
ATOM   963  O OE2 . GLU A 1 121 ? 8.240   12.347  -11.108 1.000 22.043 ? 119 GLU A OE2 1 
ATOM   964  N N   . ALA A 1 122 ? 6.242   6.286   -13.121 1.000 17.476 ? 120 ALA A N   1 
ATOM   965  C CA  . ALA A 1 122 ? 5.870   5.067   -13.877 1.000 16.864 ? 120 ALA A CA  1 
ATOM   966  C C   . ALA A 1 122 ? 4.511   4.539   -13.398 1.000 15.948 ? 120 ALA A C   1 
ATOM   967  O O   . ALA A 1 122 ? 3.931   3.723   -14.128 1.000 15.716 ? 120 ALA A O   1 
ATOM   968  C CB  . ALA A 1 122 ? 6.949   4.021   -13.762 1.000 17.202 ? 120 ALA A CB  1 
ATOM   969  N N   . VAL A 1 123 ? 3.992   5.008   -12.255 1.000 15.942 ? 121 VAL A N   1 
ATOM   970  C CA  . VAL A 1 123 ? 2.717   4.490   -11.669 1.000 15.319 ? 121 VAL A CA  1 
ATOM   971  C C   . VAL A 1 123 ? 1.508   5.013   -12.468 1.000 15.329 ? 121 VAL A C   1 
ATOM   972  O O   . VAL A 1 123 ? 1.412   6.228   -12.728 1.000 14.326 ? 121 VAL A O   1 
ATOM   973  C CB  . VAL A 1 123 ? 2.606   4.798   -10.159 1.000 14.995 ? 121 VAL A CB  1 
ATOM   974  C CG1 . VAL A 1 123 ? 1.230   4.428   -9.610  1.000 14.753 ? 121 VAL A CG1 1 
ATOM   975  C CG2 . VAL A 1 123 ? 3.706   4.094   -9.370  1.000 14.755 ? 121 VAL A CG2 1 
ATOM   976  N N   . LYS A 1 124 ? 0.589   4.121   -12.829 1.000 15.008 ? 122 LYS A N   1 
ATOM   977  C CA  . LYS A 1 124 ? -0.675  4.472   -13.515 1.000 16.296 ? 122 LYS A CA  1 
ATOM   978  C C   . LYS A 1 124 ? -1.884  3.979   -12.717 1.000 15.473 ? 122 LYS A C   1 
ATOM   979  O O   . LYS A 1 124 ? -2.999  4.378   -13.071 1.000 14.939 ? 122 LYS A O   1 
ATOM   980  C CB  . LYS A 1 124 ? -0.666  3.928   -14.943 1.000 17.781 ? 122 LYS A CB  1 
ATOM   981  C CG  . LYS A 1 124 ? 0.386   4.575   -15.834 1.000 19.778 ? 122 LYS A CG  1 
ATOM   982  C CD  . LYS A 1 124 ? 0.233   4.292   -17.309 1.000 21.373 ? 122 LYS A CD  1 
ATOM   983  C CE  . LYS A 1 124 ? 1.415   4.814   -18.094 1.000 23.562 ? 122 LYS A CE  1 
ATOM   984  N NZ  . LYS A 1 124 ? 1.423   4.286   -19.475 1.000 27.668 ? 122 LYS A NZ  1 
ATOM   985  N N   . MET A 1 125 ? -1.696  3.163   -11.676 1.000 14.226 ? 123 MET A N   1 
ATOM   986  C CA  . MET A 1 125 ? -2.841  2.532   -10.978 1.000 13.598 ? 123 MET A CA  1 
ATOM   987  C C   . MET A 1 125 ? -2.435  2.134   -9.557  1.000 12.896 ? 123 MET A C   1 
ATOM   988  O O   . MET A 1 125 ? -1.269  1.773   -9.350  1.000 11.345 ? 123 MET A O   1 
ATOM   989  C CB  . MET A 1 125 ? -3.309  1.307   -11.764 1.000 13.488 ? 123 MET A CB  1 
ATOM   990  C CG  . MET A 1 125 ? -4.485  0.620   -11.154 1.000 13.513 ? 123 MET A CG  1 
ATOM   991  S SD  . MET A 1 125 ? -3.989  -0.782  -10.145 1.000 13.811 ? 123 MET A SD  1 
ATOM   992  C CE  . MET A 1 125 ? -3.828  -2.061  -11.389 1.000 13.653 ? 123 MET A CE  1 
ATOM   993  N N   . VAL A 1 126 ? -3.373  2.231   -8.612  1.000 12.831 ? 124 VAL A N   1 
ATOM   994  C CA  . VAL A 1 126 ? -3.182  1.745   -7.216  1.000 12.678 ? 124 VAL A CA  1 
ATOM   995  C C   . VAL A 1 126 ? -4.273  0.715   -6.933  1.000 12.197 ? 124 VAL A C   1 
ATOM   996  O O   . VAL A 1 126 ? -5.447  0.985   -7.248  1.000 11.813 ? 124 VAL A O   1 
ATOM   997  C CB  . VAL A 1 126 ? -3.210  2.887   -6.187  1.000 12.684 ? 124 VAL A CB  1 
ATOM   998  C CG1 . VAL A 1 126 ? -3.084  2.343   -4.774  1.000 12.530 ? 124 VAL A CG1 1 
ATOM   999  C CG2 . VAL A 1 126 ? -2.139  3.925   -6.465  1.000 12.812 ? 124 VAL A CG2 1 
ATOM   1000 N N   . GLN A 1 127 ? -3.888  -0.449  -6.414  1.000 12.214 ? 125 GLN A N   1 
ATOM   1001 C CA  . GLN A 1 127 ? -4.862  -1.506  -6.045  1.000 12.051 ? 125 GLN A CA  1 
ATOM   1002 C C   . GLN A 1 127 ? -4.697  -1.826  -4.563  1.000 11.497 ? 125 GLN A C   1 
ATOM   1003 O O   . GLN A 1 127 ? -3.559  -2.025  -4.123  1.000 11.542 ? 125 GLN A O   1 
ATOM   1004 C CB  . GLN A 1 127 ? -4.722  -2.772  -6.882  1.000 12.759 ? 125 GLN A CB  1 
ATOM   1005 C CG  . GLN A 1 127 ? -5.862  -3.739  -6.625  1.000 13.606 ? 125 GLN A CG  1 
ATOM   1006 C CD  . GLN A 1 127 ? -5.948  -4.833  -7.654  1.000 14.919 ? 125 GLN A CD  1 
ATOM   1007 O OE1 . GLN A 1 127 ? -5.039  -5.643  -7.788  1.000 15.216 ? 125 GLN A OE1 1 
ATOM   1008 N NE2 . GLN A 1 127 ? -7.037  -4.827  -8.418  1.000 16.093 ? 125 GLN A NE2 1 
ATOM   1009 N N   . VAL A 1 128 ? -5.815  -1.844  -3.834  1.000 10.680 ? 126 VAL A N   1 
ATOM   1010 C CA  . VAL A 1 128 ? -5.866  -2.148  -2.380  1.000 10.559 ? 126 VAL A CA  1 
ATOM   1011 C C   . VAL A 1 128 ? -6.772  -3.369  -2.253  1.000 10.288 ? 126 VAL A C   1 
ATOM   1012 O O   . VAL A 1 128 ? -7.940  -3.300  -2.719  1.000 10.480 ? 126 VAL A O   1 
ATOM   1013 C CB  . VAL A 1 128 ? -6.399  -0.957  -1.558  1.000 10.620 ? 126 VAL A CB  1 
ATOM   1014 C CG1 . VAL A 1 128 ? -6.338  -1.247  -0.076  1.000 10.710 ? 126 VAL A CG1 1 
ATOM   1015 C CG2 . VAL A 1 128 ? -5.649  0.333   -1.877  1.000 10.766 ? 126 VAL A CG2 1 
ATOM   1016 N N   . TRP A 1 129 ? -6.269  -4.452  -1.678  1.000 10.538 ? 127 TRP A N   1 
ATOM   1017 C CA  . TRP A 1 129 ? -7.035  -5.719  -1.688  1.000 10.606 ? 127 TRP A CA  1 
ATOM   1018 C C   . TRP A 1 129 ? -6.600  -6.637  -0.544  1.000 11.163 ? 127 TRP A C   1 
ATOM   1019 O O   . TRP A 1 129 ? -5.752  -6.217  0.299   1.000 10.529 ? 127 TRP A O   1 
ATOM   1020 C CB  . TRP A 1 129 ? -6.951  -6.349  -3.091  1.000 10.764 ? 127 TRP A CB  1 
ATOM   1021 C CG  . TRP A 1 129 ? -5.591  -6.819  -3.517  1.000 10.654 ? 127 TRP A CG  1 
ATOM   1022 C CD1 . TRP A 1 129 ? -4.460  -6.074  -3.724  1.000 10.723 ? 127 TRP A CD1 1 
ATOM   1023 C CD2 . TRP A 1 129 ? -5.241  -8.167  -3.863  1.000 11.143 ? 127 TRP A CD2 1 
ATOM   1024 N NE1 . TRP A 1 129 ? -3.438  -6.864  -4.172  1.000 10.666 ? 127 TRP A NE1 1 
ATOM   1025 C CE2 . TRP A 1 129 ? -3.876  -8.164  -4.236  1.000 10.925 ? 127 TRP A CE2 1 
ATOM   1026 C CE3 . TRP A 1 129 ? -5.941  -9.381  -3.865  1.000 11.517 ? 127 TRP A CE3 1 
ATOM   1027 C CZ2 . TRP A 1 129 ? -3.205  -9.330  -4.609  1.000 11.273 ? 127 TRP A CZ2 1 
ATOM   1028 C CZ3 . TRP A 1 129 ? -5.277  -10.529 -4.235  1.000 11.380 ? 127 TRP A CZ3 1 
ATOM   1029 C CH2 . TRP A 1 129 ? -3.935  -10.499 -4.624  1.000 11.505 ? 127 TRP A CH2 1 
ATOM   1030 N N   . ARG A 1 130 ? -7.219  -7.825  -0.527  1.000 11.162 ? 128 ARG A N   1 
ATOM   1031 C CA  . ARG A 1 130 ? -7.160  -8.892  0.500   1.000 11.540 ? 128 ARG A CA  1 
ATOM   1032 C C   . ARG A 1 130 ? -8.149  -8.574  1.624   1.000 11.245 ? 128 ARG A C   1 
ATOM   1033 O O   . ARG A 1 130 ? -9.221  -8.019  1.330   1.000 10.779 ? 128 ARG A O   1 
ATOM   1034 C CB  . ARG A 1 130 ? -5.720  -9.188  0.923   1.000 11.817 ? 128 ARG A CB  1 
ATOM   1035 C CG  . ARG A 1 130 ? -4.804  -9.409  -0.269  1.000 12.989 ? 128 ARG A CG  1 
ATOM   1036 C CD  . ARG A 1 130 ? -3.668  -10.309 0.104   1.000 12.783 ? 128 ARG A CD  1 
ATOM   1037 N NE  . ARG A 1 130 ? -2.665  -10.502 -0.928  1.000 12.849 ? 128 ARG A NE  1 
ATOM   1038 C CZ  . ARG A 1 130 ? -2.604  -11.517 -1.792  1.000 12.862 ? 128 ARG A CZ  1 
ATOM   1039 N NH1 . ARG A 1 130 ? -3.539  -12.454 -1.835  1.000 13.045 ? 128 ARG A NH1 1 
ATOM   1040 N NH2 . ARG A 1 130 ? -1.573  -11.602 -2.613  1.000 12.200 ? 128 ARG A NH2 1 
ATOM   1041 N N   . ASP A 1 131 ? -7.847  -8.977  2.854   1.000 11.865 ? 129 ASP A N   1 
ATOM   1042 C CA  . ASP A 1 131 ? -8.882  -9.288  3.882   1.000 12.204 ? 129 ASP A CA  1 
ATOM   1043 C C   . ASP A 1 131 ? -9.168  -8.017  4.696   1.000 12.721 ? 129 ASP A C   1 
ATOM   1044 O O   . ASP A 1 131 ? -9.053  -8.044  5.957   1.000 12.417 ? 129 ASP A O   1 
ATOM   1045 C CB  . ASP A 1 131 ? -8.430  -10.479 4.728   1.000 12.215 ? 129 ASP A CB  1 
ATOM   1046 C CG  . ASP A 1 131 ? -8.012  -11.659 3.881   1.000 12.139 ? 129 ASP A CG  1 
ATOM   1047 O OD1 . ASP A 1 131 ? -8.890  -12.149 3.145   1.000 12.458 ? 129 ASP A OD1 1 
ATOM   1048 O OD2 . ASP A 1 131 ? -6.819  -12.075 3.961   1.000 12.146 ? 129 ASP A OD2 1 
ATOM   1049 N N   . ILE A 1 132 ? -9.571  -6.942  4.013   1.000 13.431 ? 130 ILE A N   1 
ATOM   1050 C CA  . ILE A 1 132 ? -9.950  -5.657  4.669   1.000 14.405 ? 130 ILE A CA  1 
ATOM   1051 C C   . ILE A 1 132 ? -11.283 -5.165  4.099   1.000 14.937 ? 130 ILE A C   1 
ATOM   1052 O O   . ILE A 1 132 ? -11.665 -5.564  2.967   1.000 14.459 ? 130 ILE A O   1 
ATOM   1053 C CB  . ILE A 1 132 ? -8.834  -4.605  4.518   1.000 14.984 ? 130 ILE A CB  1 
ATOM   1054 C CG1 . ILE A 1 132 ? -8.552  -4.263  3.050   1.000 15.855 ? 130 ILE A CG1 1 
ATOM   1055 C CG2 . ILE A 1 132 ? -7.581  -5.058  5.245   1.000 14.785 ? 130 ILE A CG2 1 
ATOM   1056 C CD1 . ILE A 1 132 ? -8.385  -2.804  2.800   1.000 16.641 ? 130 ILE A CD1 1 
ATOM   1057 N N   . SER A 1 133 ? -11.970 -4.347  4.893   1.000 14.940 ? 131 SER A N   1 
ATOM   1058 C CA  . SER A 1 133 ? -12.974 -3.362  4.439   1.000 15.441 ? 131 SER A CA  1 
ATOM   1059 C C   . SER A 1 133 ? -12.290 -1.998  4.327   1.000 15.841 ? 131 SER A C   1 
ATOM   1060 O O   . SER A 1 133 ? -11.356 -1.734  5.094   1.000 14.411 ? 131 SER A O   1 
ATOM   1061 C CB  . SER A 1 133 ? -14.153 -3.317  5.371   1.000 15.895 ? 131 SER A CB  1 
ATOM   1062 O OG  . SER A 1 133 ? -13.773 -2.820  6.638   1.000 16.042 ? 131 SER A OG  1 
ATOM   1063 N N   . LEU A 1 134 ? -12.761 -1.184  3.389   1.000 16.412 ? 132 LEU A N   1 
ATOM   1064 C CA  . LEU A 1 134 ? -12.187 0.127   3.002   1.000 17.855 ? 132 LEU A CA  1 
ATOM   1065 C C   . LEU A 1 134 ? -13.299 1.173   3.122   1.000 17.632 ? 132 LEU A C   1 
ATOM   1066 O O   . LEU A 1 134 ? -14.366 0.942   2.525   1.000 18.727 ? 132 LEU A O   1 
ATOM   1067 C CB  . LEU A 1 134 ? -11.717 -0.019  1.552   1.000 20.239 ? 132 LEU A CB  1 
ATOM   1068 C CG  . LEU A 1 134 ? -10.478 0.755   1.125   1.000 23.431 ? 132 LEU A CG  1 
ATOM   1069 C CD1 . LEU A 1 134 ? -9.295  0.450   2.032   1.000 24.916 ? 132 LEU A CD1 1 
ATOM   1070 C CD2 . LEU A 1 134 ? -10.135 0.425   -0.321  1.000 23.446 ? 132 LEU A CD2 1 
ATOM   1071 N N   . THR A 1 135 ? -13.077 2.258   3.867   1.000 16.983 ? 133 THR A N   1 
ATOM   1072 C CA  . THR A 1 135 ? -14.015 3.413   3.960   1.000 17.685 ? 133 THR A CA  1 
ATOM   1073 C C   . THR A 1 135 ? -13.459 4.642   3.231   1.000 17.409 ? 133 THR A C   1 
ATOM   1074 O O   . THR A 1 135 ? -14.280 5.451   2.777   1.000 18.363 ? 133 THR A O   1 
ATOM   1075 C CB  . THR A 1 135 ? -14.418 3.723   5.409   1.000 17.957 ? 133 THR A CB  1 
ATOM   1076 O OG1 . THR A 1 135 ? -13.263 3.957   6.216   1.000 17.459 ? 133 THR A OG1 1 
ATOM   1077 C CG2 . THR A 1 135 ? -15.250 2.608   6.001   1.000 19.529 ? 133 THR A CG2 1 
ATOM   1078 N N   . LYS A 1 136 ? -12.140 4.790   3.121   1.000 16.929 ? 134 LYS A N   1 
ATOM   1079 C CA  . LYS A 1 136 ? -11.506 6.011   2.558   1.000 18.262 ? 134 LYS A CA  1 
ATOM   1080 C C   . LYS A 1 136 ? -10.283 5.623   1.725   1.000 16.329 ? 134 LYS A C   1 
ATOM   1081 O O   . LYS A 1 136 ? -9.459  4.802   2.173   1.000 15.455 ? 134 LYS A O   1 
ATOM   1082 C CB  . LYS A 1 136 ? -11.135 7.010   3.659   1.000 20.407 ? 134 LYS A CB  1 
ATOM   1083 C CG  . LYS A 1 136 ? -12.288 7.503   4.530   1.000 23.638 ? 134 LYS A CG  1 
ATOM   1084 C CD  . LYS A 1 136 ? -13.307 8.409   3.838   1.000 27.131 ? 134 LYS A CD  1 
ATOM   1085 C CE  . LYS A 1 136 ? -13.793 9.526   4.743   1.000 29.902 ? 134 LYS A CE  1 
ATOM   1086 N NZ  . LYS A 1 136 ? -14.673 10.485  4.031   1.000 32.853 ? 134 LYS A NZ  1 
ATOM   1087 N N   . PHE A 1 137 ? -10.190 6.200   0.534   1.000 15.096 ? 135 PHE A N   1 
ATOM   1088 C CA  . PHE A 1 137 ? -9.000  6.136   -0.332  1.000 15.007 ? 135 PHE A CA  1 
ATOM   1089 C C   . PHE A 1 137 ? -8.830  7.492   -1.002  1.000 15.410 ? 135 PHE A C   1 
ATOM   1090 O O   . PHE A 1 137 ? -9.794  7.996   -1.622  1.000 16.732 ? 135 PHE A O   1 
ATOM   1091 C CB  . PHE A 1 137 ? -9.104  5.002   -1.348  1.000 14.274 ? 135 PHE A CB  1 
ATOM   1092 C CG  . PHE A 1 137 ? -7.916  4.921   -2.269  1.000 14.443 ? 135 PHE A CG  1 
ATOM   1093 C CD1 . PHE A 1 137 ? -7.817  5.755   -3.372  1.000 13.709 ? 135 PHE A CD1 1 
ATOM   1094 C CD2 . PHE A 1 137 ? -6.883  4.029   -2.008  1.000 14.275 ? 135 PHE A CD2 1 
ATOM   1095 C CE1 . PHE A 1 137 ? -6.727  5.666   -4.222  1.000 14.404 ? 135 PHE A CE1 1 
ATOM   1096 C CE2 . PHE A 1 137 ? -5.794  3.943   -2.859  1.000 14.572 ? 135 PHE A CE2 1 
ATOM   1097 C CZ  . PHE A 1 137 ? -5.722  4.753   -3.970  1.000 14.159 ? 135 PHE A CZ  1 
ATOM   1098 N N   . ASN A 1 138 ? -7.644  8.066   -0.871  1.000 15.469 ? 136 ASN A N   1 
ATOM   1099 C CA  . ASN A 1 138 ? -7.315  9.357   -1.511  1.000 16.009 ? 136 ASN A CA  1 
ATOM   1100 C C   . ASN A 1 138 ? -5.870  9.317   -2.024  1.000 16.129 ? 136 ASN A C   1 
ATOM   1101 O O   . ASN A 1 138 ? -4.988  8.794   -1.330  1.000 15.533 ? 136 ASN A O   1 
ATOM   1102 C CB  . ASN A 1 138 ? -7.636  10.529  -0.586  1.000 16.690 ? 136 ASN A CB  1 
ATOM   1103 C CG  . ASN A 1 138 ? -7.349  11.849  -1.265  1.000 17.777 ? 136 ASN A CG  1 
ATOM   1104 O OD1 . ASN A 1 138 ? -6.323  12.459  -0.994  1.000 18.796 ? 136 ASN A OD1 1 
ATOM   1105 N ND2 . ASN A 1 138 ? -8.203  12.248  -2.204  1.000 19.669 ? 136 ASN A ND2 1 
ATOM   1106 N N   . VAL A 1 139 ? -5.672  9.807   -3.247  1.000 16.893 ? 137 VAL A N   1 
ATOM   1107 C CA  . VAL A 1 139 ? -4.350  10.261  -3.771  1.000 16.854 ? 137 VAL A CA  1 
ATOM   1108 C C   . VAL A 1 139 ? -4.430  11.782  -3.908  1.000 17.549 ? 137 VAL A C   1 
ATOM   1109 O O   . VAL A 1 139 ? -5.406  12.259  -4.512  1.000 16.620 ? 137 VAL A O   1 
ATOM   1110 C CB  . VAL A 1 139 ? -4.023  9.572   -5.109  1.000 17.939 ? 137 VAL A CB  1 
ATOM   1111 C CG1 . VAL A 1 139 ? -2.684  10.024  -5.686  1.000 17.861 ? 137 VAL A CG1 1 
ATOM   1112 C CG2 . VAL A 1 139 ? -4.068  8.057   -4.966  1.000 18.256 ? 137 VAL A CG2 1 
ATOM   1113 N N   . SER A 1 140 ? -3.486  12.498  -3.303  1.000 17.407 ? 138 SER A N   1 
ATOM   1114 C CA  . SER A 1 140 ? -3.350  13.974  -3.389  1.000 18.842 ? 138 SER A CA  1 
ATOM   1115 C C   . SER A 1 140 ? -2.763  14.343  -4.759  1.000 20.303 ? 138 SER A C   1 
ATOM   1116 O O   . SER A 1 140 ? -1.938  13.572  -5.292  1.000 20.385 ? 138 SER A O   1 
ATOM   1117 C CB  . SER A 1 140 ? -2.526  14.517  -2.236  1.000 18.295 ? 138 SER A CB  1 
ATOM   1118 O OG  . SER A 1 140 ? -1.165  14.105  -2.321  1.000 17.553 ? 138 SER A OG  1 
ATOM   1119 N N   . TYR A 1 141 ? -3.186  15.473  -5.322  1.000 20.623 ? 139 TYR A N   1 
ATOM   1120 C CA  . TYR A 1 141 ? -2.738  15.960  -6.649  1.000 21.414 ? 139 TYR A CA  1 
ATOM   1121 C C   . TYR A 1 141 ? -2.477  17.467  -6.584  1.000 23.097 ? 139 TYR A C   1 
ATOM   1122 O O   . TYR A 1 141 ? -2.819  18.155  -7.570  1.000 23.439 ? 139 TYR A O   1 
ATOM   1123 C CB  . TYR A 1 141 ? -3.797  15.628  -7.701  1.000 20.981 ? 139 TYR A CB  1 
ATOM   1124 C CG  . TYR A 1 141 ? -3.904  14.163  -8.044  1.000 20.488 ? 139 TYR A CG  1 
ATOM   1125 C CD1 . TYR A 1 141 ? -3.033  13.575  -8.952  1.000 19.289 ? 139 TYR A CD1 1 
ATOM   1126 C CD2 . TYR A 1 141 ? -4.901  13.373  -7.494  1.000 20.390 ? 139 TYR A CD2 1 
ATOM   1127 C CE1 . TYR A 1 141 ? -3.127  12.229  -9.272  1.000 19.363 ? 139 TYR A CE1 1 
ATOM   1128 C CE2 . TYR A 1 141 ? -5.016  12.029  -7.818  1.000 20.074 ? 139 TYR A CE2 1 
ATOM   1129 C CZ  . TYR A 1 141 ? -4.125  11.453  -8.708  1.000 19.167 ? 139 TYR A CZ  1 
ATOM   1130 O OH  . TYR A 1 141 ? -4.238  10.125  -9.019  1.000 17.889 ? 139 TYR A OH  1 
ATOM   1131 N N   . LEU A 1 142 ? -1.898  17.954  -5.476  1.000 24.045 ? 140 LEU A N   1 
ATOM   1132 C CA  . LEU A 1 142 ? -1.805  19.409  -5.160  1.000 24.049 ? 140 LEU A CA  1 
ATOM   1133 C C   . LEU A 1 142 ? -0.494  19.996  -5.699  1.000 24.498 ? 140 LEU A C   1 
ATOM   1134 O O   . LEU A 1 142 ? -0.422  21.239  -5.818  1.000 21.336 ? 140 LEU A O   1 
ATOM   1135 C CB  . LEU A 1 142 ? -1.944  19.639  -3.652  1.000 25.104 ? 140 LEU A CB  1 
ATOM   1136 C CG  . LEU A 1 142 ? -3.260  19.182  -3.008  1.000 26.455 ? 140 LEU A CG  1 
ATOM   1137 C CD1 . LEU A 1 142 ? -3.356  19.698  -1.575  1.000 27.434 ? 140 LEU A CD1 1 
ATOM   1138 C CD2 . LEU A 1 142 ? -4.484  19.614  -3.811  1.000 26.175 ? 140 LEU A CD2 1 
ATOM   1139 N N   . LYS A 1 143 ? 0.495   19.156  -6.028  1.000 26.810 ? 141 LYS A N   1 
ATOM   1140 C CA  . LYS A 1 143 ? 1.896   19.603  -6.273  1.000 29.489 ? 141 LYS A CA  1 
ATOM   1141 C C   . LYS A 1 143 ? 2.239   19.514  -7.768  1.000 27.883 ? 141 LYS A C   1 
ATOM   1142 O O   . LYS A 1 143 ? 1.736   18.602  -8.482  1.000 25.302 ? 141 LYS A O   1 
ATOM   1143 C CB  . LYS A 1 143 ? 2.865   18.862  -5.342  1.000 31.652 ? 141 LYS A CB  1 
ATOM   1144 C CG  . LYS A 1 143 ? 3.060   19.558  -3.999  1.000 35.111 ? 141 LYS A CG  1 
ATOM   1145 C CD  . LYS A 1 143 ? 3.821   18.767  -2.961  1.000 39.196 ? 141 LYS A CD  1 
ATOM   1146 C CE  . LYS A 1 143 ? 3.705   19.367  -1.572  1.000 42.621 ? 141 LYS A CE  1 
ATOM   1147 N NZ  . LYS A 1 143 ? 4.852   18.995  -0.708  1.000 43.709 ? 141 LYS A NZ  1 
ATOM   1148 N N   . ARG A 1 144 ? 3.064   20.470  -8.212  1.000 30.239 ? 142 ARG A N   1 
ATOM   1149 C CA  . ARG A 1 144 ? 3.634   20.580  -9.581  1.000 32.416 ? 142 ARG A CA  1 
ATOM   1150 C C   . ARG A 1 144 ? 4.427   19.307  -9.901  1.000 32.700 ? 142 ARG A C   1 
ATOM   1151 O O   . ARG A 1 144 ? 4.260   18.703  -10.965 1.000 32.813 ? 142 ARG A O   1 
ATOM   1152 C CB  . ARG A 1 144 ? 4.517   21.830  -9.638  1.000 35.860 ? 142 ARG A CB  1 
ATOM   1153 C CG  . ARG A 1 144 ? 4.915   22.279  -11.036 1.000 39.915 ? 142 ARG A CG  1 
ATOM   1154 C CD  . ARG A 1 144 ? 5.943   23.396  -10.948 1.000 43.475 ? 142 ARG A CD  1 
ATOM   1155 N NE  . ARG A 1 144 ? 5.824   24.362  -12.034 1.000 49.039 ? 142 ARG A NE  1 
ATOM   1156 C CZ  . ARG A 1 144 ? 6.613   25.428  -12.218 1.000 52.046 ? 142 ARG A CZ  1 
ATOM   1157 N NH1 . ARG A 1 144 ? 7.609   25.689  -11.384 1.000 53.229 ? 142 ARG A NH1 1 
ATOM   1158 N NH2 . ARG A 1 144 ? 6.400   26.227  -13.253 1.000 51.182 ? 142 ARG A NH2 1 
ATOM   1159 O OXT . ARG A 1 144 ? 5.243   18.862  -9.089  1.000 31.458 ? 142 ARG A OXT 1 
HETATM 1160 C C1  . FUL B 2 .   ? 8.081   -12.294 -3.681  1.000 26.688 ? 201 FUL A C1  1 
HETATM 1161 C C2  . FUL B 2 .   ? 7.148   -11.739 -2.609  1.000 25.918 ? 201 FUL A C2  1 
HETATM 1162 O O2  . FUL B 2 .   ? 7.636   -10.501 -2.126  1.000 25.151 ? 201 FUL A O2  1 
HETATM 1163 C C3  . FUL B 2 .   ? 5.706   -11.590 -3.112  1.000 25.440 ? 201 FUL A C3  1 
HETATM 1164 O O3  . FUL B 2 .   ? 4.897   -11.207 -1.968  1.000 24.795 ? 201 FUL A O3  1 
HETATM 1165 C C4  . FUL B 2 .   ? 5.219   -12.908 -3.753  1.000 25.518 ? 201 FUL A C4  1 
HETATM 1166 O O4  . FUL B 2 .   ? 4.898   -13.905 -2.780  1.000 25.018 ? 201 FUL A O4  1 
HETATM 1167 C C5  . FUL B 2 .   ? 6.283   -13.459 -4.690  1.000 26.184 ? 201 FUL A C5  1 
HETATM 1168 C C6  . FUL B 2 .   ? 5.927   -14.772 -5.383  1.000 27.291 ? 201 FUL A C6  1 
HETATM 1169 O O5  . FUL B 2 .   ? 7.549   -13.572 -4.040  1.000 27.004 ? 201 FUL A O5  1 
HETATM 1170 O O1  . FUL B 2 .   ? 9.436   -12.395 -3.213  1.000 26.753 ? 201 FUL A O1  1 
HETATM 1171 O O   . HOH C 3 .   ? 13.625  1.944   5.940   1.000 22.097 ? 301 HOH A O   1 
HETATM 1172 O O   . HOH C 3 .   ? -6.292  14.915  -0.900  1.000 21.240 ? 302 HOH A O   1 
HETATM 1173 O O   . HOH C 3 .   ? 6.719   -13.650 12.172  1.000 35.690 ? 303 HOH A O   1 
HETATM 1174 O O   . HOH C 3 .   ? 16.001  5.244   2.607   1.000 21.052 ? 304 HOH A O   1 
HETATM 1175 O O   . HOH C 3 .   ? 0.016   -15.561 12.901  1.000 26.400 ? 305 HOH A O   1 
HETATM 1176 O O   . HOH C 3 .   ? -6.261  -10.159 -12.766 1.000 21.626 ? 306 HOH A O   1 
HETATM 1177 O O   . HOH C 3 .   ? -6.027  8.603   -8.089  1.000 20.404 ? 307 HOH A O   1 
HETATM 1178 O O   . HOH C 3 .   ? 4.080   -12.810 -0.149  1.000 20.702 ? 308 HOH A O   1 
HETATM 1179 O O   . HOH C 3 .   ? -0.331  -5.505  17.178  1.000 23.347 ? 309 HOH A O   1 
HETATM 1180 O O   . HOH C 3 .   ? -2.732  1.327   -18.308 1.000 22.947 ? 310 HOH A O   1 
HETATM 1181 O O   . HOH C 3 .   ? 4.607   -1.445  -17.447 1.000 26.082 ? 311 HOH A O   1 
HETATM 1182 O O   . HOH C 3 .   ? -6.920  -12.303 17.422  1.000 15.473 ? 312 HOH A O   1 
HETATM 1183 O O   . HOH C 3 .   ? -12.572 1.869   7.812   1.000 23.345 ? 313 HOH A O   1 
HETATM 1184 O O   . HOH C 3 .   ? -5.537  -18.376 9.104   1.000 18.622 ? 314 HOH A O   1 
HETATM 1185 O O   . HOH C 3 .   ? -14.088 -0.286  7.227   1.000 24.260 ? 315 HOH A O   1 
HETATM 1186 O O   . HOH C 3 .   ? 13.979  -0.455  -2.583  1.000 16.955 ? 316 HOH A O   1 
HETATM 1187 O O   . HOH C 3 .   ? 8.984   4.117   -6.814  1.000 14.825 ? 317 HOH A O   1 
HETATM 1188 O O   . HOH C 3 .   ? -14.635 -8.844  -3.767  1.000 20.931 ? 318 HOH A O   1 
HETATM 1189 O O   . HOH C 3 .   ? -4.408  -8.178  -7.452  1.000 30.604 ? 319 HOH A O   1 
HETATM 1190 O O   . HOH C 3 .   ? 14.001  2.624   2.445   1.000 24.909 ? 320 HOH A O   1 
HETATM 1191 O O   . HOH C 3 .   ? -2.358  -5.730  -7.475  1.000 16.403 ? 321 HOH A O   1 
HETATM 1192 O O   . HOH C 3 .   ? -2.929  -18.562 7.858   1.000 18.394 ? 322 HOH A O   1 
HETATM 1193 O O   . HOH C 3 .   ? -7.897  -2.583  -13.791 1.000 29.258 ? 323 HOH A O   1 
HETATM 1194 O O   . HOH C 3 .   ? 9.937   1.548   -6.750  1.000 11.950 ? 324 HOH A O   1 
HETATM 1195 O O   . HOH C 3 .   ? 2.972   8.328   -11.395 1.000 13.720 ? 325 HOH A O   1 
HETATM 1196 O O   . HOH C 3 .   ? -0.279  12.528  -7.281  1.000 18.282 ? 326 HOH A O   1 
HETATM 1197 O O   . HOH C 3 .   ? 8.880   12.361  6.278   1.000 16.901 ? 327 HOH A O   1 
HETATM 1198 O O   . HOH C 3 .   ? 0.148   16.468  -8.037  1.000 25.776 ? 328 HOH A O   1 
HETATM 1199 O O   . HOH C 3 .   ? -5.772  -2.704  12.848  1.000 24.393 ? 329 HOH A O   1 
HETATM 1200 O O   . HOH C 3 .   ? -1.188  -12.983 13.221  1.000 15.533 ? 330 HOH A O   1 
HETATM 1201 O O   . HOH C 3 .   ? 14.900  -3.841  -8.539  1.000 25.281 ? 331 HOH A O   1 
HETATM 1202 O O   . HOH C 3 .   ? 3.355   11.459  -12.270 1.000 20.237 ? 332 HOH A O   1 
HETATM 1203 O O   . HOH C 3 .   ? -11.569 4.041   -9.069  1.000 26.396 ? 333 HOH A O   1 
HETATM 1204 O O   . HOH C 3 .   ? 3.058   19.757  -13.166 1.000 21.435 ? 334 HOH A O   1 
HETATM 1205 O O   . HOH C 3 .   ? -14.996 -2.277  1.829   1.000 15.707 ? 335 HOH A O   1 
HETATM 1206 O O   . HOH C 3 .   ? -8.203  10.133  -4.945  1.000 18.595 ? 336 HOH A O   1 
HETATM 1207 O O   . HOH C 3 .   ? -3.994  11.470  0.482   1.000 19.068 ? 337 HOH A O   1 
HETATM 1208 O O   . HOH C 3 .   ? -13.918 -6.531  1.760   1.000 23.535 ? 338 HOH A O   1 
HETATM 1209 O O   . HOH C 3 .   ? -8.723  -7.825  13.345  1.000 20.460 ? 339 HOH A O   1 
HETATM 1210 O O   . HOH C 3 .   ? -13.916 -7.978  -0.588  1.000 22.003 ? 340 HOH A O   1 
HETATM 1211 O O   . HOH C 3 .   ? 4.628   3.120   -16.741 1.000 22.500 ? 341 HOH A O   1 
HETATM 1212 O O   . HOH C 3 .   ? 15.874  -3.256  -1.570  1.000 22.029 ? 342 HOH A O   1 
HETATM 1213 O O   . HOH C 3 .   ? -11.631 -12.610 3.068   1.000 14.421 ? 343 HOH A O   1 
HETATM 1214 O O   . HOH C 3 .   ? -11.173 -9.163  -0.291  1.000 17.180 ? 344 HOH A O   1 
HETATM 1215 O O   . HOH C 3 .   ? 14.395  -8.177  4.721   1.000 22.283 ? 345 HOH A O   1 
HETATM 1216 O O   . HOH C 3 .   ? 14.329  -7.045  -13.985 1.000 23.503 ? 346 HOH A O   1 
HETATM 1217 O O   . HOH C 3 .   ? 2.926   -10.616 4.204   1.000 19.273 ? 347 HOH A O   1 
HETATM 1218 O O   . HOH C 3 .   ? -1.154  1.744   15.548  1.000 22.185 ? 348 HOH A O   1 
HETATM 1219 O O   . HOH C 3 .   ? 4.152   -7.918  -13.899 1.000 11.253 ? 349 HOH A O   1 
HETATM 1220 O O   . HOH C 3 .   ? 18.294  8.646   0.871   1.000 17.456 ? 350 HOH A O   1 
HETATM 1221 O O   . HOH C 3 .   ? -9.604  -11.264 0.562   0.500 15.516 ? 351 HOH A O   1 
HETATM 1222 O O   . HOH C 3 .   ? 15.936  10.042  1.881   1.000 21.119 ? 352 HOH A O   1 
HETATM 1223 O O   . HOH C 3 .   ? -0.066  16.423  -3.551  1.000 22.122 ? 353 HOH A O   1 
HETATM 1224 O O   . HOH C 3 .   ? 6.484   8.897   13.140  1.000 21.711 ? 354 HOH A O   1 
HETATM 1225 O O   . HOH C 3 .   ? -1.187  7.134   9.151   1.000 20.759 ? 355 HOH A O   1 
HETATM 1226 O O   . HOH C 3 .   ? -4.241  5.522   -15.432 1.000 19.824 ? 356 HOH A O   1 
HETATM 1227 O O   . HOH C 3 .   ? -5.684  16.591  -4.311  1.000 17.982 ? 357 HOH A O   1 
HETATM 1228 O O   . HOH C 3 .   ? 13.557  10.888  0.408   1.000 18.280 ? 358 HOH A O   1 
HETATM 1229 O O   . HOH C 3 .   ? -4.362  -0.631  13.684  1.000 23.043 ? 359 HOH A O   1 
HETATM 1230 O O   . HOH C 3 .   ? 3.696   -4.038  -16.963 1.000 21.787 ? 360 HOH A O   1 
HETATM 1231 O O   . HOH C 3 .   ? 1.675   11.856  11.363  1.000 21.721 ? 361 HOH A O   1 
HETATM 1232 O O   . HOH C 3 .   ? -5.777  -12.943 1.339   0.500 16.747 ? 362 HOH A O   1 
HETATM 1233 O O   . HOH C 3 .   ? -2.676  -6.099  18.464  1.000 28.654 ? 363 HOH A O   1 
HETATM 1234 O O   . HOH C 3 .   ? 3.343   6.578   -16.523 1.000 28.688 ? 364 HOH A O   1 
HETATM 1235 O O   . HOH C 3 .   ? 12.848  4.821   -13.432 1.000 18.619 ? 365 HOH A O   1 
HETATM 1236 O O   . HOH C 3 .   ? 15.784  -6.143  -6.070  1.000 30.576 ? 366 HOH A O   1 
HETATM 1237 O O   . HOH C 3 .   ? 14.621  -0.073  0.368   1.000 25.161 ? 367 HOH A O   1 
HETATM 1238 O O   . HOH C 3 .   ? -10.159 -9.120  17.076  1.000 29.015 ? 368 HOH A O   1 
HETATM 1239 O O   . HOH C 3 .   ? -11.398 0.915   15.737  1.000 27.511 ? 369 HOH A O   1 
HETATM 1240 O O   . HOH C 3 .   ? -12.669 0.083   -7.502  1.000 23.266 ? 370 HOH A O   1 
HETATM 1241 O O   . HOH C 3 .   ? -3.763  -1.516  -19.192 1.000 23.788 ? 371 HOH A O   1 
HETATM 1242 O O   . HOH C 3 .   ? 4.297   21.989  -14.039 1.000 37.697 ? 372 HOH A O   1 
HETATM 1243 O O   . HOH C 3 .   ? 0.546   17.671  -1.501  1.000 29.305 ? 373 HOH A O   1 
HETATM 1244 O O   . HOH C 3 .   ? 15.242  -1.593  5.073   1.000 25.573 ? 374 HOH A O   1 
# 
loop_
_pdbx_poly_seq_scheme.asym_id 
_pdbx_poly_seq_scheme.entity_id 
_pdbx_poly_seq_scheme.seq_id 
_pdbx_poly_seq_scheme.mon_id 
_pdbx_poly_seq_scheme.ndb_seq_num 
_pdbx_poly_seq_scheme.pdb_seq_num 
_pdbx_poly_seq_scheme.auth_seq_num 
_pdbx_poly_seq_scheme.pdb_mon_id 
_pdbx_poly_seq_scheme.auth_mon_id 
_pdbx_poly_seq_scheme.pdb_strand_id 
_pdbx_poly_seq_scheme.pdb_ins_code 
_pdbx_poly_seq_scheme.hetero 
A 1 1   GLY 1   -1  ?   ?   ?   A . n 
A 1 2   SER 2   0   ?   ?   ?   A . n 
A 1 3   MET 3   1   1   MET MET A . n 
A 1 4   SER 4   2   2   SER SER A . n 
A 1 5   LEU 5   3   3   LEU LEU A . n 
A 1 6   LEU 6   4   4   LEU LEU A . n 
A 1 7   PRO 7   5   5   PRO PRO A . n 
A 1 8   VAL 8   6   6   VAL VAL A . n 
A 1 9   PRO 9   7   7   PRO PRO A . n 
A 1 10  TYR 10  8   8   TYR TYR A . n 
A 1 11  THR 11  9   9   THR THR A . n 
A 1 12  GLU 12  10  10  GLU GLU A . n 
A 1 13  ALA 13  11  11  ALA ALA A . n 
A 1 14  ALA 14  12  12  ALA ALA A . n 
A 1 15  SER 15  13  13  SER SER A . n 
A 1 16  LEU 16  14  14  LEU LEU A . n 
A 1 17  SER 17  15  15  SER SER A . n 
A 1 18  THR 18  16  16  THR THR A . n 
A 1 19  GLY 19  17  17  GLY GLY A . n 
A 1 20  SER 20  18  18  SER SER A . n 
A 1 21  THR 21  19  19  THR THR A . n 
A 1 22  VAL 22  20  20  VAL VAL A . n 
A 1 23  THR 23  21  21  THR THR A . n 
A 1 24  ILE 24  22  22  ILE ILE A . n 
A 1 25  LYS 25  23  23  LYS LYS A . n 
A 1 26  GLY 26  24  24  GLY GLY A . n 
A 1 27  ARG 27  25  25  ARG ARG A . n 
A 1 28  PRO 28  26  26  PRO PRO A . n 
A 1 29  LEU 29  27  27  LEU LEU A . n 
A 1 30  VAL 30  28  28  VAL VAL A . n 
A 1 31  CYS 31  29  29  CYS CYS A . n 
A 1 32  PHE 32  30  30  PHE PHE A . n 
A 1 33  LEU 33  31  31  LEU LEU A . n 
A 1 34  ASN 34  32  32  ASN ASN A . n 
A 1 35  GLU 35  33  33  GLU GLU A . n 
A 1 36  PRO 36  34  34  PRO PRO A . n 
A 1 37  TYR 37  35  35  TYR TYR A . n 
A 1 38  LEU 38  36  36  LEU LEU A . n 
A 1 39  GLN 39  37  37  GLN GLN A . n 
A 1 40  VAL 40  38  38  VAL VAL A . n 
A 1 41  ASP 41  39  39  ASP ASP A . n 
A 1 42  PHE 42  40  40  PHE PHE A . n 
A 1 43  HIS 43  41  41  HIS HIS A . n 
A 1 44  THR 44  42  42  THR THR A . n 
A 1 45  GLU 45  43  43  GLU GLU A . n 
A 1 46  MET 46  44  44  MET MET A . n 
A 1 47  LYS 47  45  45  LYS LYS A . n 
A 1 48  GLU 48  46  46  GLU GLU A . n 
A 1 49  GLU 49  47  47  GLU GLU A . n 
A 1 50  SER 50  48  48  SER SER A . n 
A 1 51  ASP 51  49  49  ASP ASP A . n 
A 1 52  ILE 52  50  50  ILE ILE A . n 
A 1 53  VAL 53  51  51  VAL VAL A . n 
A 1 54  PHE 54  52  52  PHE PHE A . n 
A 1 55  HIS 55  53  53  HIS HIS A . n 
A 1 56  PHE 56  54  54  PHE PHE A . n 
A 1 57  GLN 57  55  55  GLN GLN A . n 
A 1 58  VAL 58  56  56  VAL VAL A . n 
A 1 59  CYS 59  57  57  CYS CYS A . n 
A 1 60  PHE 60  58  58  PHE PHE A . n 
A 1 61  GLY 61  59  59  GLY GLY A . n 
A 1 62  ARG 62  60  60  ARG ARG A . n 
A 1 63  ARG 63  61  61  ARG ARG A . n 
A 1 64  VAL 64  62  62  VAL VAL A . n 
A 1 65  VAL 65  63  63  VAL VAL A . n 
A 1 66  MET 66  64  64  MET MET A . n 
A 1 67  ASN 67  65  65  ASN ASN A . n 
A 1 68  SER 68  66  66  SER SER A . n 
A 1 69  ARG 69  67  67  ARG ARG A . n 
A 1 70  GLU 70  68  68  GLU GLU A . n 
A 1 71  TYR 71  69  69  TYR TYR A . n 
A 1 72  GLY 72  70  70  GLY GLY A . n 
A 1 73  ALA 73  71  71  ALA ALA A . n 
A 1 74  TRP 74  72  72  TRP TRP A . n 
A 1 75  LYS 75  73  73  LYS LYS A . n 
A 1 76  GLN 76  74  74  GLN GLN A . n 
A 1 77  GLN 77  75  75  GLN GLN A . n 
A 1 78  VAL 78  76  76  VAL VAL A . n 
A 1 79  GLU 79  77  77  GLU GLU A . n 
A 1 80  SER 80  78  78  SER SER A . n 
A 1 81  LYS 81  79  79  LYS LYS A . n 
A 1 82  ASN 82  80  80  ASN ASN A . n 
A 1 83  MET 83  81  81  MET MET A . n 
A 1 84  PRO 84  82  82  PRO PRO A . n 
A 1 85  PHE 85  83  83  PHE PHE A . n 
A 1 86  GLN 86  84  84  GLN GLN A . n 
A 1 87  ASP 87  85  85  ASP ASP A . n 
A 1 88  GLY 88  86  86  GLY GLY A . n 
A 1 89  GLN 89  87  87  GLN GLN A . n 
A 1 90  GLU 90  88  88  GLU GLU A . n 
A 1 91  PHE 91  89  89  PHE PHE A . n 
A 1 92  GLU 92  90  90  GLU GLU A . n 
A 1 93  LEU 93  91  91  LEU LEU A . n 
A 1 94  SER 94  92  92  SER SER A . n 
A 1 95  ILE 95  93  93  ILE ILE A . n 
A 1 96  SER 96  94  94  SER SER A . n 
A 1 97  VAL 97  95  95  VAL VAL A . n 
A 1 98  LEU 98  96  96  LEU LEU A . n 
A 1 99  PRO 99  97  97  PRO PRO A . n 
A 1 100 ASP 100 98  98  ASP ASP A . n 
A 1 101 LYS 101 99  99  LYS LYS A . n 
A 1 102 TYR 102 100 100 TYR TYR A . n 
A 1 103 GLN 103 101 101 GLN GLN A . n 
A 1 104 VAL 104 102 102 VAL VAL A . n 
A 1 105 MET 105 103 103 MET MET A . n 
A 1 106 VAL 106 104 104 VAL VAL A . n 
A 1 107 ASN 107 105 105 ASN ASN A . n 
A 1 108 GLY 108 106 106 GLY GLY A . n 
A 1 109 GLN 109 107 107 GLN GLN A . n 
A 1 110 SER 110 108 108 SER SER A . n 
A 1 111 SER 111 109 109 SER SER A . n 
A 1 112 TYR 112 110 110 TYR TYR A . n 
A 1 113 THR 113 111 111 THR THR A . n 
A 1 114 PHE 114 112 112 PHE PHE A . n 
A 1 115 ASP 115 113 113 ASP ASP A . n 
A 1 116 HIS 116 114 114 HIS HIS A . n 
A 1 117 ARG 117 115 115 ARG ARG A . n 
A 1 118 ILE 118 116 116 ILE ILE A . n 
A 1 119 LYS 119 117 117 LYS LYS A . n 
A 1 120 PRO 120 118 118 PRO PRO A . n 
A 1 121 GLU 121 119 119 GLU GLU A . n 
A 1 122 ALA 122 120 120 ALA ALA A . n 
A 1 123 VAL 123 121 121 VAL VAL A . n 
A 1 124 LYS 124 122 122 LYS LYS A . n 
A 1 125 MET 125 123 123 MET MET A . n 
A 1 126 VAL 126 124 124 VAL VAL A . n 
A 1 127 GLN 127 125 125 GLN GLN A . n 
A 1 128 VAL 128 126 126 VAL VAL A . n 
A 1 129 TRP 129 127 127 TRP TRP A . n 
A 1 130 ARG 130 128 128 ARG ARG A . n 
A 1 131 ASP 131 129 129 ASP ASP A . n 
A 1 132 ILE 132 130 130 ILE ILE A . n 
A 1 133 SER 133 131 131 SER SER A . n 
A 1 134 LEU 134 132 132 LEU LEU A . n 
A 1 135 THR 135 133 133 THR THR A . n 
A 1 136 LYS 136 134 134 LYS LYS A . n 
A 1 137 PHE 137 135 135 PHE PHE A . n 
A 1 138 ASN 138 136 136 ASN ASN A . n 
A 1 139 VAL 139 137 137 VAL VAL A . n 
A 1 140 SER 140 138 138 SER SER A . n 
A 1 141 TYR 141 139 139 TYR TYR A . n 
A 1 142 LEU 142 140 140 LEU LEU A . n 
A 1 143 LYS 143 141 141 LYS LYS A . n 
A 1 144 ARG 144 142 142 ARG ARG A . n 
# 
loop_
_pdbx_nonpoly_scheme.asym_id 
_pdbx_nonpoly_scheme.entity_id 
_pdbx_nonpoly_scheme.mon_id 
_pdbx_nonpoly_scheme.ndb_seq_num 
_pdbx_nonpoly_scheme.pdb_seq_num 
_pdbx_nonpoly_scheme.auth_seq_num 
_pdbx_nonpoly_scheme.pdb_mon_id 
_pdbx_nonpoly_scheme.auth_mon_id 
_pdbx_nonpoly_scheme.pdb_strand_id 
_pdbx_nonpoly_scheme.pdb_ins_code 
B 2 FUL 1  201 201 FUL FUL A . 
C 3 HOH 1  301 54  HOH HOH A . 
C 3 HOH 2  302 52  HOH HOH A . 
C 3 HOH 3  303 44  HOH HOH A . 
C 3 HOH 4  304 63  HOH HOH A . 
C 3 HOH 5  305 70  HOH HOH A . 
C 3 HOH 6  306 21  HOH HOH A . 
C 3 HOH 7  307 1   HOH HOH A . 
C 3 HOH 8  308 32  HOH HOH A . 
C 3 HOH 9  309 53  HOH HOH A . 
C 3 HOH 10 310 28  HOH HOH A . 
C 3 HOH 11 311 48  HOH HOH A . 
C 3 HOH 12 312 16  HOH HOH A . 
C 3 HOH 13 313 20  HOH HOH A . 
C 3 HOH 14 314 29  HOH HOH A . 
C 3 HOH 15 315 33  HOH HOH A . 
C 3 HOH 16 316 5   HOH HOH A . 
C 3 HOH 17 317 2   HOH HOH A . 
C 3 HOH 18 318 36  HOH HOH A . 
C 3 HOH 19 319 61  HOH HOH A . 
C 3 HOH 20 320 64  HOH HOH A . 
C 3 HOH 21 321 8   HOH HOH A . 
C 3 HOH 22 322 22  HOH HOH A . 
C 3 HOH 23 323 51  HOH HOH A . 
C 3 HOH 24 324 11  HOH HOH A . 
C 3 HOH 25 325 10  HOH HOH A . 
C 3 HOH 26 326 62  HOH HOH A . 
C 3 HOH 27 327 26  HOH HOH A . 
C 3 HOH 28 328 42  HOH HOH A . 
C 3 HOH 29 329 34  HOH HOH A . 
C 3 HOH 30 330 18  HOH HOH A . 
C 3 HOH 31 331 23  HOH HOH A . 
C 3 HOH 32 332 6   HOH HOH A . 
C 3 HOH 33 333 67  HOH HOH A . 
C 3 HOH 34 334 4   HOH HOH A . 
C 3 HOH 35 335 12  HOH HOH A . 
C 3 HOH 36 336 13  HOH HOH A . 
C 3 HOH 37 337 56  HOH HOH A . 
C 3 HOH 38 338 74  HOH HOH A . 
C 3 HOH 39 339 39  HOH HOH A . 
C 3 HOH 40 340 37  HOH HOH A . 
C 3 HOH 41 341 49  HOH HOH A . 
C 3 HOH 42 342 68  HOH HOH A . 
C 3 HOH 43 343 3   HOH HOH A . 
C 3 HOH 44 344 17  HOH HOH A . 
C 3 HOH 45 345 73  HOH HOH A . 
C 3 HOH 46 346 25  HOH HOH A . 
C 3 HOH 47 347 24  HOH HOH A . 
C 3 HOH 48 348 71  HOH HOH A . 
C 3 HOH 49 349 9   HOH HOH A . 
C 3 HOH 50 350 14  HOH HOH A . 
C 3 HOH 51 351 15  HOH HOH A . 
C 3 HOH 52 352 27  HOH HOH A . 
C 3 HOH 53 353 35  HOH HOH A . 
C 3 HOH 54 354 7   HOH HOH A . 
C 3 HOH 55 355 45  HOH HOH A . 
C 3 HOH 56 356 41  HOH HOH A . 
C 3 HOH 57 357 19  HOH HOH A . 
C 3 HOH 58 358 30  HOH HOH A . 
C 3 HOH 59 359 59  HOH HOH A . 
C 3 HOH 60 360 50  HOH HOH A . 
C 3 HOH 61 361 47  HOH HOH A . 
C 3 HOH 62 362 31  HOH HOH A . 
C 3 HOH 63 363 72  HOH HOH A . 
C 3 HOH 64 364 38  HOH HOH A . 
C 3 HOH 65 365 43  HOH HOH A . 
C 3 HOH 66 366 57  HOH HOH A . 
C 3 HOH 67 367 40  HOH HOH A . 
C 3 HOH 68 368 46  HOH HOH A . 
C 3 HOH 69 369 69  HOH HOH A . 
C 3 HOH 70 370 65  HOH HOH A . 
C 3 HOH 71 371 55  HOH HOH A . 
C 3 HOH 72 372 66  HOH HOH A . 
C 3 HOH 73 373 60  HOH HOH A . 
C 3 HOH 74 374 58  HOH HOH A . 
# 
_pdbx_struct_assembly.id                   1 
_pdbx_struct_assembly.details              author_and_software_defined_assembly 
_pdbx_struct_assembly.method_details       PISA 
_pdbx_struct_assembly.oligomeric_details   dimeric 
_pdbx_struct_assembly.oligomeric_count     2 
# 
_pdbx_struct_assembly_gen.assembly_id       1 
_pdbx_struct_assembly_gen.oper_expression   1,2 
_pdbx_struct_assembly_gen.asym_id_list      A,B,C 
# 
loop_
_pdbx_struct_assembly_prop.biol_id 
_pdbx_struct_assembly_prop.type 
_pdbx_struct_assembly_prop.value 
_pdbx_struct_assembly_prop.details 
1 'ABSA (A^2)' 1710  ? 
1 MORE         -4    ? 
1 'SSA (A^2)'  13360 ? 
# 
loop_
_pdbx_struct_oper_list.id 
_pdbx_struct_oper_list.type 
_pdbx_struct_oper_list.name 
_pdbx_struct_oper_list.symmetry_operation 
_pdbx_struct_oper_list.matrix[1][1] 
_pdbx_struct_oper_list.matrix[1][2] 
_pdbx_struct_oper_list.matrix[1][3] 
_pdbx_struct_oper_list.vector[1] 
_pdbx_struct_oper_list.matrix[2][1] 
_pdbx_struct_oper_list.matrix[2][2] 
_pdbx_struct_oper_list.matrix[2][3] 
_pdbx_struct_oper_list.vector[2] 
_pdbx_struct_oper_list.matrix[3][1] 
_pdbx_struct_oper_list.matrix[3][2] 
_pdbx_struct_oper_list.matrix[3][3] 
_pdbx_struct_oper_list.vector[3] 
1 'identity operation'         1_555  x,y,z         1.0000000000 0.0000000000  0.0000000000 0.0000000000   0.0000000000  1.0000000000  0.0000000000  0.0000000000   0.0000000000 0.0000000000  1.0000000000  0.0000000000 
2 'crystal symmetry operation' 11_555 -x+y,y,-z+1/2 0.6209892978 -0.7114233260 0.3290123755 -11.8379108124 -0.7114233260 -0.6877689757 -0.1443976705 -25.7611460566 0.3290123755 -0.1443976705 -0.9332203221 2.6201036477 
# 
loop_
_pdbx_struct_special_symmetry.id 
_pdbx_struct_special_symmetry.PDB_model_num 
_pdbx_struct_special_symmetry.auth_asym_id 
_pdbx_struct_special_symmetry.auth_comp_id 
_pdbx_struct_special_symmetry.auth_seq_id 
_pdbx_struct_special_symmetry.PDB_ins_code 
_pdbx_struct_special_symmetry.label_asym_id 
_pdbx_struct_special_symmetry.label_comp_id 
_pdbx_struct_special_symmetry.label_seq_id 
1 1 A HOH 351 ? C HOH . 
2 1 A HOH 362 ? C HOH . 
# 
loop_
_pdbx_audit_revision_history.ordinal 
_pdbx_audit_revision_history.data_content_type 
_pdbx_audit_revision_history.major_revision 
_pdbx_audit_revision_history.minor_revision 
_pdbx_audit_revision_history.revision_date 
1 'Structure model' 1 0 2020-03-04 
2 'Structure model' 1 1 2020-07-29 
3 'Structure model' 1 2 2023-11-22 
# 
loop_
_pdbx_audit_revision_details.ordinal 
_pdbx_audit_revision_details.revision_ordinal 
_pdbx_audit_revision_details.data_content_type 
_pdbx_audit_revision_details.provider 
_pdbx_audit_revision_details.type 
_pdbx_audit_revision_details.description 
_pdbx_audit_revision_details.details 
1 1 'Structure model' repository 'Initial release' ?                          ? 
2 2 'Structure model' repository Remediation       'Carbohydrate remediation' ? 
# 
loop_
_pdbx_audit_revision_group.ordinal 
_pdbx_audit_revision_group.revision_ordinal 
_pdbx_audit_revision_group.data_content_type 
_pdbx_audit_revision_group.group 
1 2 'Structure model' 'Data collection'        
2 2 'Structure model' 'Derived calculations'   
3 2 'Structure model' 'Structure summary'      
4 3 'Structure model' 'Data collection'        
5 3 'Structure model' 'Database references'    
6 3 'Structure model' 'Derived calculations'   
7 3 'Structure model' 'Refinement description' 
8 3 'Structure model' 'Structure summary'      
# 
loop_
_pdbx_audit_revision_category.ordinal 
_pdbx_audit_revision_category.revision_ordinal 
_pdbx_audit_revision_category.data_content_type 
_pdbx_audit_revision_category.category 
1  2 'Structure model' chem_comp                     
2  2 'Structure model' entity                        
3  2 'Structure model' pdbx_chem_comp_identifier     
4  2 'Structure model' pdbx_entity_nonpoly           
5  3 'Structure model' atom_type                     
6  3 'Structure model' chem_comp                     
7  3 'Structure model' chem_comp_atom                
8  3 'Structure model' chem_comp_bond                
9  3 'Structure model' database_2                    
10 3 'Structure model' pdbx_initial_refinement_model 
# 
loop_
_pdbx_audit_revision_item.ordinal 
_pdbx_audit_revision_item.revision_ordinal 
_pdbx_audit_revision_item.data_content_type 
_pdbx_audit_revision_item.item 
1 2 'Structure model' '_chem_comp.name'                     
2 2 'Structure model' '_entity.pdbx_description'            
3 2 'Structure model' '_pdbx_entity_nonpoly.name'           
4 3 'Structure model' '_atom_type.pdbx_N_electrons'         
5 3 'Structure model' '_atom_type.pdbx_scat_Z'              
6 3 'Structure model' '_chem_comp.pdbx_synonyms'            
7 3 'Structure model' '_database_2.pdbx_DOI'                
8 3 'Structure model' '_database_2.pdbx_database_accession' 
# 
loop_
_software.citation_id 
_software.classification 
_software.compiler_name 
_software.compiler_version 
_software.contact_author 
_software.contact_author_email 
_software.date 
_software.description 
_software.dependencies 
_software.hardware 
_software.language 
_software.location 
_software.mods 
_software.name 
_software.os 
_software.os_version 
_software.type 
_software.version 
_software.pdbx_ordinal 
? refinement       ? ? ? ? ? ? ? ? ? ? ? REFMAC ? ? ? 5.8.0253 1 
? 'data reduction' ? ? ? ? ? ? ? ? ? ? ? XDS    ? ? ? .        2 
? 'data scaling'   ? ? ? ? ? ? ? ? ? ? ? XDS    ? ? ? .        3 
? phasing          ? ? ? ? ? ? ? ? ? ? ? MOLREP ? ? ? .        4 
# 
_pdbx_entry_details.entry_id                 6L6B 
_pdbx_entry_details.has_ligand_of_interest   Y 
_pdbx_entry_details.compound_details         ? 
_pdbx_entry_details.source_details           ? 
_pdbx_entry_details.nonpolymer_details       ? 
_pdbx_entry_details.sequence_details         ? 
# 
loop_
_pdbx_validate_torsion.id 
_pdbx_validate_torsion.PDB_model_num 
_pdbx_validate_torsion.auth_comp_id 
_pdbx_validate_torsion.auth_asym_id 
_pdbx_validate_torsion.auth_seq_id 
_pdbx_validate_torsion.PDB_ins_code 
_pdbx_validate_torsion.label_alt_id 
_pdbx_validate_torsion.phi 
_pdbx_validate_torsion.psi 
1 1 ARG A 60  ? ? -129.13 -65.82  
2 1 LYS A 73  ? ? -97.94  -156.28 
3 1 SER A 109 ? ? -130.65 -32.67  
4 1 ARG A 128 ? ? 83.31   -148.80 
5 1 ASP A 129 ? ? -91.66  57.34   
# 
loop_
_pdbx_unobs_or_zero_occ_residues.id 
_pdbx_unobs_or_zero_occ_residues.PDB_model_num 
_pdbx_unobs_or_zero_occ_residues.polymer_flag 
_pdbx_unobs_or_zero_occ_residues.occupancy_flag 
_pdbx_unobs_or_zero_occ_residues.auth_asym_id 
_pdbx_unobs_or_zero_occ_residues.auth_comp_id 
_pdbx_unobs_or_zero_occ_residues.auth_seq_id 
_pdbx_unobs_or_zero_occ_residues.PDB_ins_code 
_pdbx_unobs_or_zero_occ_residues.label_asym_id 
_pdbx_unobs_or_zero_occ_residues.label_comp_id 
_pdbx_unobs_or_zero_occ_residues.label_seq_id 
1 1 Y 1 A GLY -1 ? A GLY 1 
2 1 Y 1 A SER 0  ? A SER 2 
# 
loop_
_chem_comp_atom.comp_id 
_chem_comp_atom.atom_id 
_chem_comp_atom.type_symbol 
_chem_comp_atom.pdbx_aromatic_flag 
_chem_comp_atom.pdbx_stereo_config 
_chem_comp_atom.pdbx_ordinal 
ALA N    N N N 1   
ALA CA   C N S 2   
ALA C    C N N 3   
ALA O    O N N 4   
ALA CB   C N N 5   
ALA OXT  O N N 6   
ALA H    H N N 7   
ALA H2   H N N 8   
ALA HA   H N N 9   
ALA HB1  H N N 10  
ALA HB2  H N N 11  
ALA HB3  H N N 12  
ALA HXT  H N N 13  
ARG N    N N N 14  
ARG CA   C N S 15  
ARG C    C N N 16  
ARG O    O N N 17  
ARG CB   C N N 18  
ARG CG   C N N 19  
ARG CD   C N N 20  
ARG NE   N N N 21  
ARG CZ   C N N 22  
ARG NH1  N N N 23  
ARG NH2  N N N 24  
ARG OXT  O N N 25  
ARG H    H N N 26  
ARG H2   H N N 27  
ARG HA   H N N 28  
ARG HB2  H N N 29  
ARG HB3  H N N 30  
ARG HG2  H N N 31  
ARG HG3  H N N 32  
ARG HD2  H N N 33  
ARG HD3  H N N 34  
ARG HE   H N N 35  
ARG HH11 H N N 36  
ARG HH12 H N N 37  
ARG HH21 H N N 38  
ARG HH22 H N N 39  
ARG HXT  H N N 40  
ASN N    N N N 41  
ASN CA   C N S 42  
ASN C    C N N 43  
ASN O    O N N 44  
ASN CB   C N N 45  
ASN CG   C N N 46  
ASN OD1  O N N 47  
ASN ND2  N N N 48  
ASN OXT  O N N 49  
ASN H    H N N 50  
ASN H2   H N N 51  
ASN HA   H N N 52  
ASN HB2  H N N 53  
ASN HB3  H N N 54  
ASN HD21 H N N 55  
ASN HD22 H N N 56  
ASN HXT  H N N 57  
ASP N    N N N 58  
ASP CA   C N S 59  
ASP C    C N N 60  
ASP O    O N N 61  
ASP CB   C N N 62  
ASP CG   C N N 63  
ASP OD1  O N N 64  
ASP OD2  O N N 65  
ASP OXT  O N N 66  
ASP H    H N N 67  
ASP H2   H N N 68  
ASP HA   H N N 69  
ASP HB2  H N N 70  
ASP HB3  H N N 71  
ASP HD2  H N N 72  
ASP HXT  H N N 73  
CYS N    N N N 74  
CYS CA   C N R 75  
CYS C    C N N 76  
CYS O    O N N 77  
CYS CB   C N N 78  
CYS SG   S N N 79  
CYS OXT  O N N 80  
CYS H    H N N 81  
CYS H2   H N N 82  
CYS HA   H N N 83  
CYS HB2  H N N 84  
CYS HB3  H N N 85  
CYS HG   H N N 86  
CYS HXT  H N N 87  
FUL C1   C N S 88  
FUL C2   C N S 89  
FUL O2   O N N 90  
FUL C3   C N R 91  
FUL O3   O N N 92  
FUL C4   C N S 93  
FUL O4   O N N 94  
FUL C5   C N S 95  
FUL C6   C N N 96  
FUL O5   O N N 97  
FUL O1   O N N 98  
FUL H1   H N N 99  
FUL H2   H N N 100 
FUL HO2  H N N 101 
FUL H3   H N N 102 
FUL HO3  H N N 103 
FUL H4   H N N 104 
FUL HO4  H N N 105 
FUL H5   H N N 106 
FUL H61  H N N 107 
FUL H62  H N N 108 
FUL H63  H N N 109 
FUL HO1  H N N 110 
GLN N    N N N 111 
GLN CA   C N S 112 
GLN C    C N N 113 
GLN O    O N N 114 
GLN CB   C N N 115 
GLN CG   C N N 116 
GLN CD   C N N 117 
GLN OE1  O N N 118 
GLN NE2  N N N 119 
GLN OXT  O N N 120 
GLN H    H N N 121 
GLN H2   H N N 122 
GLN HA   H N N 123 
GLN HB2  H N N 124 
GLN HB3  H N N 125 
GLN HG2  H N N 126 
GLN HG3  H N N 127 
GLN HE21 H N N 128 
GLN HE22 H N N 129 
GLN HXT  H N N 130 
GLU N    N N N 131 
GLU CA   C N S 132 
GLU C    C N N 133 
GLU O    O N N 134 
GLU CB   C N N 135 
GLU CG   C N N 136 
GLU CD   C N N 137 
GLU OE1  O N N 138 
GLU OE2  O N N 139 
GLU OXT  O N N 140 
GLU H    H N N 141 
GLU H2   H N N 142 
GLU HA   H N N 143 
GLU HB2  H N N 144 
GLU HB3  H N N 145 
GLU HG2  H N N 146 
GLU HG3  H N N 147 
GLU HE2  H N N 148 
GLU HXT  H N N 149 
GLY N    N N N 150 
GLY CA   C N N 151 
GLY C    C N N 152 
GLY O    O N N 153 
GLY OXT  O N N 154 
GLY H    H N N 155 
GLY H2   H N N 156 
GLY HA2  H N N 157 
GLY HA3  H N N 158 
GLY HXT  H N N 159 
HIS N    N N N 160 
HIS CA   C N S 161 
HIS C    C N N 162 
HIS O    O N N 163 
HIS CB   C N N 164 
HIS CG   C Y N 165 
HIS ND1  N Y N 166 
HIS CD2  C Y N 167 
HIS CE1  C Y N 168 
HIS NE2  N Y N 169 
HIS OXT  O N N 170 
HIS H    H N N 171 
HIS H2   H N N 172 
HIS HA   H N N 173 
HIS HB2  H N N 174 
HIS HB3  H N N 175 
HIS HD1  H N N 176 
HIS HD2  H N N 177 
HIS HE1  H N N 178 
HIS HE2  H N N 179 
HIS HXT  H N N 180 
HOH O    O N N 181 
HOH H1   H N N 182 
HOH H2   H N N 183 
ILE N    N N N 184 
ILE CA   C N S 185 
ILE C    C N N 186 
ILE O    O N N 187 
ILE CB   C N S 188 
ILE CG1  C N N 189 
ILE CG2  C N N 190 
ILE CD1  C N N 191 
ILE OXT  O N N 192 
ILE H    H N N 193 
ILE H2   H N N 194 
ILE HA   H N N 195 
ILE HB   H N N 196 
ILE HG12 H N N 197 
ILE HG13 H N N 198 
ILE HG21 H N N 199 
ILE HG22 H N N 200 
ILE HG23 H N N 201 
ILE HD11 H N N 202 
ILE HD12 H N N 203 
ILE HD13 H N N 204 
ILE HXT  H N N 205 
LEU N    N N N 206 
LEU CA   C N S 207 
LEU C    C N N 208 
LEU O    O N N 209 
LEU CB   C N N 210 
LEU CG   C N N 211 
LEU CD1  C N N 212 
LEU CD2  C N N 213 
LEU OXT  O N N 214 
LEU H    H N N 215 
LEU H2   H N N 216 
LEU HA   H N N 217 
LEU HB2  H N N 218 
LEU HB3  H N N 219 
LEU HG   H N N 220 
LEU HD11 H N N 221 
LEU HD12 H N N 222 
LEU HD13 H N N 223 
LEU HD21 H N N 224 
LEU HD22 H N N 225 
LEU HD23 H N N 226 
LEU HXT  H N N 227 
LYS N    N N N 228 
LYS CA   C N S 229 
LYS C    C N N 230 
LYS O    O N N 231 
LYS CB   C N N 232 
LYS CG   C N N 233 
LYS CD   C N N 234 
LYS CE   C N N 235 
LYS NZ   N N N 236 
LYS OXT  O N N 237 
LYS H    H N N 238 
LYS H2   H N N 239 
LYS HA   H N N 240 
LYS HB2  H N N 241 
LYS HB3  H N N 242 
LYS HG2  H N N 243 
LYS HG3  H N N 244 
LYS HD2  H N N 245 
LYS HD3  H N N 246 
LYS HE2  H N N 247 
LYS HE3  H N N 248 
LYS HZ1  H N N 249 
LYS HZ2  H N N 250 
LYS HZ3  H N N 251 
LYS HXT  H N N 252 
MET N    N N N 253 
MET CA   C N S 254 
MET C    C N N 255 
MET O    O N N 256 
MET CB   C N N 257 
MET CG   C N N 258 
MET SD   S N N 259 
MET CE   C N N 260 
MET OXT  O N N 261 
MET H    H N N 262 
MET H2   H N N 263 
MET HA   H N N 264 
MET HB2  H N N 265 
MET HB3  H N N 266 
MET HG2  H N N 267 
MET HG3  H N N 268 
MET HE1  H N N 269 
MET HE2  H N N 270 
MET HE3  H N N 271 
MET HXT  H N N 272 
PHE N    N N N 273 
PHE CA   C N S 274 
PHE C    C N N 275 
PHE O    O N N 276 
PHE CB   C N N 277 
PHE CG   C Y N 278 
PHE CD1  C Y N 279 
PHE CD2  C Y N 280 
PHE CE1  C Y N 281 
PHE CE2  C Y N 282 
PHE CZ   C Y N 283 
PHE OXT  O N N 284 
PHE H    H N N 285 
PHE H2   H N N 286 
PHE HA   H N N 287 
PHE HB2  H N N 288 
PHE HB3  H N N 289 
PHE HD1  H N N 290 
PHE HD2  H N N 291 
PHE HE1  H N N 292 
PHE HE2  H N N 293 
PHE HZ   H N N 294 
PHE HXT  H N N 295 
PRO N    N N N 296 
PRO CA   C N S 297 
PRO C    C N N 298 
PRO O    O N N 299 
PRO CB   C N N 300 
PRO CG   C N N 301 
PRO CD   C N N 302 
PRO OXT  O N N 303 
PRO H    H N N 304 
PRO HA   H N N 305 
PRO HB2  H N N 306 
PRO HB3  H N N 307 
PRO HG2  H N N 308 
PRO HG3  H N N 309 
PRO HD2  H N N 310 
PRO HD3  H N N 311 
PRO HXT  H N N 312 
SER N    N N N 313 
SER CA   C N S 314 
SER C    C N N 315 
SER O    O N N 316 
SER CB   C N N 317 
SER OG   O N N 318 
SER OXT  O N N 319 
SER H    H N N 320 
SER H2   H N N 321 
SER HA   H N N 322 
SER HB2  H N N 323 
SER HB3  H N N 324 
SER HG   H N N 325 
SER HXT  H N N 326 
THR N    N N N 327 
THR CA   C N S 328 
THR C    C N N 329 
THR O    O N N 330 
THR CB   C N R 331 
THR OG1  O N N 332 
THR CG2  C N N 333 
THR OXT  O N N 334 
THR H    H N N 335 
THR H2   H N N 336 
THR HA   H N N 337 
THR HB   H N N 338 
THR HG1  H N N 339 
THR HG21 H N N 340 
THR HG22 H N N 341 
THR HG23 H N N 342 
THR HXT  H N N 343 
TRP N    N N N 344 
TRP CA   C N S 345 
TRP C    C N N 346 
TRP O    O N N 347 
TRP CB   C N N 348 
TRP CG   C Y N 349 
TRP CD1  C Y N 350 
TRP CD2  C Y N 351 
TRP NE1  N Y N 352 
TRP CE2  C Y N 353 
TRP CE3  C Y N 354 
TRP CZ2  C Y N 355 
TRP CZ3  C Y N 356 
TRP CH2  C Y N 357 
TRP OXT  O N N 358 
TRP H    H N N 359 
TRP H2   H N N 360 
TRP HA   H N N 361 
TRP HB2  H N N 362 
TRP HB3  H N N 363 
TRP HD1  H N N 364 
TRP HE1  H N N 365 
TRP HE3  H N N 366 
TRP HZ2  H N N 367 
TRP HZ3  H N N 368 
TRP HH2  H N N 369 
TRP HXT  H N N 370 
TYR N    N N N 371 
TYR CA   C N S 372 
TYR C    C N N 373 
TYR O    O N N 374 
TYR CB   C N N 375 
TYR CG   C Y N 376 
TYR CD1  C Y N 377 
TYR CD2  C Y N 378 
TYR CE1  C Y N 379 
TYR CE2  C Y N 380 
TYR CZ   C Y N 381 
TYR OH   O N N 382 
TYR OXT  O N N 383 
TYR H    H N N 384 
TYR H2   H N N 385 
TYR HA   H N N 386 
TYR HB2  H N N 387 
TYR HB3  H N N 388 
TYR HD1  H N N 389 
TYR HD2  H N N 390 
TYR HE1  H N N 391 
TYR HE2  H N N 392 
TYR HH   H N N 393 
TYR HXT  H N N 394 
VAL N    N N N 395 
VAL CA   C N S 396 
VAL C    C N N 397 
VAL O    O N N 398 
VAL CB   C N N 399 
VAL CG1  C N N 400 
VAL CG2  C N N 401 
VAL OXT  O N N 402 
VAL H    H N N 403 
VAL H2   H N N 404 
VAL HA   H N N 405 
VAL HB   H N N 406 
VAL HG11 H N N 407 
VAL HG12 H N N 408 
VAL HG13 H N N 409 
VAL HG21 H N N 410 
VAL HG22 H N N 411 
VAL HG23 H N N 412 
VAL HXT  H N N 413 
# 
loop_
_chem_comp_bond.comp_id 
_chem_comp_bond.atom_id_1 
_chem_comp_bond.atom_id_2 
_chem_comp_bond.value_order 
_chem_comp_bond.pdbx_aromatic_flag 
_chem_comp_bond.pdbx_stereo_config 
_chem_comp_bond.pdbx_ordinal 
ALA N   CA   sing N N 1   
ALA N   H    sing N N 2   
ALA N   H2   sing N N 3   
ALA CA  C    sing N N 4   
ALA CA  CB   sing N N 5   
ALA CA  HA   sing N N 6   
ALA C   O    doub N N 7   
ALA C   OXT  sing N N 8   
ALA CB  HB1  sing N N 9   
ALA CB  HB2  sing N N 10  
ALA CB  HB3  sing N N 11  
ALA OXT HXT  sing N N 12  
ARG N   CA   sing N N 13  
ARG N   H    sing N N 14  
ARG N   H2   sing N N 15  
ARG CA  C    sing N N 16  
ARG CA  CB   sing N N 17  
ARG CA  HA   sing N N 18  
ARG C   O    doub N N 19  
ARG C   OXT  sing N N 20  
ARG CB  CG   sing N N 21  
ARG CB  HB2  sing N N 22  
ARG CB  HB3  sing N N 23  
ARG CG  CD   sing N N 24  
ARG CG  HG2  sing N N 25  
ARG CG  HG3  sing N N 26  
ARG CD  NE   sing N N 27  
ARG CD  HD2  sing N N 28  
ARG CD  HD3  sing N N 29  
ARG NE  CZ   sing N N 30  
ARG NE  HE   sing N N 31  
ARG CZ  NH1  sing N N 32  
ARG CZ  NH2  doub N N 33  
ARG NH1 HH11 sing N N 34  
ARG NH1 HH12 sing N N 35  
ARG NH2 HH21 sing N N 36  
ARG NH2 HH22 sing N N 37  
ARG OXT HXT  sing N N 38  
ASN N   CA   sing N N 39  
ASN N   H    sing N N 40  
ASN N   H2   sing N N 41  
ASN CA  C    sing N N 42  
ASN CA  CB   sing N N 43  
ASN CA  HA   sing N N 44  
ASN C   O    doub N N 45  
ASN C   OXT  sing N N 46  
ASN CB  CG   sing N N 47  
ASN CB  HB2  sing N N 48  
ASN CB  HB3  sing N N 49  
ASN CG  OD1  doub N N 50  
ASN CG  ND2  sing N N 51  
ASN ND2 HD21 sing N N 52  
ASN ND2 HD22 sing N N 53  
ASN OXT HXT  sing N N 54  
ASP N   CA   sing N N 55  
ASP N   H    sing N N 56  
ASP N   H2   sing N N 57  
ASP CA  C    sing N N 58  
ASP CA  CB   sing N N 59  
ASP CA  HA   sing N N 60  
ASP C   O    doub N N 61  
ASP C   OXT  sing N N 62  
ASP CB  CG   sing N N 63  
ASP CB  HB2  sing N N 64  
ASP CB  HB3  sing N N 65  
ASP CG  OD1  doub N N 66  
ASP CG  OD2  sing N N 67  
ASP OD2 HD2  sing N N 68  
ASP OXT HXT  sing N N 69  
CYS N   CA   sing N N 70  
CYS N   H    sing N N 71  
CYS N   H2   sing N N 72  
CYS CA  C    sing N N 73  
CYS CA  CB   sing N N 74  
CYS CA  HA   sing N N 75  
CYS C   O    doub N N 76  
CYS C   OXT  sing N N 77  
CYS CB  SG   sing N N 78  
CYS CB  HB2  sing N N 79  
CYS CB  HB3  sing N N 80  
CYS SG  HG   sing N N 81  
CYS OXT HXT  sing N N 82  
FUL C1  C2   sing N N 83  
FUL C1  O5   sing N N 84  
FUL C1  O1   sing N N 85  
FUL C1  H1   sing N N 86  
FUL C2  O2   sing N N 87  
FUL C2  C3   sing N N 88  
FUL C2  H2   sing N N 89  
FUL O2  HO2  sing N N 90  
FUL C3  O3   sing N N 91  
FUL C3  C4   sing N N 92  
FUL C3  H3   sing N N 93  
FUL O3  HO3  sing N N 94  
FUL C4  O4   sing N N 95  
FUL C4  C5   sing N N 96  
FUL C4  H4   sing N N 97  
FUL O4  HO4  sing N N 98  
FUL C5  C6   sing N N 99  
FUL C5  O5   sing N N 100 
FUL C5  H5   sing N N 101 
FUL C6  H61  sing N N 102 
FUL C6  H62  sing N N 103 
FUL C6  H63  sing N N 104 
FUL O1  HO1  sing N N 105 
GLN N   CA   sing N N 106 
GLN N   H    sing N N 107 
GLN N   H2   sing N N 108 
GLN CA  C    sing N N 109 
GLN CA  CB   sing N N 110 
GLN CA  HA   sing N N 111 
GLN C   O    doub N N 112 
GLN C   OXT  sing N N 113 
GLN CB  CG   sing N N 114 
GLN CB  HB2  sing N N 115 
GLN CB  HB3  sing N N 116 
GLN CG  CD   sing N N 117 
GLN CG  HG2  sing N N 118 
GLN CG  HG3  sing N N 119 
GLN CD  OE1  doub N N 120 
GLN CD  NE2  sing N N 121 
GLN NE2 HE21 sing N N 122 
GLN NE2 HE22 sing N N 123 
GLN OXT HXT  sing N N 124 
GLU N   CA   sing N N 125 
GLU N   H    sing N N 126 
GLU N   H2   sing N N 127 
GLU CA  C    sing N N 128 
GLU CA  CB   sing N N 129 
GLU CA  HA   sing N N 130 
GLU C   O    doub N N 131 
GLU C   OXT  sing N N 132 
GLU CB  CG   sing N N 133 
GLU CB  HB2  sing N N 134 
GLU CB  HB3  sing N N 135 
GLU CG  CD   sing N N 136 
GLU CG  HG2  sing N N 137 
GLU CG  HG3  sing N N 138 
GLU CD  OE1  doub N N 139 
GLU CD  OE2  sing N N 140 
GLU OE2 HE2  sing N N 141 
GLU OXT HXT  sing N N 142 
GLY N   CA   sing N N 143 
GLY N   H    sing N N 144 
GLY N   H2   sing N N 145 
GLY CA  C    sing N N 146 
GLY CA  HA2  sing N N 147 
GLY CA  HA3  sing N N 148 
GLY C   O    doub N N 149 
GLY C   OXT  sing N N 150 
GLY OXT HXT  sing N N 151 
HIS N   CA   sing N N 152 
HIS N   H    sing N N 153 
HIS N   H2   sing N N 154 
HIS CA  C    sing N N 155 
HIS CA  CB   sing N N 156 
HIS CA  HA   sing N N 157 
HIS C   O    doub N N 158 
HIS C   OXT  sing N N 159 
HIS CB  CG   sing N N 160 
HIS CB  HB2  sing N N 161 
HIS CB  HB3  sing N N 162 
HIS CG  ND1  sing Y N 163 
HIS CG  CD2  doub Y N 164 
HIS ND1 CE1  doub Y N 165 
HIS ND1 HD1  sing N N 166 
HIS CD2 NE2  sing Y N 167 
HIS CD2 HD2  sing N N 168 
HIS CE1 NE2  sing Y N 169 
HIS CE1 HE1  sing N N 170 
HIS NE2 HE2  sing N N 171 
HIS OXT HXT  sing N N 172 
HOH O   H1   sing N N 173 
HOH O   H2   sing N N 174 
ILE N   CA   sing N N 175 
ILE N   H    sing N N 176 
ILE N   H2   sing N N 177 
ILE CA  C    sing N N 178 
ILE CA  CB   sing N N 179 
ILE CA  HA   sing N N 180 
ILE C   O    doub N N 181 
ILE C   OXT  sing N N 182 
ILE CB  CG1  sing N N 183 
ILE CB  CG2  sing N N 184 
ILE CB  HB   sing N N 185 
ILE CG1 CD1  sing N N 186 
ILE CG1 HG12 sing N N 187 
ILE CG1 HG13 sing N N 188 
ILE CG2 HG21 sing N N 189 
ILE CG2 HG22 sing N N 190 
ILE CG2 HG23 sing N N 191 
ILE CD1 HD11 sing N N 192 
ILE CD1 HD12 sing N N 193 
ILE CD1 HD13 sing N N 194 
ILE OXT HXT  sing N N 195 
LEU N   CA   sing N N 196 
LEU N   H    sing N N 197 
LEU N   H2   sing N N 198 
LEU CA  C    sing N N 199 
LEU CA  CB   sing N N 200 
LEU CA  HA   sing N N 201 
LEU C   O    doub N N 202 
LEU C   OXT  sing N N 203 
LEU CB  CG   sing N N 204 
LEU CB  HB2  sing N N 205 
LEU CB  HB3  sing N N 206 
LEU CG  CD1  sing N N 207 
LEU CG  CD2  sing N N 208 
LEU CG  HG   sing N N 209 
LEU CD1 HD11 sing N N 210 
LEU CD1 HD12 sing N N 211 
LEU CD1 HD13 sing N N 212 
LEU CD2 HD21 sing N N 213 
LEU CD2 HD22 sing N N 214 
LEU CD2 HD23 sing N N 215 
LEU OXT HXT  sing N N 216 
LYS N   CA   sing N N 217 
LYS N   H    sing N N 218 
LYS N   H2   sing N N 219 
LYS CA  C    sing N N 220 
LYS CA  CB   sing N N 221 
LYS CA  HA   sing N N 222 
LYS C   O    doub N N 223 
LYS C   OXT  sing N N 224 
LYS CB  CG   sing N N 225 
LYS CB  HB2  sing N N 226 
LYS CB  HB3  sing N N 227 
LYS CG  CD   sing N N 228 
LYS CG  HG2  sing N N 229 
LYS CG  HG3  sing N N 230 
LYS CD  CE   sing N N 231 
LYS CD  HD2  sing N N 232 
LYS CD  HD3  sing N N 233 
LYS CE  NZ   sing N N 234 
LYS CE  HE2  sing N N 235 
LYS CE  HE3  sing N N 236 
LYS NZ  HZ1  sing N N 237 
LYS NZ  HZ2  sing N N 238 
LYS NZ  HZ3  sing N N 239 
LYS OXT HXT  sing N N 240 
MET N   CA   sing N N 241 
MET N   H    sing N N 242 
MET N   H2   sing N N 243 
MET CA  C    sing N N 244 
MET CA  CB   sing N N 245 
MET CA  HA   sing N N 246 
MET C   O    doub N N 247 
MET C   OXT  sing N N 248 
MET CB  CG   sing N N 249 
MET CB  HB2  sing N N 250 
MET CB  HB3  sing N N 251 
MET CG  SD   sing N N 252 
MET CG  HG2  sing N N 253 
MET CG  HG3  sing N N 254 
MET SD  CE   sing N N 255 
MET CE  HE1  sing N N 256 
MET CE  HE2  sing N N 257 
MET CE  HE3  sing N N 258 
MET OXT HXT  sing N N 259 
PHE N   CA   sing N N 260 
PHE N   H    sing N N 261 
PHE N   H2   sing N N 262 
PHE CA  C    sing N N 263 
PHE CA  CB   sing N N 264 
PHE CA  HA   sing N N 265 
PHE C   O    doub N N 266 
PHE C   OXT  sing N N 267 
PHE CB  CG   sing N N 268 
PHE CB  HB2  sing N N 269 
PHE CB  HB3  sing N N 270 
PHE CG  CD1  doub Y N 271 
PHE CG  CD2  sing Y N 272 
PHE CD1 CE1  sing Y N 273 
PHE CD1 HD1  sing N N 274 
PHE CD2 CE2  doub Y N 275 
PHE CD2 HD2  sing N N 276 
PHE CE1 CZ   doub Y N 277 
PHE CE1 HE1  sing N N 278 
PHE CE2 CZ   sing Y N 279 
PHE CE2 HE2  sing N N 280 
PHE CZ  HZ   sing N N 281 
PHE OXT HXT  sing N N 282 
PRO N   CA   sing N N 283 
PRO N   CD   sing N N 284 
PRO N   H    sing N N 285 
PRO CA  C    sing N N 286 
PRO CA  CB   sing N N 287 
PRO CA  HA   sing N N 288 
PRO C   O    doub N N 289 
PRO C   OXT  sing N N 290 
PRO CB  CG   sing N N 291 
PRO CB  HB2  sing N N 292 
PRO CB  HB3  sing N N 293 
PRO CG  CD   sing N N 294 
PRO CG  HG2  sing N N 295 
PRO CG  HG3  sing N N 296 
PRO CD  HD2  sing N N 297 
PRO CD  HD3  sing N N 298 
PRO OXT HXT  sing N N 299 
SER N   CA   sing N N 300 
SER N   H    sing N N 301 
SER N   H2   sing N N 302 
SER CA  C    sing N N 303 
SER CA  CB   sing N N 304 
SER CA  HA   sing N N 305 
SER C   O    doub N N 306 
SER C   OXT  sing N N 307 
SER CB  OG   sing N N 308 
SER CB  HB2  sing N N 309 
SER CB  HB3  sing N N 310 
SER OG  HG   sing N N 311 
SER OXT HXT  sing N N 312 
THR N   CA   sing N N 313 
THR N   H    sing N N 314 
THR N   H2   sing N N 315 
THR CA  C    sing N N 316 
THR CA  CB   sing N N 317 
THR CA  HA   sing N N 318 
THR C   O    doub N N 319 
THR C   OXT  sing N N 320 
THR CB  OG1  sing N N 321 
THR CB  CG2  sing N N 322 
THR CB  HB   sing N N 323 
THR OG1 HG1  sing N N 324 
THR CG2 HG21 sing N N 325 
THR CG2 HG22 sing N N 326 
THR CG2 HG23 sing N N 327 
THR OXT HXT  sing N N 328 
TRP N   CA   sing N N 329 
TRP N   H    sing N N 330 
TRP N   H2   sing N N 331 
TRP CA  C    sing N N 332 
TRP CA  CB   sing N N 333 
TRP CA  HA   sing N N 334 
TRP C   O    doub N N 335 
TRP C   OXT  sing N N 336 
TRP CB  CG   sing N N 337 
TRP CB  HB2  sing N N 338 
TRP CB  HB3  sing N N 339 
TRP CG  CD1  doub Y N 340 
TRP CG  CD2  sing Y N 341 
TRP CD1 NE1  sing Y N 342 
TRP CD1 HD1  sing N N 343 
TRP CD2 CE2  doub Y N 344 
TRP CD2 CE3  sing Y N 345 
TRP NE1 CE2  sing Y N 346 
TRP NE1 HE1  sing N N 347 
TRP CE2 CZ2  sing Y N 348 
TRP CE3 CZ3  doub Y N 349 
TRP CE3 HE3  sing N N 350 
TRP CZ2 CH2  doub Y N 351 
TRP CZ2 HZ2  sing N N 352 
TRP CZ3 CH2  sing Y N 353 
TRP CZ3 HZ3  sing N N 354 
TRP CH2 HH2  sing N N 355 
TRP OXT HXT  sing N N 356 
TYR N   CA   sing N N 357 
TYR N   H    sing N N 358 
TYR N   H2   sing N N 359 
TYR CA  C    sing N N 360 
TYR CA  CB   sing N N 361 
TYR CA  HA   sing N N 362 
TYR C   O    doub N N 363 
TYR C   OXT  sing N N 364 
TYR CB  CG   sing N N 365 
TYR CB  HB2  sing N N 366 
TYR CB  HB3  sing N N 367 
TYR CG  CD1  doub Y N 368 
TYR CG  CD2  sing Y N 369 
TYR CD1 CE1  sing Y N 370 
TYR CD1 HD1  sing N N 371 
TYR CD2 CE2  doub Y N 372 
TYR CD2 HD2  sing N N 373 
TYR CE1 CZ   doub Y N 374 
TYR CE1 HE1  sing N N 375 
TYR CE2 CZ   sing Y N 376 
TYR CE2 HE2  sing N N 377 
TYR CZ  OH   sing N N 378 
TYR OH  HH   sing N N 379 
TYR OXT HXT  sing N N 380 
VAL N   CA   sing N N 381 
VAL N   H    sing N N 382 
VAL N   H2   sing N N 383 
VAL CA  C    sing N N 384 
VAL CA  CB   sing N N 385 
VAL CA  HA   sing N N 386 
VAL C   O    doub N N 387 
VAL C   OXT  sing N N 388 
VAL CB  CG1  sing N N 389 
VAL CB  CG2  sing N N 390 
VAL CB  HB   sing N N 391 
VAL CG1 HG11 sing N N 392 
VAL CG1 HG12 sing N N 393 
VAL CG1 HG13 sing N N 394 
VAL CG2 HG21 sing N N 395 
VAL CG2 HG22 sing N N 396 
VAL CG2 HG23 sing N N 397 
VAL OXT HXT  sing N N 398 
# 
loop_
_pdbx_chem_comp_identifier.comp_id 
_pdbx_chem_comp_identifier.type 
_pdbx_chem_comp_identifier.program 
_pdbx_chem_comp_identifier.program_version 
_pdbx_chem_comp_identifier.identifier 
FUL 'CONDENSED IUPAC CARBOHYDRATE SYMBOL' GMML     1.0 LFucpb           
FUL 'COMMON NAME'                         GMML     1.0 b-L-fucopyranose 
FUL 'IUPAC CARBOHYDRATE SYMBOL'           PDB-CARE 1.0 b-L-Fucp         
FUL 'SNFG CARBOHYDRATE SYMBOL'            GMML     1.0 Fuc              
# 
_pdbx_entity_instance_feature.ordinal        1 
_pdbx_entity_instance_feature.comp_id        FUL 
_pdbx_entity_instance_feature.asym_id        ? 
_pdbx_entity_instance_feature.seq_num        ? 
_pdbx_entity_instance_feature.auth_comp_id   FUL 
_pdbx_entity_instance_feature.auth_asym_id   ? 
_pdbx_entity_instance_feature.auth_seq_num   ? 
_pdbx_entity_instance_feature.feature_type   'SUBJECT OF INVESTIGATION' 
_pdbx_entity_instance_feature.details        ? 
# 
loop_
_pdbx_entity_nonpoly.entity_id 
_pdbx_entity_nonpoly.name 
_pdbx_entity_nonpoly.comp_id 
2 beta-L-fucopyranose FUL 
3 water               HOH 
# 
_pdbx_initial_refinement_model.id               1 
_pdbx_initial_refinement_model.entity_id_list   ? 
_pdbx_initial_refinement_model.type             'experimental model' 
_pdbx_initial_refinement_model.source_name      PDB 
_pdbx_initial_refinement_model.accession_code   1QKQ 
_pdbx_initial_refinement_model.details          ? 
# 
_pdbx_struct_assembly_auth_evidence.id                     1 
_pdbx_struct_assembly_auth_evidence.assembly_id            1 
_pdbx_struct_assembly_auth_evidence.experimental_support   'light scattering' 
_pdbx_struct_assembly_auth_evidence.details                ? 
# 
